data_7OIO
#
_entry.id   7OIO
#
_entity_poly.entity_id   1
_entity_poly.type   'polypeptide(L)'
_entity_poly.pdbx_seq_one_letter_code
;MAHHHHHHVDDDDKMTYVRAIPVSNTKSIAGMREENLNYIFNTSLFGVYVPADLNEDNVKQSMLNVTLVGILFADKIEES
QVIIRSASGEEKTYNVGDKIPGGATIKRIMPGGVLVERDGTLESLSLPKNDLTFEPVAKPLKEE
;
_entity_poly.pdbx_strand_id   A
#
# COMPACT_ATOMS: atom_id res chain seq x y z
N MET A 1 -35.31 -31.97 -36.89
CA MET A 1 -35.22 -30.81 -37.81
C MET A 1 -34.77 -29.57 -37.06
N ALA A 2 -33.77 -28.90 -37.61
CA ALA A 2 -33.26 -27.68 -37.01
C ALA A 2 -33.17 -26.56 -38.03
N HIS A 3 -33.80 -26.75 -39.19
CA HIS A 3 -33.75 -25.75 -40.26
C HIS A 3 -34.44 -24.45 -39.84
N HIS A 4 -35.27 -24.51 -38.81
CA HIS A 4 -35.90 -23.31 -38.28
C HIS A 4 -35.28 -22.96 -36.93
N HIS A 5 -34.86 -23.99 -36.18
CA HIS A 5 -34.22 -23.79 -34.90
C HIS A 5 -32.88 -23.07 -35.06
N HIS A 6 -32.15 -23.44 -36.11
CA HIS A 6 -30.90 -22.79 -36.43
C HIS A 6 -31.19 -21.50 -37.21
N HIS A 7 -31.59 -20.48 -36.48
CA HIS A 7 -31.93 -19.20 -37.08
C HIS A 7 -31.42 -18.06 -36.21
N HIS A 8 -30.22 -17.59 -36.52
CA HIS A 8 -29.60 -16.52 -35.74
C HIS A 8 -30.33 -15.21 -35.94
N VAL A 9 -30.62 -14.52 -34.85
CA VAL A 9 -31.30 -13.24 -34.92
C VAL A 9 -30.42 -12.12 -34.36
N ASP A 10 -30.05 -11.19 -35.23
CA ASP A 10 -29.21 -10.07 -34.84
C ASP A 10 -29.97 -8.76 -35.02
N ASP A 11 -29.73 -7.83 -34.10
CA ASP A 11 -30.43 -6.55 -34.12
C ASP A 11 -29.49 -5.41 -33.79
N ASP A 12 -28.53 -5.16 -34.67
CA ASP A 12 -27.61 -4.04 -34.48
C ASP A 12 -28.28 -2.75 -34.93
N ASP A 13 -29.02 -2.14 -34.02
CA ASP A 13 -29.84 -0.97 -34.35
C ASP A 13 -28.98 0.27 -34.58
N LYS A 14 -27.82 0.31 -33.94
CA LYS A 14 -26.94 1.46 -34.04
C LYS A 14 -26.23 1.51 -35.39
N MET A 15 -26.49 0.51 -36.23
CA MET A 15 -25.93 0.46 -37.57
C MET A 15 -26.72 1.36 -38.52
N THR A 16 -27.79 1.95 -37.99
CA THR A 16 -28.64 2.83 -38.78
C THR A 16 -27.87 4.06 -39.26
N TYR A 17 -28.20 4.53 -40.45
CA TYR A 17 -27.59 5.73 -40.99
C TYR A 17 -28.64 6.81 -41.21
N VAL A 18 -29.81 6.61 -40.61
CA VAL A 18 -30.89 7.57 -40.69
C VAL A 18 -31.18 8.14 -39.30
N ARG A 19 -31.63 9.38 -39.24
CA ARG A 19 -31.94 10.05 -37.99
C ARG A 19 -33.27 9.54 -37.43
N ALA A 20 -33.26 8.32 -36.92
CA ALA A 20 -34.45 7.72 -36.35
C ALA A 20 -34.25 7.36 -34.89
N ILE A 21 -33.14 7.81 -34.32
CA ILE A 21 -32.85 7.57 -32.92
C ILE A 21 -33.67 8.52 -32.04
N PRO A 22 -34.38 7.99 -31.04
CA PRO A 22 -35.25 8.79 -30.19
C PRO A 22 -34.47 9.69 -29.23
N VAL A 23 -34.67 10.99 -29.37
CA VAL A 23 -34.02 11.96 -28.49
C VAL A 23 -35.09 12.75 -27.74
N SER A 24 -35.67 12.13 -26.73
CA SER A 24 -36.72 12.75 -25.95
C SER A 24 -36.13 13.32 -24.66
N ASN A 25 -35.38 12.50 -23.95
CA ASN A 25 -34.71 12.93 -22.74
C ASN A 25 -33.25 13.22 -23.06
N THR A 26 -32.53 13.80 -22.09
CA THR A 26 -31.14 14.17 -22.29
C THR A 26 -31.03 15.16 -23.46
N LYS A 27 -32.03 16.02 -23.57
CA LYS A 27 -32.14 16.96 -24.67
C LYS A 27 -31.49 18.29 -24.33
N SER A 28 -32.04 18.97 -23.33
CA SER A 28 -31.54 20.27 -22.91
C SER A 28 -30.48 20.10 -21.84
N ILE A 29 -30.59 19.04 -21.06
CA ILE A 29 -29.65 18.76 -19.99
C ILE A 29 -29.25 17.29 -20.01
N ALA A 30 -27.98 17.03 -19.75
CA ALA A 30 -27.47 15.67 -19.71
C ALA A 30 -27.06 15.29 -18.29
N GLY A 31 -28.03 15.26 -17.39
CA GLY A 31 -27.74 14.87 -16.03
C GLY A 31 -27.46 16.05 -15.12
N MET A 32 -28.18 16.12 -14.02
CA MET A 32 -27.97 17.15 -13.01
C MET A 32 -26.99 16.65 -11.97
N ARG A 33 -25.72 16.93 -12.17
CA ARG A 33 -24.68 16.46 -11.26
C ARG A 33 -24.00 17.61 -10.54
N GLU A 34 -24.77 18.66 -10.26
CA GLU A 34 -24.23 19.86 -9.64
C GLU A 34 -23.62 19.54 -8.28
N GLU A 35 -24.41 18.96 -7.40
CA GLU A 35 -23.95 18.62 -6.06
C GLU A 35 -23.07 17.37 -6.11
N ASN A 36 -23.33 16.52 -7.09
CA ASN A 36 -22.54 15.31 -7.31
C ASN A 36 -21.08 15.65 -7.56
N LEU A 37 -20.84 16.57 -8.49
CA LEU A 37 -19.49 16.98 -8.82
C LEU A 37 -18.88 17.80 -7.69
N ASN A 38 -19.74 18.37 -6.84
CA ASN A 38 -19.28 19.12 -5.67
C ASN A 38 -18.84 18.17 -4.57
N TYR A 39 -19.35 16.95 -4.62
CA TYR A 39 -18.94 15.92 -3.67
C TYR A 39 -17.55 15.41 -4.05
N ILE A 40 -17.23 15.51 -5.34
CA ILE A 40 -15.95 15.05 -5.85
C ILE A 40 -14.89 16.14 -5.71
N PHE A 41 -14.35 16.25 -4.50
CA PHE A 41 -13.26 17.19 -4.20
C PHE A 41 -13.61 18.63 -4.58
N ASN A 42 -14.50 19.25 -3.82
CA ASN A 42 -14.89 20.63 -4.09
C ASN A 42 -13.75 21.60 -3.79
N THR A 43 -12.71 21.09 -3.14
CA THR A 43 -11.52 21.88 -2.86
C THR A 43 -10.72 22.12 -4.15
N SER A 44 -11.02 21.33 -5.17
CA SER A 44 -10.40 21.51 -6.48
C SER A 44 -11.31 22.37 -7.35
N LEU A 45 -12.56 22.52 -6.91
CA LEU A 45 -13.59 23.31 -7.59
C LEU A 45 -14.00 22.68 -8.92
N PHE A 46 -13.07 22.60 -9.86
CA PHE A 46 -13.33 22.03 -11.18
C PHE A 46 -12.04 21.43 -11.74
N GLY A 47 -12.16 20.77 -12.88
CA GLY A 47 -10.98 20.25 -13.55
C GLY A 47 -10.47 18.96 -12.93
N VAL A 48 -10.00 19.04 -11.70
CA VAL A 48 -9.36 17.90 -11.04
C VAL A 48 -10.41 17.00 -10.37
N TYR A 49 -11.13 16.26 -11.18
CA TYR A 49 -12.07 15.27 -10.68
C TYR A 49 -11.47 13.88 -10.82
N VAL A 50 -11.93 12.96 -10.00
CA VAL A 50 -11.50 11.57 -10.13
C VAL A 50 -12.33 10.86 -11.19
N PRO A 51 -11.68 10.09 -12.06
CA PRO A 51 -12.34 9.40 -13.16
C PRO A 51 -13.34 8.37 -12.67
N ALA A 52 -14.41 8.17 -13.43
CA ALA A 52 -15.44 7.21 -13.08
C ALA A 52 -14.98 5.79 -13.40
N ASP A 53 -13.76 5.67 -13.89
CA ASP A 53 -13.15 4.37 -14.15
C ASP A 53 -12.29 3.96 -12.97
N LEU A 54 -11.70 4.96 -12.31
CA LEU A 54 -10.85 4.71 -11.16
C LEU A 54 -11.66 4.75 -9.87
N ASN A 55 -12.19 3.59 -9.47
CA ASN A 55 -13.03 3.52 -8.29
C ASN A 55 -12.44 2.54 -7.29
N GLU A 56 -11.51 3.02 -6.48
CA GLU A 56 -10.90 2.19 -5.46
C GLU A 56 -11.75 2.23 -4.20
N ASP A 57 -12.15 1.06 -3.72
CA ASP A 57 -12.96 0.97 -2.51
C ASP A 57 -12.07 0.85 -1.29
N ASN A 58 -10.79 1.14 -1.51
CA ASN A 58 -9.75 1.09 -0.47
C ASN A 58 -9.63 -0.31 0.11
N VAL A 59 -8.80 -1.13 -0.53
CA VAL A 59 -8.62 -2.51 -0.12
C VAL A 59 -7.95 -2.59 1.27
N LYS A 60 -6.90 -1.82 1.48
CA LYS A 60 -6.24 -1.78 2.77
C LYS A 60 -6.51 -0.45 3.46
N GLN A 61 -7.05 0.50 2.70
CA GLN A 61 -7.42 1.81 3.21
C GLN A 61 -6.19 2.60 3.64
N SER A 62 -6.41 3.76 4.25
CA SER A 62 -5.31 4.63 4.63
C SER A 62 -5.60 5.34 5.95
N MET A 63 -5.38 4.66 7.06
CA MET A 63 -5.56 5.26 8.37
C MET A 63 -4.30 6.01 8.77
N LEU A 64 -4.28 6.48 10.03
CA LEU A 64 -3.14 7.17 10.59
C LEU A 64 -2.85 8.48 9.86
N ASN A 65 -3.84 8.95 9.09
CA ASN A 65 -3.71 10.16 8.28
C ASN A 65 -2.63 9.99 7.22
N VAL A 66 -2.35 8.76 6.86
CA VAL A 66 -1.27 8.44 5.92
C VAL A 66 -1.82 7.76 4.68
N THR A 67 -1.62 8.40 3.53
CA THR A 67 -1.98 7.80 2.26
C THR A 67 -0.75 7.65 1.37
N LEU A 68 -0.34 6.41 1.14
CA LEU A 68 0.79 6.14 0.27
C LEU A 68 0.38 6.32 -1.19
N VAL A 69 0.75 7.45 -1.78
CA VAL A 69 0.40 7.74 -3.16
C VAL A 69 1.54 7.38 -4.10
N GLY A 70 2.69 7.01 -3.53
CA GLY A 70 3.81 6.59 -4.35
C GLY A 70 5.11 6.63 -3.59
N ILE A 71 6.18 6.20 -4.25
CA ILE A 71 7.51 6.19 -3.65
C ILE A 71 8.48 6.92 -4.56
N LEU A 72 9.38 7.67 -3.94
CA LEU A 72 10.38 8.44 -4.68
C LEU A 72 11.74 7.77 -4.56
N PHE A 73 12.03 6.88 -5.50
CA PHE A 73 13.26 6.12 -5.47
C PHE A 73 14.47 7.01 -5.74
N ALA A 74 15.51 6.84 -4.94
CA ALA A 74 16.72 7.63 -5.10
C ALA A 74 17.95 6.72 -5.14
N ASP A 75 19.12 7.32 -5.30
CA ASP A 75 20.37 6.56 -5.36
C ASP A 75 20.60 5.84 -4.04
N LYS A 76 20.68 6.60 -2.96
CA LYS A 76 20.87 6.04 -1.64
C LYS A 76 19.54 5.57 -1.08
N ILE A 77 19.56 4.43 -0.43
CA ILE A 77 18.36 3.83 0.15
C ILE A 77 17.84 4.68 1.30
N GLU A 78 18.74 5.39 1.97
CA GLU A 78 18.37 6.27 3.08
C GLU A 78 17.89 7.61 2.55
N GLU A 79 18.21 7.89 1.29
CA GLU A 79 17.82 9.14 0.66
C GLU A 79 16.53 8.95 -0.13
N SER A 80 16.18 7.71 -0.39
CA SER A 80 14.94 7.40 -1.08
C SER A 80 13.76 7.83 -0.22
N GLN A 81 12.89 8.64 -0.81
CA GLN A 81 11.80 9.23 -0.07
C GLN A 81 10.49 8.54 -0.38
N VAL A 82 9.55 8.66 0.53
CA VAL A 82 8.21 8.14 0.33
C VAL A 82 7.25 9.29 0.09
N ILE A 83 6.42 9.16 -0.93
CA ILE A 83 5.46 10.20 -1.25
C ILE A 83 4.16 9.94 -0.51
N ILE A 84 3.93 10.70 0.55
CA ILE A 84 2.78 10.46 1.40
C ILE A 84 1.81 11.62 1.34
N ARG A 85 0.55 11.30 1.11
CA ARG A 85 -0.52 12.28 1.19
C ARG A 85 -1.17 12.20 2.56
N SER A 86 -1.14 13.32 3.27
CA SER A 86 -1.75 13.38 4.58
C SER A 86 -3.27 13.48 4.45
N ALA A 87 -3.99 13.26 5.54
CA ALA A 87 -5.46 13.31 5.51
C ALA A 87 -5.96 14.68 5.02
N SER A 88 -5.18 15.71 5.33
CA SER A 88 -5.51 17.07 4.93
C SER A 88 -5.49 17.25 3.42
N GLY A 89 -4.79 16.34 2.73
CA GLY A 89 -4.67 16.45 1.29
C GLY A 89 -3.26 16.84 0.88
N GLU A 90 -2.41 17.09 1.87
CA GLU A 90 -1.04 17.50 1.63
C GLU A 90 -0.21 16.33 1.10
N GLU A 91 0.45 16.54 -0.03
CA GLU A 91 1.32 15.52 -0.61
C GLU A 91 2.78 15.93 -0.45
N LYS A 92 3.50 15.21 0.40
CA LYS A 92 4.89 15.54 0.69
C LYS A 92 5.76 14.28 0.63
N THR A 93 7.05 14.49 0.43
CA THR A 93 8.00 13.39 0.41
C THR A 93 8.79 13.36 1.72
N TYR A 94 8.81 12.21 2.36
CA TYR A 94 9.51 12.06 3.63
C TYR A 94 10.63 11.04 3.50
N ASN A 95 11.65 11.18 4.34
CA ASN A 95 12.80 10.29 4.34
C ASN A 95 12.63 9.19 5.37
N VAL A 96 13.32 8.08 5.15
CA VAL A 96 13.24 6.93 6.04
C VAL A 96 13.80 7.28 7.42
N GLY A 97 12.97 7.09 8.44
CA GLY A 97 13.39 7.37 9.79
C GLY A 97 12.64 8.57 10.37
N ASP A 98 11.94 9.29 9.51
CA ASP A 98 11.22 10.48 9.92
C ASP A 98 9.84 10.13 10.45
N LYS A 99 9.34 10.94 11.37
CA LYS A 99 8.03 10.71 11.97
C LYS A 99 6.97 11.52 11.24
N ILE A 100 6.04 10.82 10.61
CA ILE A 100 5.00 11.47 9.83
C ILE A 100 3.78 11.79 10.69
N PRO A 101 3.16 12.95 10.45
CA PRO A 101 2.01 13.42 11.24
C PRO A 101 0.78 12.54 11.06
N GLY A 102 0.30 11.98 12.16
CA GLY A 102 -0.84 11.10 12.10
C GLY A 102 -0.74 9.98 13.11
N GLY A 103 0.47 9.71 13.58
CA GLY A 103 0.67 8.64 14.53
C GLY A 103 1.45 7.48 13.95
N ALA A 104 2.29 7.78 12.96
CA ALA A 104 3.08 6.76 12.29
C ALA A 104 4.52 7.21 12.13
N THR A 105 5.43 6.25 12.07
CA THR A 105 6.83 6.55 11.89
C THR A 105 7.41 5.70 10.78
N ILE A 106 8.18 6.30 9.89
CA ILE A 106 8.79 5.59 8.78
C ILE A 106 9.97 4.76 9.27
N LYS A 107 9.77 3.44 9.31
CA LYS A 107 10.81 2.55 9.80
C LYS A 107 11.78 2.19 8.69
N ARG A 108 11.25 1.89 7.50
CA ARG A 108 12.09 1.61 6.34
C ARG A 108 11.34 1.85 5.04
N ILE A 109 11.95 2.61 4.15
CA ILE A 109 11.38 2.87 2.84
C ILE A 109 11.93 1.89 1.82
N MET A 110 11.16 0.87 1.52
CA MET A 110 11.54 -0.10 0.51
C MET A 110 10.76 0.19 -0.76
N PRO A 111 11.41 0.06 -1.93
CA PRO A 111 10.82 0.43 -3.23
C PRO A 111 9.55 -0.33 -3.57
N GLY A 112 9.34 -1.47 -2.92
CA GLY A 112 8.14 -2.25 -3.16
C GLY A 112 7.09 -2.07 -2.09
N GLY A 113 7.46 -1.37 -1.02
CA GLY A 113 6.55 -1.16 0.09
C GLY A 113 7.24 -0.50 1.26
N VAL A 114 6.64 0.56 1.77
CA VAL A 114 7.23 1.31 2.87
C VAL A 114 6.70 0.81 4.21
N LEU A 115 7.62 0.49 5.11
CA LEU A 115 7.27 -0.02 6.43
C LEU A 115 7.10 1.15 7.40
N VAL A 116 5.87 1.34 7.85
CA VAL A 116 5.57 2.41 8.79
C VAL A 116 4.98 1.85 10.07
N GLU A 117 5.42 2.40 11.19
CA GLU A 117 4.91 1.99 12.48
C GLU A 117 3.61 2.72 12.77
N ARG A 118 2.50 2.02 12.65
CA ARG A 118 1.19 2.62 12.81
C ARG A 118 0.73 2.53 14.26
N ASP A 119 0.75 3.67 14.94
CA ASP A 119 0.31 3.78 16.33
C ASP A 119 1.02 2.76 17.22
N GLY A 120 2.34 2.66 17.03
CA GLY A 120 3.14 1.75 17.84
C GLY A 120 3.21 0.35 17.28
N THR A 121 2.42 0.07 16.25
CA THR A 121 2.37 -1.26 15.67
C THR A 121 3.19 -1.34 14.39
N LEU A 122 4.12 -2.28 14.34
CA LEU A 122 4.94 -2.46 13.16
C LEU A 122 4.91 -3.92 12.73
N GLU A 123 5.03 -4.15 11.42
CA GLU A 123 4.99 -5.49 10.88
C GLU A 123 6.07 -5.67 9.81
N SER A 124 6.79 -6.76 9.90
CA SER A 124 7.86 -7.05 8.94
C SER A 124 7.33 -7.94 7.83
N LEU A 125 7.69 -7.62 6.61
CA LEU A 125 7.24 -8.39 5.45
C LEU A 125 8.36 -8.51 4.43
N SER A 126 8.16 -9.33 3.42
CA SER A 126 9.15 -9.54 2.39
C SER A 126 8.61 -9.09 1.04
N LEU A 127 9.50 -8.65 0.15
CA LEU A 127 9.09 -8.13 -1.13
C LEU A 127 9.26 -9.17 -2.23
N PRO A 128 8.20 -9.37 -3.05
CA PRO A 128 8.23 -10.36 -4.14
C PRO A 128 9.05 -9.87 -5.33
N LYS A 129 10.28 -9.47 -5.06
CA LYS A 129 11.18 -8.97 -6.09
C LYS A 129 12.39 -9.88 -6.24
N ASN A 130 12.66 -10.66 -5.20
CA ASN A 130 13.78 -11.59 -5.21
C ASN A 130 13.39 -12.87 -4.50
N ASP A 131 13.48 -13.99 -5.19
CA ASP A 131 13.15 -15.29 -4.59
C ASP A 131 14.37 -15.87 -3.88
N LEU A 132 15.55 -15.43 -4.29
CA LEU A 132 16.79 -15.89 -3.66
C LEU A 132 17.07 -15.10 -2.40
N THR A 133 16.49 -13.90 -2.32
CA THR A 133 16.62 -13.05 -1.17
C THR A 133 15.31 -12.31 -0.88
N PHE A 134 14.46 -12.94 -0.07
CA PHE A 134 13.14 -12.39 0.25
C PHE A 134 13.28 -11.05 0.96
N GLU A 135 14.38 -10.87 1.66
CA GLU A 135 14.65 -9.62 2.36
C GLU A 135 15.78 -8.86 1.68
N PRO A 136 15.43 -7.85 0.86
CA PRO A 136 16.42 -7.01 0.17
C PRO A 136 16.97 -5.91 1.08
N VAL A 137 18.20 -5.48 0.79
CA VAL A 137 18.87 -4.39 1.53
C VAL A 137 19.31 -4.84 2.93
N ALA A 138 18.39 -5.35 3.71
CA ALA A 138 18.68 -5.79 5.07
C ALA A 138 19.27 -7.19 5.05
N LYS A 139 19.26 -7.84 6.21
CA LYS A 139 19.79 -9.20 6.34
C LYS A 139 19.09 -10.14 5.35
N PRO A 140 19.87 -10.81 4.49
CA PRO A 140 19.32 -11.64 3.42
C PRO A 140 18.59 -12.86 3.93
N LEU A 141 17.44 -13.14 3.34
CA LEU A 141 16.68 -14.34 3.64
C LEU A 141 16.61 -15.24 2.43
N LYS A 142 17.26 -16.39 2.53
CA LYS A 142 17.30 -17.35 1.42
C LYS A 142 16.07 -18.25 1.44
N GLU A 143 15.51 -18.43 2.63
CA GLU A 143 14.35 -19.29 2.80
C GLU A 143 13.54 -18.86 4.02
N GLU A 144 12.26 -18.57 3.81
CA GLU A 144 11.38 -18.20 4.90
C GLU A 144 10.03 -18.87 4.70
N MET A 1 -26.73 25.76 -51.18
CA MET A 1 -26.29 24.89 -50.07
C MET A 1 -25.10 24.00 -50.48
N ALA A 2 -24.66 24.14 -51.72
CA ALA A 2 -23.53 23.37 -52.21
C ALA A 2 -22.27 24.24 -52.28
N HIS A 3 -22.37 25.35 -53.01
CA HIS A 3 -21.25 26.27 -53.15
C HIS A 3 -21.19 27.19 -51.93
N HIS A 4 -19.97 27.49 -51.50
CA HIS A 4 -19.73 28.34 -50.33
C HIS A 4 -20.39 27.74 -49.10
N HIS A 5 -20.20 26.44 -48.93
CA HIS A 5 -20.76 25.73 -47.80
C HIS A 5 -19.66 25.43 -46.78
N HIS A 6 -18.69 26.32 -46.73
CA HIS A 6 -17.54 26.16 -45.85
C HIS A 6 -17.83 26.73 -44.46
N HIS A 7 -18.46 25.92 -43.63
CA HIS A 7 -18.77 26.31 -42.26
C HIS A 7 -18.43 25.18 -41.32
N HIS A 8 -18.77 25.37 -40.05
CA HIS A 8 -18.47 24.37 -39.01
C HIS A 8 -16.97 24.17 -38.88
N VAL A 9 -16.22 25.27 -38.94
CA VAL A 9 -14.79 25.23 -38.74
C VAL A 9 -14.48 25.15 -37.26
N ASP A 10 -13.90 24.03 -36.84
CA ASP A 10 -13.64 23.80 -35.42
C ASP A 10 -12.43 24.57 -34.95
N ASP A 11 -12.65 25.77 -34.46
CA ASP A 11 -11.59 26.58 -33.88
C ASP A 11 -11.75 26.60 -32.36
N ASP A 12 -12.92 26.19 -31.91
CA ASP A 12 -13.22 26.11 -30.48
C ASP A 12 -13.74 24.72 -30.16
N ASP A 13 -12.87 23.72 -30.21
CA ASP A 13 -13.25 22.34 -29.93
C ASP A 13 -13.73 22.19 -28.49
N LYS A 14 -13.25 23.07 -27.62
CA LYS A 14 -13.65 23.06 -26.22
C LYS A 14 -15.04 23.70 -26.04
N MET A 15 -15.61 24.20 -27.13
CA MET A 15 -16.92 24.82 -27.08
C MET A 15 -17.88 24.09 -28.01
N THR A 16 -17.43 23.80 -29.21
CA THR A 16 -18.24 23.10 -30.20
C THR A 16 -18.10 21.60 -30.03
N TYR A 17 -19.07 20.98 -29.37
CA TYR A 17 -19.02 19.55 -29.11
C TYR A 17 -19.77 18.79 -30.20
N VAL A 18 -20.62 19.50 -30.93
CA VAL A 18 -21.36 18.91 -32.03
C VAL A 18 -21.19 19.74 -33.30
N ARG A 19 -20.98 19.06 -34.41
CA ARG A 19 -20.71 19.73 -35.67
C ARG A 19 -21.89 19.59 -36.62
N ALA A 20 -23.03 19.13 -36.09
CA ALA A 20 -24.22 18.87 -36.88
C ALA A 20 -23.94 17.80 -37.94
N ILE A 21 -23.12 16.83 -37.57
CA ILE A 21 -22.75 15.75 -38.46
C ILE A 21 -23.63 14.53 -38.21
N PRO A 22 -23.93 13.76 -39.26
CA PRO A 22 -24.77 12.57 -39.17
C PRO A 22 -24.17 11.51 -38.25
N VAL A 23 -24.94 11.10 -37.24
CA VAL A 23 -24.53 10.09 -36.29
C VAL A 23 -23.31 10.56 -35.50
N SER A 24 -23.55 11.42 -34.52
CA SER A 24 -22.49 11.90 -33.64
C SER A 24 -22.47 11.05 -32.38
N ASN A 25 -23.66 10.86 -31.79
CA ASN A 25 -23.82 10.03 -30.60
C ASN A 25 -22.93 10.51 -29.45
N THR A 26 -23.41 11.53 -28.75
CA THR A 26 -22.68 12.06 -27.61
C THR A 26 -22.91 11.19 -26.38
N LYS A 27 -23.98 10.41 -26.41
CA LYS A 27 -24.31 9.52 -25.30
C LYS A 27 -24.02 8.07 -25.69
N SER A 28 -22.76 7.69 -25.64
CA SER A 28 -22.37 6.32 -25.98
C SER A 28 -22.10 5.51 -24.71
N ILE A 29 -21.57 6.17 -23.68
CA ILE A 29 -21.22 5.49 -22.44
C ILE A 29 -22.45 5.28 -21.55
N ALA A 30 -23.42 6.19 -21.68
CA ALA A 30 -24.63 6.11 -20.88
C ALA A 30 -25.78 5.54 -21.69
N GLY A 31 -26.93 5.37 -21.06
CA GLY A 31 -28.08 4.82 -21.75
C GLY A 31 -28.37 3.40 -21.30
N MET A 32 -29.65 3.10 -21.06
CA MET A 32 -30.05 1.78 -20.59
C MET A 32 -30.17 0.81 -21.76
N ARG A 33 -29.49 -0.32 -21.64
CA ARG A 33 -29.54 -1.35 -22.66
C ARG A 33 -30.27 -2.57 -22.12
N GLU A 34 -31.09 -3.19 -22.97
CA GLU A 34 -31.87 -4.35 -22.57
C GLU A 34 -30.98 -5.56 -22.41
N GLU A 35 -29.77 -5.50 -22.94
CA GLU A 35 -28.81 -6.58 -22.79
C GLU A 35 -27.81 -6.26 -21.69
N ASN A 36 -28.00 -5.13 -21.01
CA ASN A 36 -27.06 -4.73 -19.95
C ASN A 36 -27.00 -5.77 -18.85
N LEU A 37 -28.17 -6.13 -18.35
CA LEU A 37 -28.27 -7.14 -17.30
C LEU A 37 -28.03 -8.54 -17.88
N ASN A 38 -28.00 -8.61 -19.20
CA ASN A 38 -27.73 -9.86 -19.90
C ASN A 38 -26.22 -10.05 -20.04
N TYR A 39 -25.53 -8.95 -20.20
CA TYR A 39 -24.08 -8.94 -20.30
C TYR A 39 -23.45 -8.92 -18.91
N ILE A 40 -24.06 -8.16 -18.01
CA ILE A 40 -23.56 -8.05 -16.65
C ILE A 40 -24.51 -8.75 -15.68
N PHE A 41 -24.25 -10.03 -15.45
CA PHE A 41 -24.98 -10.79 -14.45
C PHE A 41 -24.43 -10.47 -13.07
N ASN A 42 -23.17 -10.07 -13.04
CA ASN A 42 -22.49 -9.72 -11.79
C ASN A 42 -22.92 -8.36 -11.29
N THR A 43 -24.17 -8.27 -10.84
CA THR A 43 -24.72 -7.04 -10.30
C THR A 43 -24.08 -6.72 -8.95
N SER A 44 -23.42 -7.72 -8.37
CA SER A 44 -22.73 -7.54 -7.11
C SER A 44 -21.32 -6.98 -7.33
N LEU A 45 -20.92 -6.90 -8.61
CA LEU A 45 -19.59 -6.45 -9.00
C LEU A 45 -18.50 -7.37 -8.46
N PHE A 46 -18.09 -7.14 -7.22
CA PHE A 46 -17.08 -7.96 -6.59
C PHE A 46 -17.34 -8.02 -5.08
N GLY A 47 -17.52 -6.86 -4.48
CA GLY A 47 -17.82 -6.79 -3.06
C GLY A 47 -19.10 -6.02 -2.80
N VAL A 48 -20.22 -6.71 -2.90
CA VAL A 48 -21.52 -6.09 -2.64
C VAL A 48 -21.82 -6.14 -1.14
N TYR A 49 -21.21 -7.10 -0.47
CA TYR A 49 -21.34 -7.23 0.97
C TYR A 49 -20.06 -7.80 1.55
N VAL A 50 -19.32 -6.97 2.25
CA VAL A 50 -18.10 -7.40 2.93
C VAL A 50 -18.42 -7.72 4.38
N PRO A 51 -18.41 -9.00 4.75
CA PRO A 51 -18.71 -9.42 6.11
C PRO A 51 -17.59 -9.04 7.08
N ALA A 52 -17.97 -8.36 8.16
CA ALA A 52 -17.02 -7.90 9.16
C ALA A 52 -16.29 -9.08 9.82
N ASP A 53 -16.91 -10.25 9.73
CA ASP A 53 -16.28 -11.48 10.21
C ASP A 53 -14.97 -11.71 9.49
N LEU A 54 -14.96 -11.44 8.20
CA LEU A 54 -13.77 -11.62 7.38
C LEU A 54 -12.92 -10.36 7.39
N ASN A 55 -13.49 -9.25 6.95
CA ASN A 55 -12.74 -8.01 6.81
C ASN A 55 -13.58 -6.81 7.22
N GLU A 56 -12.91 -5.76 7.66
CA GLU A 56 -13.58 -4.53 8.07
C GLU A 56 -12.69 -3.32 7.80
N ASP A 57 -13.21 -2.38 7.01
CA ASP A 57 -12.50 -1.13 6.67
C ASP A 57 -11.23 -1.39 5.87
N ASN A 58 -11.07 -2.63 5.41
CA ASN A 58 -9.89 -3.01 4.66
C ASN A 58 -9.93 -2.43 3.26
N VAL A 59 -11.14 -2.15 2.77
CA VAL A 59 -11.32 -1.53 1.47
C VAL A 59 -10.83 -0.09 1.48
N LYS A 60 -10.68 0.48 2.67
CA LYS A 60 -10.22 1.86 2.81
C LYS A 60 -8.75 1.91 3.19
N GLN A 61 -8.39 1.21 4.27
CA GLN A 61 -7.02 1.21 4.77
C GLN A 61 -6.53 2.63 5.03
N SER A 62 -7.15 3.28 5.99
CA SER A 62 -6.79 4.63 6.38
C SER A 62 -6.55 4.70 7.89
N MET A 63 -6.13 3.57 8.45
CA MET A 63 -5.89 3.46 9.89
C MET A 63 -4.78 4.39 10.33
N LEU A 64 -3.76 4.51 9.49
CA LEU A 64 -2.61 5.35 9.79
C LEU A 64 -2.89 6.80 9.44
N ASN A 65 -4.02 7.01 8.77
CA ASN A 65 -4.49 8.35 8.38
C ASN A 65 -3.60 8.95 7.29
N VAL A 66 -2.75 8.11 6.71
CA VAL A 66 -1.86 8.54 5.64
C VAL A 66 -2.13 7.76 4.36
N THR A 67 -1.98 8.42 3.23
CA THR A 67 -2.21 7.79 1.94
C THR A 67 -0.91 7.62 1.18
N LEU A 68 -0.54 6.37 0.93
CA LEU A 68 0.62 6.06 0.12
C LEU A 68 0.31 6.22 -1.35
N VAL A 69 0.65 7.38 -1.87
CA VAL A 69 0.32 7.73 -3.24
C VAL A 69 1.49 7.43 -4.18
N GLY A 70 2.70 7.47 -3.66
CA GLY A 70 3.85 7.17 -4.48
C GLY A 70 5.11 6.96 -3.66
N ILE A 71 6.17 6.50 -4.32
CA ILE A 71 7.44 6.32 -3.66
C ILE A 71 8.55 6.98 -4.48
N LEU A 72 9.35 7.79 -3.81
CA LEU A 72 10.44 8.50 -4.46
C LEU A 72 11.70 7.66 -4.43
N PHE A 73 11.86 6.83 -5.45
CA PHE A 73 12.96 5.89 -5.50
C PHE A 73 14.25 6.59 -5.90
N ALA A 74 15.34 6.24 -5.23
CA ALA A 74 16.64 6.79 -5.54
C ALA A 74 17.66 5.66 -5.69
N ASP A 75 18.94 5.99 -5.73
CA ASP A 75 19.97 4.98 -5.88
C ASP A 75 20.21 4.27 -4.56
N LYS A 76 20.40 5.04 -3.50
CA LYS A 76 20.60 4.48 -2.17
C LYS A 76 19.26 4.31 -1.48
N ILE A 77 19.17 3.28 -0.65
CA ILE A 77 17.92 2.90 -0.01
C ILE A 77 17.50 3.92 1.04
N GLU A 78 18.47 4.58 1.65
CA GLU A 78 18.20 5.60 2.64
C GLU A 78 18.02 6.96 1.98
N GLU A 79 18.41 7.04 0.72
CA GLU A 79 18.26 8.27 -0.06
C GLU A 79 16.89 8.30 -0.71
N SER A 80 16.26 7.15 -0.79
CA SER A 80 14.93 7.04 -1.37
C SER A 80 13.89 7.53 -0.37
N GLN A 81 12.98 8.37 -0.83
CA GLN A 81 11.96 8.94 0.03
C GLN A 81 10.60 8.34 -0.33
N VAL A 82 9.61 8.67 0.46
CA VAL A 82 8.25 8.19 0.20
C VAL A 82 7.30 9.37 0.03
N ILE A 83 6.41 9.25 -0.93
CA ILE A 83 5.44 10.28 -1.24
C ILE A 83 4.11 9.98 -0.55
N ILE A 84 3.87 10.65 0.57
CA ILE A 84 2.68 10.38 1.36
C ILE A 84 1.75 11.60 1.38
N ARG A 85 0.47 11.34 1.18
CA ARG A 85 -0.54 12.37 1.25
C ARG A 85 -1.30 12.23 2.57
N SER A 86 -1.25 13.28 3.38
CA SER A 86 -1.88 13.25 4.69
C SER A 86 -3.39 13.46 4.59
N ALA A 87 -4.09 13.37 5.71
CA ALA A 87 -5.54 13.58 5.73
C ALA A 87 -5.89 14.99 5.29
N SER A 88 -4.99 15.92 5.56
CA SER A 88 -5.20 17.31 5.20
C SER A 88 -5.05 17.51 3.69
N GLY A 89 -4.53 16.50 3.00
CA GLY A 89 -4.38 16.57 1.56
C GLY A 89 -2.96 16.92 1.17
N GLU A 90 -2.10 17.08 2.15
CA GLU A 90 -0.71 17.45 1.90
C GLU A 90 0.09 16.26 1.40
N GLU A 91 0.46 16.31 0.13
CA GLU A 91 1.31 15.30 -0.47
C GLU A 91 2.76 15.75 -0.37
N LYS A 92 3.54 15.07 0.45
CA LYS A 92 4.93 15.45 0.68
C LYS A 92 5.84 14.24 0.59
N THR A 93 7.11 14.49 0.37
CA THR A 93 8.11 13.45 0.36
C THR A 93 8.80 13.36 1.72
N TYR A 94 8.77 12.19 2.32
CA TYR A 94 9.33 12.00 3.64
C TYR A 94 10.51 11.05 3.58
N ASN A 95 11.44 11.24 4.50
CA ASN A 95 12.66 10.44 4.55
C ASN A 95 12.50 9.31 5.56
N VAL A 96 13.35 8.30 5.44
CA VAL A 96 13.31 7.15 6.33
C VAL A 96 13.64 7.57 7.77
N GLY A 97 12.70 7.32 8.67
CA GLY A 97 12.89 7.70 10.06
C GLY A 97 11.95 8.82 10.47
N ASP A 98 11.41 9.51 9.49
CA ASP A 98 10.54 10.66 9.74
C ASP A 98 9.22 10.21 10.37
N LYS A 99 8.73 11.00 11.32
CA LYS A 99 7.43 10.72 11.92
C LYS A 99 6.34 11.46 11.15
N ILE A 100 5.54 10.69 10.43
CA ILE A 100 4.52 11.27 9.54
C ILE A 100 3.24 11.57 10.31
N PRO A 101 2.52 12.62 9.91
CA PRO A 101 1.28 13.03 10.56
C PRO A 101 0.21 11.96 10.45
N GLY A 102 -0.25 11.47 11.60
CA GLY A 102 -1.22 10.39 11.60
C GLY A 102 -0.90 9.37 12.68
N GLY A 103 0.23 9.55 13.35
CA GLY A 103 0.62 8.66 14.42
C GLY A 103 1.50 7.53 13.96
N ALA A 104 2.20 7.74 12.86
CA ALA A 104 3.08 6.72 12.31
C ALA A 104 4.47 7.28 12.05
N THR A 105 5.46 6.42 11.99
CA THR A 105 6.83 6.83 11.71
C THR A 105 7.49 5.84 10.76
N ILE A 106 8.23 6.37 9.81
CA ILE A 106 8.84 5.55 8.78
C ILE A 106 10.05 4.81 9.34
N LYS A 107 10.05 3.50 9.20
CA LYS A 107 11.16 2.68 9.66
C LYS A 107 12.09 2.32 8.52
N ARG A 108 11.51 1.92 7.40
CA ARG A 108 12.31 1.52 6.25
C ARG A 108 11.53 1.76 4.95
N ILE A 109 12.16 2.46 4.03
CA ILE A 109 11.56 2.75 2.74
C ILE A 109 12.08 1.78 1.69
N MET A 110 11.35 0.70 1.47
CA MET A 110 11.75 -0.29 0.48
C MET A 110 11.15 0.05 -0.88
N PRO A 111 11.82 -0.33 -1.98
CA PRO A 111 11.44 0.07 -3.34
C PRO A 111 9.94 -0.06 -3.63
N GLY A 112 9.35 -1.16 -3.21
CA GLY A 112 7.95 -1.40 -3.49
C GLY A 112 7.12 -1.56 -2.24
N GLY A 113 7.57 -0.99 -1.14
CA GLY A 113 6.83 -1.10 0.11
C GLY A 113 7.50 -0.36 1.25
N VAL A 114 6.78 0.58 1.84
CA VAL A 114 7.32 1.37 2.93
C VAL A 114 6.81 0.85 4.28
N LEU A 115 7.75 0.59 5.17
CA LEU A 115 7.42 0.09 6.50
C LEU A 115 7.31 1.25 7.48
N VAL A 116 6.14 1.37 8.10
CA VAL A 116 5.89 2.45 9.04
C VAL A 116 5.38 1.89 10.36
N GLU A 117 5.92 2.41 11.46
CA GLU A 117 5.54 1.96 12.79
C GLU A 117 4.25 2.63 13.22
N ARG A 118 3.33 1.83 13.76
CA ARG A 118 2.02 2.32 14.12
C ARG A 118 1.77 2.11 15.61
N ASP A 119 1.46 3.20 16.32
CA ASP A 119 1.23 3.17 17.76
C ASP A 119 2.45 2.64 18.51
N GLY A 120 3.62 2.76 17.90
CA GLY A 120 4.83 2.27 18.54
C GLY A 120 5.06 0.79 18.31
N THR A 121 4.27 0.20 17.43
CA THR A 121 4.38 -1.22 17.13
C THR A 121 4.63 -1.44 15.64
N LEU A 122 5.58 -2.30 15.30
CA LEU A 122 5.81 -2.69 13.92
C LEU A 122 6.35 -4.11 13.85
N GLU A 123 5.47 -5.05 13.57
CA GLU A 123 5.83 -6.45 13.50
C GLU A 123 5.55 -6.98 12.10
N SER A 124 6.52 -7.66 11.53
CA SER A 124 6.34 -8.24 10.20
C SER A 124 5.57 -9.54 10.31
N LEU A 125 4.28 -9.46 10.03
CA LEU A 125 3.38 -10.58 10.23
C LEU A 125 2.88 -11.13 8.90
N SER A 126 2.38 -12.35 8.94
CA SER A 126 1.84 -13.00 7.76
C SER A 126 0.35 -13.29 7.93
N LEU A 127 -0.36 -13.32 6.83
CA LEU A 127 -1.80 -13.54 6.83
C LEU A 127 -2.10 -15.05 6.79
N PRO A 128 -3.38 -15.44 7.01
CA PRO A 128 -3.78 -16.84 6.94
C PRO A 128 -3.52 -17.44 5.58
N LYS A 129 -2.94 -18.63 5.55
CA LYS A 129 -2.57 -19.27 4.30
C LYS A 129 -3.83 -19.79 3.60
N ASN A 130 -4.37 -18.97 2.71
CA ASN A 130 -5.58 -19.32 1.97
C ASN A 130 -5.29 -20.45 0.99
N ASP A 131 -4.21 -20.32 0.26
CA ASP A 131 -3.82 -21.34 -0.71
C ASP A 131 -2.31 -21.48 -0.74
N LEU A 132 -1.75 -21.79 0.43
CA LEU A 132 -0.29 -21.91 0.62
C LEU A 132 0.40 -20.56 0.57
N THR A 133 -0.17 -19.64 -0.19
CA THR A 133 0.33 -18.29 -0.31
C THR A 133 -0.18 -17.41 0.83
N PHE A 134 -0.23 -16.09 0.61
CA PHE A 134 -0.60 -15.13 1.66
C PHE A 134 0.44 -15.15 2.77
N GLU A 135 1.69 -15.36 2.39
CA GLU A 135 2.77 -15.47 3.35
C GLU A 135 3.87 -14.46 3.03
N PRO A 136 3.63 -13.18 3.36
CA PRO A 136 4.62 -12.12 3.16
C PRO A 136 5.48 -11.91 4.40
N VAL A 137 6.70 -12.44 4.37
CA VAL A 137 7.65 -12.23 5.45
C VAL A 137 8.73 -11.24 5.05
N ALA A 138 8.89 -11.07 3.74
CA ALA A 138 9.86 -10.13 3.20
C ALA A 138 9.42 -9.68 1.81
N LYS A 139 8.86 -10.63 1.06
CA LYS A 139 8.32 -10.35 -0.26
C LYS A 139 6.80 -10.23 -0.18
N PRO A 140 6.19 -9.37 -1.01
CA PRO A 140 4.74 -9.22 -1.07
C PRO A 140 4.08 -10.46 -1.68
N LEU A 141 3.38 -11.21 -0.84
CA LEU A 141 2.72 -12.42 -1.28
C LEU A 141 1.29 -12.44 -0.75
N LYS A 142 0.37 -11.88 -1.52
CA LYS A 142 -1.02 -11.78 -1.08
C LYS A 142 -1.98 -11.81 -2.27
N GLU A 143 -3.12 -12.45 -2.06
CA GLU A 143 -4.21 -12.50 -3.03
C GLU A 143 -3.79 -13.20 -4.32
N GLU A 144 -2.96 -14.22 -4.20
CA GLU A 144 -2.57 -15.07 -5.32
C GLU A 144 -1.80 -16.28 -4.79
N MET A 1 24.36 10.74 17.53
CA MET A 1 24.47 12.04 16.83
C MET A 1 23.58 13.08 17.50
N ALA A 2 24.12 13.73 18.54
CA ALA A 2 23.37 14.70 19.32
C ALA A 2 22.99 15.92 18.48
N HIS A 3 23.75 16.17 17.43
CA HIS A 3 23.50 17.32 16.55
C HIS A 3 22.45 16.98 15.50
N HIS A 4 22.17 15.69 15.33
CA HIS A 4 21.21 15.26 14.33
C HIS A 4 19.93 14.78 15.02
N HIS A 5 19.06 15.72 15.34
CA HIS A 5 17.84 15.41 16.07
C HIS A 5 16.77 14.87 15.11
N HIS A 6 15.84 14.08 15.66
CA HIS A 6 14.72 13.54 14.89
C HIS A 6 15.18 12.50 13.88
N HIS A 7 15.26 11.26 14.34
CA HIS A 7 15.70 10.12 13.53
C HIS A 7 15.63 8.87 14.40
N HIS A 8 16.27 8.94 15.55
CA HIS A 8 16.17 7.92 16.57
C HIS A 8 16.12 8.57 17.94
N VAL A 9 16.74 9.74 18.06
CA VAL A 9 16.62 10.54 19.26
C VAL A 9 15.65 11.69 19.03
N ASP A 10 14.57 11.71 19.80
CA ASP A 10 13.58 12.76 19.69
C ASP A 10 14.01 13.97 20.50
N ASP A 11 13.76 15.15 19.97
CA ASP A 11 14.15 16.38 20.63
C ASP A 11 13.02 16.88 21.51
N ASP A 12 12.75 16.12 22.57
CA ASP A 12 11.61 16.36 23.44
C ASP A 12 11.96 17.31 24.57
N ASP A 13 13.25 17.37 24.91
CA ASP A 13 13.70 18.15 26.05
C ASP A 13 13.50 19.65 25.84
N LYS A 14 13.33 20.06 24.59
CA LYS A 14 13.09 21.47 24.28
C LYS A 14 11.66 21.85 24.62
N MET A 15 10.80 20.85 24.75
CA MET A 15 9.38 21.08 24.97
C MET A 15 9.11 21.32 26.46
N THR A 16 10.18 21.39 27.24
CA THR A 16 10.06 21.70 28.65
C THR A 16 9.75 23.17 28.84
N TYR A 17 10.45 24.03 28.09
CA TYR A 17 10.21 25.46 28.14
C TYR A 17 9.26 25.88 27.02
N VAL A 18 9.46 25.31 25.84
CA VAL A 18 8.65 25.63 24.68
C VAL A 18 7.53 24.61 24.53
N ARG A 19 6.30 25.09 24.47
CA ARG A 19 5.14 24.21 24.41
C ARG A 19 5.08 23.47 23.07
N ALA A 20 5.56 24.13 22.02
CA ALA A 20 5.63 23.56 20.68
C ALA A 20 4.25 23.42 20.04
N ILE A 21 3.37 22.68 20.69
CA ILE A 21 2.01 22.47 20.19
C ILE A 21 1.11 23.64 20.59
N PRO A 22 0.10 23.93 19.75
CA PRO A 22 -0.83 25.03 20.00
C PRO A 22 -1.75 24.76 21.20
N VAL A 23 -1.75 25.71 22.14
CA VAL A 23 -2.56 25.69 23.35
C VAL A 23 -2.46 24.38 24.12
N SER A 24 -3.32 24.24 25.15
CA SER A 24 -3.34 23.07 26.00
C SER A 24 -1.98 22.85 26.67
N ASN A 25 -1.69 23.67 27.67
CA ASN A 25 -0.44 23.56 28.40
C ASN A 25 -0.47 22.36 29.34
N THR A 26 0.11 21.26 28.88
CA THR A 26 0.14 20.01 29.61
C THR A 26 -1.28 19.48 29.81
N LYS A 27 -1.97 19.30 28.68
CA LYS A 27 -3.35 18.78 28.67
C LYS A 27 -4.30 19.67 29.44
N SER A 28 -4.58 20.85 28.90
CA SER A 28 -5.62 21.70 29.45
C SER A 28 -6.97 21.19 28.97
N ILE A 29 -6.93 20.52 27.82
CA ILE A 29 -8.10 19.89 27.24
C ILE A 29 -7.80 18.41 26.99
N ALA A 30 -8.67 17.55 27.47
CA ALA A 30 -8.51 16.12 27.24
C ALA A 30 -9.67 15.59 26.41
N GLY A 31 -10.88 16.04 26.72
CA GLY A 31 -12.03 15.66 25.96
C GLY A 31 -12.15 16.44 24.66
N MET A 32 -11.17 16.27 23.80
CA MET A 32 -11.10 17.02 22.54
C MET A 32 -12.25 16.65 21.62
N ARG A 33 -12.59 15.37 21.61
CA ARG A 33 -13.68 14.88 20.77
C ARG A 33 -14.82 14.31 21.60
N GLU A 34 -14.86 14.66 22.88
CA GLU A 34 -15.91 14.17 23.77
C GLU A 34 -17.25 14.75 23.36
N GLU A 35 -17.23 16.02 22.94
CA GLU A 35 -18.44 16.68 22.44
C GLU A 35 -18.77 16.16 21.05
N ASN A 36 -17.73 15.82 20.30
CA ASN A 36 -17.87 15.23 18.97
C ASN A 36 -18.65 13.93 19.04
N LEU A 37 -18.20 13.00 19.87
CA LEU A 37 -18.86 11.70 19.99
C LEU A 37 -20.19 11.84 20.72
N ASN A 38 -20.36 12.95 21.43
CA ASN A 38 -21.60 13.23 22.14
C ASN A 38 -22.70 13.60 21.17
N TYR A 39 -22.42 14.60 20.32
CA TYR A 39 -23.39 15.04 19.33
C TYR A 39 -23.52 14.00 18.21
N ILE A 40 -22.39 13.56 17.69
CA ILE A 40 -22.37 12.56 16.63
C ILE A 40 -22.39 11.17 17.26
N PHE A 41 -23.52 10.83 17.86
CA PHE A 41 -23.68 9.54 18.52
C PHE A 41 -24.12 8.49 17.50
N ASN A 42 -23.23 8.18 16.57
CA ASN A 42 -23.51 7.18 15.56
C ASN A 42 -22.83 5.87 15.93
N THR A 43 -23.55 5.03 16.66
CA THR A 43 -23.05 3.74 17.08
C THR A 43 -22.86 2.82 15.88
N SER A 44 -23.63 3.07 14.83
CA SER A 44 -23.52 2.31 13.60
C SER A 44 -22.51 2.96 12.64
N LEU A 45 -21.62 3.77 13.21
CA LEU A 45 -20.53 4.42 12.47
C LEU A 45 -21.05 5.50 11.51
N PHE A 46 -21.74 5.09 10.46
CA PHE A 46 -22.22 6.02 9.45
C PHE A 46 -23.40 6.82 9.99
N GLY A 47 -24.38 6.11 10.54
CA GLY A 47 -25.54 6.76 11.12
C GLY A 47 -26.24 5.85 12.10
N VAL A 48 -27.53 5.63 11.89
CA VAL A 48 -28.29 4.69 12.70
C VAL A 48 -28.23 3.31 12.07
N TYR A 49 -27.56 3.24 10.93
CA TYR A 49 -27.39 2.00 10.20
C TYR A 49 -25.94 1.89 9.74
N VAL A 50 -25.38 0.70 9.82
CA VAL A 50 -23.98 0.48 9.45
C VAL A 50 -23.76 0.61 7.95
N PRO A 51 -22.60 1.14 7.55
CA PRO A 51 -22.24 1.26 6.14
C PRO A 51 -21.96 -0.10 5.51
N ALA A 52 -22.85 -0.54 4.64
CA ALA A 52 -22.74 -1.84 4.01
C ALA A 52 -21.85 -1.79 2.78
N ASP A 53 -21.74 -0.62 2.18
CA ASP A 53 -20.92 -0.46 0.99
C ASP A 53 -19.46 -0.23 1.38
N LEU A 54 -19.25 0.62 2.39
CA LEU A 54 -17.90 0.90 2.90
C LEU A 54 -17.00 1.43 1.80
N ASN A 55 -17.11 2.71 1.52
CA ASN A 55 -16.32 3.35 0.49
C ASN A 55 -14.84 3.34 0.87
N GLU A 56 -14.03 2.76 0.00
CA GLU A 56 -12.58 2.76 0.17
C GLU A 56 -12.16 2.00 1.44
N ASP A 57 -12.49 0.72 1.48
CA ASP A 57 -12.03 -0.15 2.56
C ASP A 57 -10.76 -0.86 2.13
N ASN A 58 -10.71 -1.20 0.84
CA ASN A 58 -9.53 -1.82 0.25
C ASN A 58 -8.68 -0.76 -0.41
N VAL A 59 -9.34 0.19 -1.04
CA VAL A 59 -8.68 1.32 -1.65
C VAL A 59 -8.45 2.40 -0.61
N LYS A 60 -7.25 2.96 -0.57
CA LYS A 60 -6.90 3.99 0.41
C LYS A 60 -7.04 3.46 1.84
N GLN A 61 -6.27 2.42 2.17
CA GLN A 61 -6.25 1.87 3.51
C GLN A 61 -5.41 2.75 4.43
N SER A 62 -5.69 4.04 4.43
CA SER A 62 -4.94 5.01 5.20
C SER A 62 -5.48 5.11 6.62
N MET A 63 -5.33 4.03 7.37
CA MET A 63 -5.82 3.99 8.75
C MET A 63 -4.99 4.89 9.64
N LEU A 64 -3.72 5.03 9.30
CA LEU A 64 -2.80 5.84 10.08
C LEU A 64 -2.73 7.25 9.52
N ASN A 65 -3.77 7.62 8.74
CA ASN A 65 -3.90 8.96 8.16
C ASN A 65 -2.76 9.29 7.20
N VAL A 66 -2.13 8.24 6.66
CA VAL A 66 -1.05 8.43 5.71
C VAL A 66 -1.30 7.60 4.45
N THR A 67 -1.18 8.24 3.30
CA THR A 67 -1.43 7.59 2.03
C THR A 67 -0.18 7.61 1.14
N LEU A 68 0.23 6.43 0.68
CA LEU A 68 1.36 6.34 -0.22
C LEU A 68 0.92 6.55 -1.65
N VAL A 69 1.06 7.78 -2.10
CA VAL A 69 0.62 8.14 -3.44
C VAL A 69 1.77 7.98 -4.44
N GLY A 70 3.00 7.98 -3.93
CA GLY A 70 4.16 7.80 -4.79
C GLY A 70 5.43 7.63 -4.00
N ILE A 71 6.52 7.31 -4.69
CA ILE A 71 7.82 7.16 -4.07
C ILE A 71 8.91 7.68 -5.01
N LEU A 72 9.84 8.45 -4.49
CA LEU A 72 10.96 8.97 -5.28
C LEU A 72 12.14 8.03 -5.17
N PHE A 73 12.24 7.06 -6.07
CA PHE A 73 13.29 6.06 -6.00
C PHE A 73 14.65 6.68 -6.35
N ALA A 74 15.55 6.67 -5.39
CA ALA A 74 16.86 7.26 -5.55
C ALA A 74 17.93 6.19 -5.70
N ASP A 75 19.18 6.56 -5.47
CA ASP A 75 20.30 5.63 -5.59
C ASP A 75 20.21 4.53 -4.54
N LYS A 76 19.94 4.93 -3.31
CA LYS A 76 19.86 3.96 -2.21
C LYS A 76 18.44 3.94 -1.65
N ILE A 77 18.07 2.86 -0.98
CA ILE A 77 16.72 2.73 -0.46
C ILE A 77 16.43 3.81 0.57
N GLU A 78 17.36 4.04 1.49
CA GLU A 78 17.18 5.03 2.54
C GLU A 78 17.32 6.44 1.99
N GLU A 79 17.89 6.56 0.80
CA GLU A 79 18.08 7.85 0.17
C GLU A 79 16.83 8.25 -0.62
N SER A 80 15.98 7.25 -0.86
CA SER A 80 14.76 7.46 -1.61
C SER A 80 13.69 8.10 -0.72
N GLN A 81 13.21 9.26 -1.11
CA GLN A 81 12.16 9.94 -0.37
C GLN A 81 10.80 9.39 -0.80
N VAL A 82 9.89 9.30 0.14
CA VAL A 82 8.58 8.75 -0.16
C VAL A 82 7.53 9.84 -0.20
N ILE A 83 6.62 9.72 -1.14
CA ILE A 83 5.59 10.72 -1.35
C ILE A 83 4.31 10.29 -0.65
N ILE A 84 4.09 10.86 0.53
CA ILE A 84 2.96 10.47 1.36
C ILE A 84 1.96 11.61 1.49
N ARG A 85 0.71 11.30 1.24
CA ARG A 85 -0.37 12.25 1.38
C ARG A 85 -1.11 11.99 2.69
N SER A 86 -1.04 12.96 3.59
CA SER A 86 -1.65 12.82 4.90
C SER A 86 -3.16 13.08 4.82
N ALA A 87 -3.86 12.90 5.94
CA ALA A 87 -5.32 12.96 5.98
C ALA A 87 -5.86 14.26 5.35
N SER A 88 -5.24 15.39 5.67
CA SER A 88 -5.70 16.68 5.20
C SER A 88 -5.42 16.88 3.71
N GLY A 89 -4.91 15.85 3.05
CA GLY A 89 -4.63 15.94 1.63
C GLY A 89 -3.24 16.43 1.34
N GLU A 90 -2.46 16.60 2.41
CA GLU A 90 -1.11 17.12 2.30
C GLU A 90 -0.16 16.09 1.71
N GLU A 91 0.25 16.31 0.48
CA GLU A 91 1.21 15.43 -0.18
C GLU A 91 2.61 15.98 0.03
N LYS A 92 3.42 15.26 0.80
CA LYS A 92 4.78 15.69 1.09
C LYS A 92 5.75 14.55 0.88
N THR A 93 7.01 14.90 0.65
CA THR A 93 8.06 13.91 0.53
C THR A 93 8.78 13.74 1.86
N TYR A 94 8.81 12.51 2.35
CA TYR A 94 9.37 12.22 3.66
C TYR A 94 10.61 11.34 3.55
N ASN A 95 11.41 11.33 4.60
CA ASN A 95 12.62 10.51 4.64
C ASN A 95 12.47 9.40 5.68
N VAL A 96 13.20 8.31 5.48
CA VAL A 96 13.17 7.18 6.40
C VAL A 96 13.74 7.57 7.76
N GLY A 97 12.88 7.59 8.76
CA GLY A 97 13.29 8.00 10.09
C GLY A 97 12.50 9.20 10.57
N ASP A 98 11.80 9.83 9.65
CA ASP A 98 10.97 10.98 9.96
C ASP A 98 9.55 10.54 10.30
N LYS A 99 8.91 11.26 11.21
CA LYS A 99 7.57 10.93 11.65
C LYS A 99 6.54 11.54 10.71
N ILE A 100 5.59 10.73 10.28
CA ILE A 100 4.57 11.18 9.34
C ILE A 100 3.26 11.49 10.07
N PRO A 101 2.70 12.69 9.84
CA PRO A 101 1.46 13.13 10.49
C PRO A 101 0.32 12.15 10.31
N GLY A 102 -0.17 11.62 11.43
CA GLY A 102 -1.22 10.63 11.40
C GLY A 102 -1.09 9.64 12.54
N GLY A 103 0.09 9.59 13.14
CA GLY A 103 0.33 8.69 14.25
C GLY A 103 1.24 7.55 13.88
N ALA A 104 2.12 7.79 12.90
CA ALA A 104 3.05 6.77 12.44
C ALA A 104 4.42 7.37 12.17
N THR A 105 5.41 6.51 12.03
CA THR A 105 6.77 6.95 11.77
C THR A 105 7.46 5.99 10.81
N ILE A 106 8.21 6.53 9.85
CA ILE A 106 8.86 5.72 8.85
C ILE A 106 10.04 4.97 9.45
N LYS A 107 9.98 3.65 9.40
CA LYS A 107 11.01 2.82 9.99
C LYS A 107 11.87 2.19 8.91
N ARG A 108 11.24 1.68 7.87
CA ARG A 108 11.94 1.07 6.76
C ARG A 108 11.16 1.24 5.46
N ILE A 109 11.76 1.88 4.50
CA ILE A 109 11.12 2.12 3.21
C ILE A 109 11.27 0.91 2.31
N MET A 110 10.20 0.58 1.60
CA MET A 110 10.19 -0.55 0.69
C MET A 110 10.12 -0.02 -0.75
N PRO A 111 10.51 -0.82 -1.76
CA PRO A 111 10.48 -0.37 -3.15
C PRO A 111 9.11 0.19 -3.56
N GLY A 112 8.04 -0.50 -3.18
CA GLY A 112 6.70 -0.06 -3.52
C GLY A 112 5.83 0.18 -2.31
N GLY A 113 6.45 0.48 -1.18
CA GLY A 113 5.70 0.68 0.05
C GLY A 113 6.57 1.22 1.16
N VAL A 114 6.01 1.35 2.36
CA VAL A 114 6.77 1.83 3.51
C VAL A 114 6.36 1.08 4.76
N LEU A 115 7.36 0.61 5.52
CA LEU A 115 7.12 0.00 6.80
C LEU A 115 7.20 1.05 7.90
N VAL A 116 6.10 1.21 8.60
CA VAL A 116 6.01 2.21 9.65
C VAL A 116 5.71 1.54 10.98
N GLU A 117 6.14 2.18 12.07
CA GLU A 117 5.86 1.66 13.39
C GLU A 117 4.45 2.04 13.81
N ARG A 118 3.58 1.05 13.87
CA ARG A 118 2.18 1.28 14.16
C ARG A 118 1.92 1.09 15.65
N ASP A 119 2.00 2.20 16.39
CA ASP A 119 1.73 2.20 17.83
C ASP A 119 2.70 1.27 18.56
N GLY A 120 3.98 1.40 18.24
CA GLY A 120 4.99 0.58 18.87
C GLY A 120 5.22 -0.74 18.17
N THR A 121 4.26 -1.14 17.36
CA THR A 121 4.33 -2.42 16.66
C THR A 121 4.99 -2.27 15.29
N LEU A 122 6.10 -2.98 15.11
CA LEU A 122 6.79 -3.00 13.83
C LEU A 122 7.35 -4.38 13.57
N GLU A 123 7.09 -4.92 12.39
CA GLU A 123 7.61 -6.22 12.01
C GLU A 123 8.06 -6.20 10.56
N SER A 124 9.26 -6.68 10.32
CA SER A 124 9.79 -6.78 8.99
C SER A 124 9.16 -7.98 8.27
N LEU A 125 8.79 -7.82 7.01
CA LEU A 125 8.11 -8.88 6.29
C LEU A 125 9.02 -9.48 5.23
N SER A 126 8.72 -10.70 4.82
CA SER A 126 9.56 -11.42 3.89
C SER A 126 8.74 -12.38 3.05
N LEU A 127 9.29 -12.79 1.92
CA LEU A 127 8.63 -13.75 1.06
C LEU A 127 9.06 -15.17 1.44
N PRO A 128 8.15 -16.14 1.31
CA PRO A 128 8.41 -17.52 1.70
C PRO A 128 9.07 -18.33 0.58
N LYS A 129 9.22 -17.71 -0.57
CA LYS A 129 9.81 -18.38 -1.72
C LYS A 129 11.17 -17.78 -2.05
N ASN A 130 12.12 -18.64 -2.37
CA ASN A 130 13.47 -18.20 -2.70
C ASN A 130 13.68 -18.25 -4.21
N ASP A 131 12.69 -17.77 -4.94
CA ASP A 131 12.75 -17.75 -6.40
C ASP A 131 13.61 -16.60 -6.90
N LEU A 132 13.43 -15.43 -6.29
CA LEU A 132 14.17 -14.25 -6.69
C LEU A 132 14.51 -13.42 -5.45
N THR A 133 13.49 -12.82 -4.86
CA THR A 133 13.66 -12.00 -3.68
C THR A 133 13.03 -12.70 -2.48
N PHE A 134 13.86 -13.31 -1.65
CA PHE A 134 13.37 -13.94 -0.42
C PHE A 134 13.24 -12.89 0.69
N GLU A 135 14.10 -11.88 0.63
CA GLU A 135 14.11 -10.80 1.61
C GLU A 135 13.94 -9.46 0.89
N PRO A 136 12.73 -8.89 0.89
CA PRO A 136 12.42 -7.68 0.14
C PRO A 136 12.67 -6.39 0.93
N VAL A 137 13.01 -6.51 2.19
CA VAL A 137 13.11 -5.35 3.08
C VAL A 137 14.44 -4.61 2.90
N ALA A 138 14.37 -3.49 2.18
CA ALA A 138 15.52 -2.58 1.96
C ALA A 138 16.56 -3.17 1.01
N LYS A 139 16.88 -4.44 1.21
CA LYS A 139 17.87 -5.10 0.37
C LYS A 139 17.20 -5.79 -0.81
N PRO A 140 17.76 -5.62 -2.02
CA PRO A 140 17.27 -6.30 -3.21
C PRO A 140 17.94 -7.65 -3.38
N LEU A 141 17.14 -8.69 -3.44
CA LEU A 141 17.66 -10.05 -3.61
C LEU A 141 17.27 -10.59 -4.96
N LYS A 142 18.21 -11.28 -5.60
CA LYS A 142 17.99 -11.81 -6.94
C LYS A 142 18.37 -13.28 -7.00
N GLU A 143 19.66 -13.55 -6.88
CA GLU A 143 20.17 -14.90 -6.91
C GLU A 143 21.54 -14.92 -6.24
N GLU A 144 21.55 -14.91 -4.92
CA GLU A 144 22.80 -14.81 -4.18
C GLU A 144 22.70 -15.53 -2.83
N MET A 1 -38.86 -29.77 0.91
CA MET A 1 -39.10 -31.20 0.62
C MET A 1 -39.39 -31.41 -0.86
N ALA A 2 -38.35 -31.51 -1.66
CA ALA A 2 -38.51 -31.77 -3.09
C ALA A 2 -38.81 -33.25 -3.33
N HIS A 3 -38.42 -34.08 -2.38
CA HIS A 3 -38.65 -35.51 -2.49
C HIS A 3 -40.03 -35.86 -1.98
N HIS A 4 -41.03 -35.73 -2.85
CA HIS A 4 -42.39 -36.11 -2.50
C HIS A 4 -42.60 -37.58 -2.80
N HIS A 5 -41.89 -38.07 -3.81
CA HIS A 5 -41.92 -39.48 -4.15
C HIS A 5 -41.34 -40.31 -3.01
N HIS A 6 -42.16 -41.21 -2.45
CA HIS A 6 -41.77 -41.99 -1.29
C HIS A 6 -40.97 -43.22 -1.69
N HIS A 7 -40.92 -43.50 -2.98
CA HIS A 7 -40.13 -44.62 -3.49
C HIS A 7 -38.64 -44.33 -3.36
N HIS A 8 -38.31 -43.05 -3.28
CA HIS A 8 -36.94 -42.63 -3.01
C HIS A 8 -36.95 -41.59 -1.89
N VAL A 9 -37.37 -42.02 -0.71
CA VAL A 9 -37.42 -41.14 0.45
C VAL A 9 -36.14 -41.28 1.27
N ASP A 10 -35.48 -42.43 1.11
CA ASP A 10 -34.22 -42.70 1.80
C ASP A 10 -33.10 -42.85 0.79
N ASP A 11 -32.20 -41.87 0.77
CA ASP A 11 -31.10 -41.84 -0.17
C ASP A 11 -30.11 -42.97 0.10
N ASP A 12 -29.49 -43.47 -0.97
CA ASP A 12 -28.49 -44.52 -0.85
C ASP A 12 -27.13 -43.91 -0.53
N ASP A 13 -26.89 -43.69 0.75
CA ASP A 13 -25.67 -43.05 1.22
C ASP A 13 -24.45 -43.90 0.86
N LYS A 14 -24.61 -45.21 0.87
CA LYS A 14 -23.51 -46.12 0.55
C LYS A 14 -23.20 -46.09 -0.94
N MET A 15 -24.19 -45.69 -1.73
CA MET A 15 -24.01 -45.60 -3.17
C MET A 15 -23.63 -44.18 -3.57
N THR A 16 -23.59 -43.31 -2.58
CA THR A 16 -23.23 -41.92 -2.80
C THR A 16 -22.02 -41.54 -1.93
N TYR A 17 -21.04 -42.43 -1.90
CA TYR A 17 -19.81 -42.18 -1.16
C TYR A 17 -18.89 -41.30 -1.99
N VAL A 18 -18.99 -41.44 -3.31
CA VAL A 18 -18.22 -40.62 -4.22
C VAL A 18 -18.68 -39.16 -4.13
N ARG A 19 -17.72 -38.26 -4.08
CA ARG A 19 -18.03 -36.84 -3.93
C ARG A 19 -17.93 -36.16 -5.28
N ALA A 20 -18.99 -36.25 -6.07
CA ALA A 20 -19.01 -35.66 -7.40
C ALA A 20 -19.37 -34.17 -7.34
N ILE A 21 -18.91 -33.52 -6.28
CA ILE A 21 -19.15 -32.11 -6.08
C ILE A 21 -17.91 -31.30 -6.47
N PRO A 22 -18.11 -30.10 -7.04
CA PRO A 22 -17.02 -29.21 -7.44
C PRO A 22 -16.04 -28.94 -6.30
N VAL A 23 -14.78 -29.32 -6.51
CA VAL A 23 -13.76 -29.20 -5.48
C VAL A 23 -12.99 -27.90 -5.60
N SER A 24 -13.71 -26.78 -5.57
CA SER A 24 -13.09 -25.46 -5.67
C SER A 24 -12.16 -25.21 -4.50
N ASN A 25 -12.66 -25.42 -3.29
CA ASN A 25 -11.85 -25.26 -2.08
C ASN A 25 -11.79 -26.56 -1.29
N THR A 26 -12.37 -27.60 -1.87
CA THR A 26 -12.44 -28.89 -1.22
C THR A 26 -11.23 -29.74 -1.56
N LYS A 27 -10.52 -30.23 -0.55
CA LYS A 27 -9.35 -31.05 -0.76
C LYS A 27 -9.43 -32.34 0.02
N SER A 28 -10.13 -33.31 -0.53
CA SER A 28 -10.22 -34.63 0.07
C SER A 28 -9.06 -35.49 -0.41
N ILE A 29 -8.50 -35.12 -1.55
CA ILE A 29 -7.32 -35.78 -2.07
C ILE A 29 -6.29 -34.74 -2.50
N ALA A 30 -5.14 -34.74 -1.83
CA ALA A 30 -4.09 -33.77 -2.08
C ALA A 30 -2.77 -34.24 -1.49
N GLY A 31 -2.86 -35.03 -0.43
CA GLY A 31 -1.66 -35.54 0.20
C GLY A 31 -1.36 -34.78 1.48
N MET A 32 -2.00 -33.63 1.63
CA MET A 32 -1.82 -32.80 2.81
C MET A 32 -3.08 -32.82 3.65
N ARG A 33 -2.89 -33.04 4.95
CA ARG A 33 -4.00 -33.01 5.91
C ARG A 33 -4.98 -34.15 5.65
N GLU A 34 -4.47 -35.28 5.16
CA GLU A 34 -5.30 -36.44 4.85
C GLU A 34 -6.11 -36.88 6.07
N GLU A 35 -5.42 -37.10 7.18
CA GLU A 35 -6.07 -37.53 8.40
C GLU A 35 -6.62 -36.32 9.14
N ASN A 36 -5.95 -35.18 9.00
CA ASN A 36 -6.34 -33.94 9.67
C ASN A 36 -7.79 -33.60 9.37
N LEU A 37 -8.12 -33.55 8.08
CA LEU A 37 -9.45 -33.12 7.65
C LEU A 37 -10.48 -34.22 7.85
N ASN A 38 -10.03 -35.46 7.88
CA ASN A 38 -10.93 -36.60 8.11
C ASN A 38 -11.30 -36.69 9.58
N TYR A 39 -10.35 -36.30 10.44
CA TYR A 39 -10.57 -36.29 11.87
C TYR A 39 -11.60 -35.24 12.25
N ILE A 40 -11.44 -34.04 11.71
CA ILE A 40 -12.35 -32.95 11.99
C ILE A 40 -13.55 -32.98 11.06
N PHE A 41 -14.30 -34.07 11.13
CA PHE A 41 -15.50 -34.21 10.31
C PHE A 41 -16.70 -33.63 11.04
N ASN A 42 -16.55 -33.42 12.35
CA ASN A 42 -17.65 -32.94 13.19
C ASN A 42 -17.91 -31.46 12.94
N THR A 43 -16.86 -30.73 12.60
CA THR A 43 -16.98 -29.31 12.29
C THR A 43 -17.73 -29.10 10.97
N SER A 44 -17.84 -30.18 10.19
CA SER A 44 -18.55 -30.13 8.92
C SER A 44 -19.73 -31.10 8.93
N LEU A 45 -20.19 -31.45 10.12
CA LEU A 45 -21.21 -32.48 10.28
C LEU A 45 -22.61 -31.94 9.99
N PHE A 46 -22.73 -30.62 9.93
CA PHE A 46 -23.98 -29.99 9.57
C PHE A 46 -24.29 -30.24 8.09
N GLY A 47 -23.23 -30.41 7.32
CA GLY A 47 -23.39 -30.68 5.91
C GLY A 47 -22.09 -31.17 5.30
N VAL A 48 -21.40 -30.28 4.60
CA VAL A 48 -20.14 -30.61 3.95
C VAL A 48 -19.13 -29.48 4.13
N TYR A 49 -19.57 -28.26 3.86
CA TYR A 49 -18.69 -27.10 3.84
C TYR A 49 -18.78 -26.28 5.12
N VAL A 50 -17.65 -25.69 5.49
CA VAL A 50 -17.59 -24.74 6.59
C VAL A 50 -17.09 -23.39 6.07
N PRO A 51 -17.99 -22.39 6.01
CA PRO A 51 -17.64 -21.06 5.50
C PRO A 51 -16.61 -20.36 6.39
N ALA A 52 -15.57 -19.81 5.76
CA ALA A 52 -14.52 -19.11 6.49
C ALA A 52 -14.97 -17.70 6.82
N ASP A 53 -16.16 -17.34 6.37
CA ASP A 53 -16.72 -16.01 6.60
C ASP A 53 -17.20 -15.87 8.03
N LEU A 54 -17.26 -16.99 8.75
CA LEU A 54 -17.73 -16.99 10.13
C LEU A 54 -16.63 -16.48 11.05
N ASN A 55 -16.98 -15.49 11.87
CA ASN A 55 -16.07 -14.94 12.87
C ASN A 55 -14.81 -14.35 12.23
N GLU A 56 -14.90 -13.11 11.79
CA GLU A 56 -13.78 -12.42 11.18
C GLU A 56 -12.75 -12.04 12.23
N ASP A 57 -11.48 -12.10 11.84
CA ASP A 57 -10.37 -11.80 12.75
C ASP A 57 -9.81 -10.41 12.45
N ASN A 58 -9.04 -10.29 11.37
CA ASN A 58 -8.53 -8.99 10.91
C ASN A 58 -7.74 -8.26 11.99
N VAL A 59 -7.08 -9.02 12.87
CA VAL A 59 -6.26 -8.41 13.90
C VAL A 59 -4.87 -8.11 13.35
N LYS A 60 -4.30 -6.98 13.75
CA LYS A 60 -3.00 -6.51 13.25
C LYS A 60 -3.11 -6.09 11.78
N GLN A 61 -4.30 -5.69 11.38
CA GLN A 61 -4.55 -5.21 10.03
C GLN A 61 -5.04 -3.78 10.08
N SER A 62 -4.62 -3.06 11.11
CA SER A 62 -5.03 -1.68 11.30
C SER A 62 -4.21 -0.75 10.42
N MET A 63 -4.84 0.34 9.98
CA MET A 63 -4.17 1.30 9.10
C MET A 63 -3.55 2.43 9.90
N LEU A 64 -2.77 3.26 9.22
CA LEU A 64 -2.03 4.32 9.87
C LEU A 64 -2.52 5.69 9.43
N ASN A 65 -3.65 5.70 8.72
CA ASN A 65 -4.28 6.94 8.23
C ASN A 65 -3.41 7.63 7.18
N VAL A 66 -2.46 6.90 6.63
CA VAL A 66 -1.54 7.47 5.66
C VAL A 66 -1.94 7.08 4.24
N THR A 67 -1.88 8.03 3.33
CA THR A 67 -2.18 7.77 1.93
C THR A 67 -0.89 7.72 1.12
N LEU A 68 -0.40 6.51 0.85
CA LEU A 68 0.81 6.34 0.08
C LEU A 68 0.49 6.44 -1.41
N VAL A 69 0.70 7.62 -1.96
CA VAL A 69 0.38 7.88 -3.36
C VAL A 69 1.54 7.43 -4.27
N GLY A 70 2.73 7.30 -3.69
CA GLY A 70 3.86 6.82 -4.45
C GLY A 70 5.14 6.81 -3.63
N ILE A 71 6.19 6.25 -4.18
CA ILE A 71 7.49 6.27 -3.54
C ILE A 71 8.51 6.95 -4.44
N LEU A 72 9.22 7.91 -3.89
CA LEU A 72 10.16 8.72 -4.64
C LEU A 72 11.54 8.08 -4.58
N PHE A 73 11.82 7.21 -5.55
CA PHE A 73 13.07 6.47 -5.58
C PHE A 73 14.23 7.38 -5.98
N ALA A 74 15.34 7.20 -5.29
CA ALA A 74 16.55 7.97 -5.54
C ALA A 74 17.73 7.02 -5.79
N ASP A 75 18.95 7.51 -5.59
CA ASP A 75 20.14 6.71 -5.81
C ASP A 75 20.13 5.45 -4.95
N LYS A 76 19.96 5.63 -3.64
CA LYS A 76 19.92 4.50 -2.73
C LYS A 76 18.56 4.44 -2.06
N ILE A 77 18.25 3.32 -1.42
CA ILE A 77 16.96 3.16 -0.78
C ILE A 77 16.84 4.09 0.43
N GLU A 78 17.95 4.30 1.14
CA GLU A 78 17.98 5.19 2.29
C GLU A 78 18.03 6.65 1.82
N GLU A 79 18.30 6.83 0.54
CA GLU A 79 18.33 8.14 -0.07
C GLU A 79 17.01 8.46 -0.75
N SER A 80 16.12 7.49 -0.74
CA SER A 80 14.82 7.64 -1.37
C SER A 80 13.79 8.13 -0.36
N GLN A 81 12.75 8.77 -0.87
CA GLN A 81 11.69 9.30 -0.03
C GLN A 81 10.38 8.62 -0.36
N VAL A 82 9.44 8.69 0.55
CA VAL A 82 8.10 8.19 0.29
C VAL A 82 7.13 9.35 0.11
N ILE A 83 6.22 9.21 -0.84
CA ILE A 83 5.27 10.26 -1.12
C ILE A 83 3.93 9.94 -0.47
N ILE A 84 3.67 10.58 0.65
CA ILE A 84 2.46 10.30 1.40
C ILE A 84 1.59 11.54 1.49
N ARG A 85 0.32 11.37 1.16
CA ARG A 85 -0.64 12.45 1.22
C ARG A 85 -1.31 12.48 2.58
N SER A 86 -1.14 13.59 3.28
CA SER A 86 -1.70 13.77 4.61
C SER A 86 -3.22 13.85 4.54
N ALA A 87 -3.86 13.71 5.69
CA ALA A 87 -5.31 13.80 5.79
C ALA A 87 -5.79 15.22 5.49
N SER A 88 -4.85 16.16 5.49
CA SER A 88 -5.14 17.54 5.14
C SER A 88 -5.14 17.71 3.62
N GLY A 89 -4.70 16.67 2.91
CA GLY A 89 -4.65 16.72 1.47
C GLY A 89 -3.28 17.07 0.94
N GLU A 90 -2.36 17.37 1.86
CA GLU A 90 -1.01 17.75 1.49
C GLU A 90 -0.16 16.54 1.13
N GLU A 91 0.36 16.52 -0.09
CA GLU A 91 1.16 15.42 -0.58
C GLU A 91 2.64 15.75 -0.37
N LYS A 92 3.28 15.05 0.57
CA LYS A 92 4.65 15.39 0.95
C LYS A 92 5.55 14.16 0.89
N THR A 93 6.86 14.40 0.82
CA THR A 93 7.83 13.33 0.76
C THR A 93 8.64 13.26 2.05
N TYR A 94 8.76 12.08 2.62
CA TYR A 94 9.46 11.89 3.88
C TYR A 94 10.59 10.89 3.74
N ASN A 95 11.60 11.03 4.60
CA ASN A 95 12.78 10.17 4.58
C ASN A 95 12.59 9.00 5.54
N VAL A 96 13.47 8.02 5.44
CA VAL A 96 13.43 6.87 6.32
C VAL A 96 13.76 7.28 7.75
N GLY A 97 12.86 6.97 8.68
CA GLY A 97 13.06 7.31 10.07
C GLY A 97 12.31 8.55 10.48
N ASP A 98 11.62 9.17 9.53
CA ASP A 98 10.86 10.39 9.81
C ASP A 98 9.43 10.03 10.20
N LYS A 99 8.70 11.01 10.70
CA LYS A 99 7.32 10.80 11.12
C LYS A 99 6.36 11.25 10.04
N ILE A 100 5.45 10.38 9.65
CA ILE A 100 4.52 10.66 8.57
C ILE A 100 3.15 11.06 9.13
N PRO A 101 2.39 11.87 8.38
CA PRO A 101 1.09 12.40 8.83
C PRO A 101 0.06 11.30 9.07
N GLY A 102 -0.45 11.27 10.29
CA GLY A 102 -1.40 10.25 10.67
C GLY A 102 -1.06 9.65 12.02
N GLY A 103 0.11 10.02 12.53
CA GLY A 103 0.58 9.50 13.80
C GLY A 103 1.43 8.27 13.64
N ALA A 104 2.08 8.16 12.48
CA ALA A 104 2.91 7.01 12.18
C ALA A 104 4.34 7.46 11.87
N THR A 105 5.26 6.51 11.85
CA THR A 105 6.65 6.82 11.58
C THR A 105 7.27 5.76 10.66
N ILE A 106 8.16 6.20 9.78
CA ILE A 106 8.84 5.29 8.86
C ILE A 106 9.96 4.57 9.59
N LYS A 107 9.83 3.25 9.70
CA LYS A 107 10.85 2.46 10.35
C LYS A 107 11.93 2.06 9.36
N ARG A 108 11.52 1.85 8.12
CA ARG A 108 12.45 1.52 7.04
C ARG A 108 11.72 1.58 5.69
N ILE A 109 12.43 2.07 4.68
CA ILE A 109 11.87 2.09 3.34
C ILE A 109 12.37 0.86 2.59
N MET A 110 11.45 0.11 2.01
CA MET A 110 11.80 -1.14 1.34
C MET A 110 11.72 -0.98 -0.17
N PRO A 111 12.43 -1.81 -0.94
CA PRO A 111 12.46 -1.70 -2.40
C PRO A 111 11.07 -1.56 -3.03
N GLY A 112 10.12 -2.35 -2.54
CA GLY A 112 8.78 -2.34 -3.10
C GLY A 112 7.71 -1.98 -2.09
N GLY A 113 8.08 -1.23 -1.06
CA GLY A 113 7.09 -0.86 -0.05
C GLY A 113 7.68 -0.05 1.07
N VAL A 114 6.85 0.28 2.06
CA VAL A 114 7.30 1.08 3.20
C VAL A 114 7.03 0.34 4.50
N LEU A 115 8.06 0.18 5.31
CA LEU A 115 7.93 -0.50 6.59
C LEU A 115 7.66 0.52 7.70
N VAL A 116 6.42 0.55 8.16
CA VAL A 116 6.02 1.45 9.24
C VAL A 116 5.59 0.63 10.45
N GLU A 117 5.43 1.30 11.59
CA GLU A 117 5.03 0.63 12.81
C GLU A 117 3.51 0.58 12.90
N ARG A 118 2.95 -0.61 12.77
CA ARG A 118 1.50 -0.76 12.77
C ARG A 118 0.98 -0.90 14.19
N ASP A 119 0.65 0.25 14.80
CA ASP A 119 0.08 0.30 16.14
C ASP A 119 0.98 -0.39 17.15
N GLY A 120 2.23 0.02 17.17
CA GLY A 120 3.19 -0.52 18.13
C GLY A 120 3.84 -1.80 17.63
N THR A 121 3.37 -2.30 16.49
CA THR A 121 3.90 -3.53 15.94
C THR A 121 4.90 -3.23 14.83
N LEU A 122 6.12 -3.71 14.99
CA LEU A 122 7.15 -3.56 13.98
C LEU A 122 7.92 -4.86 13.84
N GLU A 123 7.74 -5.54 12.72
CA GLU A 123 8.38 -6.81 12.49
C GLU A 123 9.33 -6.73 11.30
N SER A 124 10.36 -7.56 11.35
CA SER A 124 11.31 -7.65 10.26
C SER A 124 10.91 -8.77 9.33
N LEU A 125 10.70 -8.44 8.06
CA LEU A 125 10.19 -9.41 7.10
C LEU A 125 11.25 -9.77 6.07
N SER A 126 10.89 -10.67 5.17
CA SER A 126 11.78 -11.14 4.13
C SER A 126 11.04 -11.14 2.80
N LEU A 127 11.79 -10.95 1.72
CA LEU A 127 11.20 -10.92 0.40
C LEU A 127 10.92 -12.34 -0.07
N PRO A 128 9.65 -12.62 -0.42
CA PRO A 128 9.20 -13.97 -0.76
C PRO A 128 9.81 -14.50 -2.06
N LYS A 129 11.05 -15.01 -1.94
CA LYS A 129 11.74 -15.69 -3.03
C LYS A 129 11.89 -14.79 -4.25
N ASN A 130 12.40 -13.59 -4.04
CA ASN A 130 12.74 -12.70 -5.14
C ASN A 130 13.99 -13.21 -5.82
N ASP A 131 14.84 -13.83 -5.02
CA ASP A 131 16.06 -14.47 -5.48
C ASP A 131 16.30 -15.68 -4.60
N LEU A 132 17.52 -16.19 -4.57
CA LEU A 132 17.86 -17.29 -3.67
C LEU A 132 17.97 -16.74 -2.25
N THR A 133 18.34 -15.47 -2.15
CA THR A 133 18.44 -14.80 -0.87
C THR A 133 17.09 -14.29 -0.41
N PHE A 134 16.55 -14.91 0.64
CA PHE A 134 15.26 -14.51 1.19
C PHE A 134 15.37 -13.14 1.86
N GLU A 135 16.51 -12.89 2.49
CA GLU A 135 16.75 -11.61 3.15
C GLU A 135 17.88 -10.86 2.47
N PRO A 136 17.55 -9.97 1.52
CA PRO A 136 18.53 -9.14 0.84
C PRO A 136 18.69 -7.77 1.51
N VAL A 137 18.05 -7.61 2.65
CA VAL A 137 18.07 -6.33 3.36
C VAL A 137 19.34 -6.17 4.20
N ALA A 138 19.74 -7.22 4.91
CA ALA A 138 20.92 -7.17 5.76
C ALA A 138 21.79 -8.40 5.57
N LYS A 139 21.40 -9.49 6.21
CA LYS A 139 22.14 -10.74 6.08
C LYS A 139 21.45 -11.66 5.09
N PRO A 140 22.15 -12.02 3.99
CA PRO A 140 21.58 -12.85 2.94
C PRO A 140 21.24 -14.26 3.42
N LEU A 141 19.96 -14.54 3.55
CA LEU A 141 19.49 -15.87 3.87
C LEU A 141 19.37 -16.68 2.59
N LYS A 142 20.23 -17.67 2.43
CA LYS A 142 20.28 -18.43 1.19
C LYS A 142 19.57 -19.77 1.31
N GLU A 143 19.41 -20.24 2.54
CA GLU A 143 18.82 -21.54 2.78
C GLU A 143 17.70 -21.44 3.82
N GLU A 144 16.62 -22.14 3.55
CA GLU A 144 15.52 -22.23 4.49
C GLU A 144 15.16 -23.69 4.70
N MET A 1 10.97 -9.07 54.82
CA MET A 1 10.13 -10.27 54.60
C MET A 1 9.67 -10.33 53.16
N ALA A 2 10.14 -11.32 52.43
CA ALA A 2 9.80 -11.47 51.03
C ALA A 2 8.91 -12.68 50.82
N HIS A 3 7.68 -12.57 51.26
CA HIS A 3 6.72 -13.65 51.10
C HIS A 3 6.01 -13.49 49.76
N HIS A 4 6.03 -14.54 48.95
CA HIS A 4 5.41 -14.50 47.63
C HIS A 4 4.37 -15.60 47.51
N HIS A 5 3.17 -15.33 47.99
CA HIS A 5 2.06 -16.27 47.85
C HIS A 5 1.56 -16.21 46.42
N HIS A 6 1.80 -17.27 45.66
CA HIS A 6 1.37 -17.30 44.27
C HIS A 6 -0.15 -17.32 44.17
N HIS A 7 -0.72 -16.16 43.87
CA HIS A 7 -2.15 -16.01 43.81
C HIS A 7 -2.63 -16.10 42.37
N HIS A 8 -1.71 -15.90 41.44
CA HIS A 8 -2.03 -15.99 40.02
C HIS A 8 -2.01 -17.44 39.57
N VAL A 9 -3.18 -17.98 39.32
CA VAL A 9 -3.31 -19.38 38.94
C VAL A 9 -3.33 -19.55 37.44
N ASP A 10 -2.91 -20.73 36.98
CA ASP A 10 -2.92 -21.08 35.56
C ASP A 10 -2.17 -20.05 34.74
N ASP A 11 -0.85 -20.06 34.85
CA ASP A 11 -0.01 -19.12 34.14
C ASP A 11 0.19 -19.54 32.69
N ASP A 12 -0.84 -19.34 31.88
CA ASP A 12 -0.74 -19.62 30.45
C ASP A 12 -1.59 -18.64 29.65
N ASP A 13 -2.40 -17.85 30.36
CA ASP A 13 -3.31 -16.91 29.71
C ASP A 13 -2.55 -15.78 29.01
N LYS A 14 -1.47 -15.33 29.62
CA LYS A 14 -0.69 -14.24 29.07
C LYS A 14 0.18 -14.74 27.92
N MET A 15 0.49 -16.03 27.95
CA MET A 15 1.31 -16.65 26.92
C MET A 15 0.49 -16.90 25.66
N THR A 16 -0.68 -17.53 25.84
CA THR A 16 -1.58 -17.81 24.72
C THR A 16 -0.92 -18.68 23.66
N TYR A 17 -0.88 -19.97 23.92
CA TYR A 17 -0.38 -20.93 22.94
C TYR A 17 -1.54 -21.44 22.10
N VAL A 18 -2.69 -21.58 22.73
CA VAL A 18 -3.90 -21.99 22.04
C VAL A 18 -4.33 -20.94 21.05
N ARG A 19 -4.28 -21.29 19.76
CA ARG A 19 -4.64 -20.38 18.68
C ARG A 19 -3.70 -19.18 18.68
N ALA A 20 -2.39 -19.47 18.66
CA ALA A 20 -1.37 -18.44 18.65
C ALA A 20 -1.39 -17.66 17.34
N ILE A 21 -1.91 -18.29 16.30
CA ILE A 21 -2.02 -17.65 14.99
C ILE A 21 -3.14 -16.61 15.00
N PRO A 22 -2.83 -15.36 14.60
CA PRO A 22 -3.81 -14.27 14.61
C PRO A 22 -4.77 -14.35 13.43
N VAL A 23 -6.04 -14.16 13.71
CA VAL A 23 -7.06 -14.16 12.68
C VAL A 23 -7.63 -12.76 12.45
N SER A 24 -7.19 -11.83 13.29
CA SER A 24 -7.58 -10.44 13.15
C SER A 24 -6.48 -9.64 12.47
N ASN A 25 -6.47 -9.67 11.14
CA ASN A 25 -5.47 -8.96 10.36
C ASN A 25 -6.13 -7.89 9.50
N THR A 26 -6.80 -6.94 10.16
CA THR A 26 -7.55 -5.88 9.48
C THR A 26 -8.81 -6.44 8.84
N LYS A 27 -9.96 -5.87 9.20
CA LYS A 27 -11.26 -6.35 8.75
C LYS A 27 -11.50 -7.78 9.22
N SER A 28 -11.40 -7.97 10.52
CA SER A 28 -11.56 -9.29 11.11
C SER A 28 -13.03 -9.63 11.29
N ILE A 29 -13.90 -8.66 11.04
CA ILE A 29 -15.33 -8.87 11.13
C ILE A 29 -15.82 -9.73 9.97
N ALA A 30 -16.17 -10.97 10.29
CA ALA A 30 -16.66 -11.91 9.29
C ALA A 30 -18.13 -11.69 9.06
N GLY A 31 -18.47 -11.05 7.95
CA GLY A 31 -19.84 -10.82 7.63
C GLY A 31 -20.41 -11.90 6.74
N MET A 32 -21.74 -12.02 6.73
CA MET A 32 -22.38 -13.07 5.96
C MET A 32 -22.81 -12.53 4.60
N ARG A 33 -23.42 -11.36 4.60
CA ARG A 33 -23.89 -10.73 3.37
C ARG A 33 -23.11 -9.46 3.05
N GLU A 34 -21.88 -9.39 3.53
CA GLU A 34 -21.04 -8.20 3.34
C GLU A 34 -20.81 -7.94 1.84
N GLU A 35 -20.49 -8.98 1.10
CA GLU A 35 -20.25 -8.84 -0.33
C GLU A 35 -21.53 -9.02 -1.12
N ASN A 36 -22.54 -9.61 -0.48
CA ASN A 36 -23.85 -9.76 -1.11
C ASN A 36 -24.46 -8.39 -1.33
N LEU A 37 -24.34 -7.53 -0.33
CA LEU A 37 -24.77 -6.14 -0.45
C LEU A 37 -23.92 -5.42 -1.47
N ASN A 38 -22.67 -5.85 -1.60
CA ASN A 38 -21.74 -5.28 -2.58
C ASN A 38 -22.20 -5.60 -4.01
N TYR A 39 -22.68 -6.83 -4.22
CA TYR A 39 -23.17 -7.25 -5.52
C TYR A 39 -24.43 -6.46 -5.89
N ILE A 40 -25.26 -6.20 -4.89
CA ILE A 40 -26.48 -5.44 -5.08
C ILE A 40 -26.15 -3.97 -5.32
N PHE A 41 -26.38 -3.52 -6.54
CA PHE A 41 -26.14 -2.12 -6.88
C PHE A 41 -27.42 -1.33 -6.72
N ASN A 42 -27.29 -0.08 -6.34
CA ASN A 42 -28.45 0.78 -6.16
C ASN A 42 -28.47 1.88 -7.20
N THR A 43 -29.49 1.86 -8.05
CA THR A 43 -29.67 2.87 -9.08
C THR A 43 -30.13 4.18 -8.47
N SER A 44 -30.78 4.09 -7.31
CA SER A 44 -31.19 5.26 -6.56
C SER A 44 -30.10 5.66 -5.59
N LEU A 45 -29.17 4.73 -5.35
CA LEU A 45 -28.06 4.89 -4.40
C LEU A 45 -28.57 4.97 -2.96
N PHE A 46 -29.32 6.03 -2.66
CA PHE A 46 -29.91 6.20 -1.35
C PHE A 46 -31.43 6.22 -1.45
N GLY A 47 -32.11 6.56 -0.36
CA GLY A 47 -33.56 6.64 -0.37
C GLY A 47 -34.21 5.29 -0.15
N VAL A 48 -34.19 4.45 -1.18
CA VAL A 48 -34.77 3.10 -1.09
C VAL A 48 -33.90 2.21 -0.22
N TYR A 49 -32.62 2.55 -0.15
CA TYR A 49 -31.66 1.83 0.66
C TYR A 49 -30.54 2.77 1.04
N VAL A 50 -30.17 2.78 2.30
CA VAL A 50 -29.10 3.63 2.77
C VAL A 50 -27.88 2.81 3.15
N PRO A 51 -26.86 2.77 2.28
CA PRO A 51 -25.60 2.11 2.58
C PRO A 51 -24.76 2.97 3.53
N ALA A 52 -24.65 2.52 4.77
CA ALA A 52 -23.94 3.29 5.78
C ALA A 52 -22.43 3.14 5.64
N ASP A 53 -22.00 2.03 5.04
CA ASP A 53 -20.59 1.77 4.81
C ASP A 53 -19.99 2.84 3.91
N LEU A 54 -20.69 3.14 2.82
CA LEU A 54 -20.23 4.11 1.85
C LEU A 54 -20.19 5.51 2.47
N ASN A 55 -19.15 6.26 2.11
CA ASN A 55 -18.95 7.62 2.60
C ASN A 55 -18.59 7.63 4.07
N GLU A 56 -18.28 6.46 4.60
CA GLU A 56 -17.85 6.34 5.99
C GLU A 56 -16.61 5.47 6.08
N ASP A 57 -16.75 4.20 5.73
CA ASP A 57 -15.61 3.28 5.75
C ASP A 57 -14.57 3.69 4.72
N ASN A 58 -15.06 4.30 3.65
CA ASN A 58 -14.20 4.79 2.57
C ASN A 58 -13.21 5.84 3.08
N VAL A 59 -13.69 6.76 3.91
CA VAL A 59 -12.86 7.83 4.40
C VAL A 59 -11.99 7.35 5.57
N LYS A 60 -12.36 6.21 6.14
CA LYS A 60 -11.66 5.66 7.28
C LYS A 60 -10.52 4.76 6.83
N GLN A 61 -10.16 4.86 5.55
CA GLN A 61 -9.02 4.13 5.03
C GLN A 61 -7.74 4.95 5.25
N SER A 62 -7.92 6.08 5.92
CA SER A 62 -6.79 6.90 6.33
C SER A 62 -6.58 6.74 7.83
N MET A 63 -6.24 5.52 8.24
CA MET A 63 -6.08 5.16 9.65
C MET A 63 -5.07 6.07 10.34
N LEU A 64 -3.97 6.34 9.65
CA LEU A 64 -2.91 7.18 10.20
C LEU A 64 -3.03 8.60 9.66
N ASN A 65 -4.21 8.94 9.13
CA ASN A 65 -4.50 10.26 8.57
C ASN A 65 -3.65 10.56 7.34
N VAL A 66 -2.94 9.56 6.84
CA VAL A 66 -2.06 9.75 5.71
C VAL A 66 -2.45 8.83 4.56
N THR A 67 -1.78 8.98 3.43
CA THR A 67 -2.02 8.13 2.27
C THR A 67 -0.73 7.95 1.47
N LEU A 68 -0.23 6.71 1.44
CA LEU A 68 0.96 6.39 0.67
C LEU A 68 0.60 6.38 -0.82
N VAL A 69 0.79 7.51 -1.47
CA VAL A 69 0.35 7.66 -2.86
C VAL A 69 1.44 7.24 -3.84
N GLY A 70 2.68 7.18 -3.38
CA GLY A 70 3.77 6.77 -4.24
C GLY A 70 5.08 6.68 -3.50
N ILE A 71 6.12 6.23 -4.19
CA ILE A 71 7.44 6.13 -3.59
C ILE A 71 8.47 6.85 -4.46
N LEU A 72 9.31 7.65 -3.82
CA LEU A 72 10.30 8.44 -4.52
C LEU A 72 11.63 7.70 -4.55
N PHE A 73 11.82 6.91 -5.59
CA PHE A 73 13.03 6.13 -5.74
C PHE A 73 14.24 7.03 -5.95
N ALA A 74 15.37 6.66 -5.39
CA ALA A 74 16.57 7.47 -5.47
C ALA A 74 17.82 6.60 -5.63
N ASP A 75 18.98 7.22 -5.57
CA ASP A 75 20.24 6.51 -5.72
C ASP A 75 20.54 5.68 -4.47
N LYS A 76 20.55 6.32 -3.31
CA LYS A 76 20.84 5.64 -2.06
C LYS A 76 19.55 5.24 -1.36
N ILE A 77 19.64 4.19 -0.55
CA ILE A 77 18.47 3.63 0.12
C ILE A 77 17.94 4.56 1.20
N GLU A 78 18.83 5.37 1.75
CA GLU A 78 18.45 6.34 2.77
C GLU A 78 18.06 7.66 2.12
N GLU A 79 18.32 7.76 0.83
CA GLU A 79 17.99 8.95 0.06
C GLU A 79 16.63 8.80 -0.61
N SER A 80 16.21 7.55 -0.82
CA SER A 80 14.91 7.29 -1.41
C SER A 80 13.82 7.63 -0.40
N GLN A 81 12.97 8.58 -0.79
CA GLN A 81 11.93 9.08 0.08
C GLN A 81 10.59 8.44 -0.28
N VAL A 82 9.61 8.63 0.57
CA VAL A 82 8.28 8.12 0.31
C VAL A 82 7.31 9.27 0.11
N ILE A 83 6.49 9.16 -0.92
CA ILE A 83 5.54 10.20 -1.27
C ILE A 83 4.21 9.94 -0.56
N ILE A 84 3.98 10.66 0.53
CA ILE A 84 2.79 10.45 1.33
C ILE A 84 1.91 11.69 1.31
N ARG A 85 0.63 11.47 1.13
CA ARG A 85 -0.35 12.55 1.19
C ARG A 85 -0.84 12.69 2.63
N SER A 86 -0.51 13.81 3.24
CA SER A 86 -0.80 14.06 4.64
C SER A 86 -2.29 14.31 4.87
N ALA A 87 -2.68 14.48 6.13
CA ALA A 87 -4.08 14.66 6.51
C ALA A 87 -4.74 15.80 5.73
N SER A 88 -3.99 16.89 5.54
CA SER A 88 -4.52 18.08 4.89
C SER A 88 -4.58 17.90 3.37
N GLY A 89 -4.29 16.69 2.89
CA GLY A 89 -4.34 16.42 1.47
C GLY A 89 -3.08 16.87 0.75
N GLU A 90 -2.07 17.21 1.54
CA GLU A 90 -0.81 17.71 1.00
C GLU A 90 0.08 16.54 0.59
N GLU A 91 0.65 16.63 -0.61
CA GLU A 91 1.56 15.61 -1.08
C GLU A 91 2.98 15.95 -0.63
N LYS A 92 3.50 15.18 0.30
CA LYS A 92 4.82 15.45 0.85
C LYS A 92 5.72 14.24 0.76
N THR A 93 6.98 14.46 0.50
CA THR A 93 7.96 13.39 0.50
C THR A 93 8.67 13.35 1.85
N TYR A 94 8.64 12.18 2.49
CA TYR A 94 9.25 12.02 3.80
C TYR A 94 10.49 11.16 3.71
N ASN A 95 11.42 11.38 4.61
CA ASN A 95 12.68 10.66 4.63
C ASN A 95 12.57 9.48 5.58
N VAL A 96 13.37 8.45 5.32
CA VAL A 96 13.37 7.26 6.16
C VAL A 96 13.86 7.57 7.57
N GLY A 97 13.01 7.31 8.55
CA GLY A 97 13.36 7.59 9.92
C GLY A 97 12.62 8.78 10.47
N ASP A 98 11.95 9.51 9.59
CA ASP A 98 11.17 10.67 9.99
C ASP A 98 9.76 10.25 10.38
N LYS A 99 9.22 10.87 11.41
CA LYS A 99 7.91 10.51 11.92
C LYS A 99 6.82 11.28 11.18
N ILE A 100 5.86 10.55 10.64
CA ILE A 100 4.76 11.15 9.90
C ILE A 100 3.58 11.43 10.82
N PRO A 101 3.11 12.69 10.86
CA PRO A 101 1.96 13.09 11.67
C PRO A 101 0.71 12.30 11.32
N GLY A 102 0.08 11.72 12.33
CA GLY A 102 -1.09 10.91 12.12
C GLY A 102 -1.10 9.67 12.99
N GLY A 103 0.02 9.46 13.70
CA GLY A 103 0.13 8.34 14.60
C GLY A 103 1.02 7.25 14.05
N ALA A 104 1.95 7.62 13.18
CA ALA A 104 2.85 6.67 12.57
C ALA A 104 4.26 7.21 12.49
N THR A 105 5.19 6.34 12.11
CA THR A 105 6.57 6.75 11.88
C THR A 105 7.19 5.83 10.83
N ILE A 106 8.12 6.35 10.06
CA ILE A 106 8.77 5.58 9.01
C ILE A 106 9.96 4.82 9.57
N LYS A 107 9.85 3.50 9.62
CA LYS A 107 10.92 2.66 10.12
C LYS A 107 11.99 2.51 9.05
N ARG A 108 11.56 2.18 7.84
CA ARG A 108 12.49 1.97 6.74
C ARG A 108 11.77 2.11 5.40
N ILE A 109 12.42 2.77 4.45
CA ILE A 109 11.87 2.93 3.11
C ILE A 109 12.55 1.97 2.14
N MET A 110 11.84 0.93 1.76
CA MET A 110 12.36 -0.05 0.82
C MET A 110 11.63 0.09 -0.52
N PRO A 111 12.35 -0.14 -1.64
CA PRO A 111 11.78 -0.01 -2.99
C PRO A 111 10.62 -0.97 -3.24
N GLY A 112 10.53 -2.01 -2.43
CA GLY A 112 9.45 -2.97 -2.54
C GLY A 112 8.27 -2.60 -1.67
N GLY A 113 8.51 -1.74 -0.69
CA GLY A 113 7.47 -1.35 0.24
C GLY A 113 8.02 -0.55 1.40
N VAL A 114 7.27 0.45 1.84
CA VAL A 114 7.72 1.32 2.92
C VAL A 114 7.16 0.83 4.25
N LEU A 115 8.05 0.64 5.22
CA LEU A 115 7.65 0.12 6.52
C LEU A 115 7.28 1.26 7.46
N VAL A 116 6.00 1.36 7.78
CA VAL A 116 5.51 2.40 8.67
C VAL A 116 4.82 1.80 9.89
N GLU A 117 5.08 2.39 11.05
CA GLU A 117 4.53 1.89 12.31
C GLU A 117 3.09 2.38 12.48
N ARG A 118 2.16 1.44 12.53
CA ARG A 118 0.75 1.76 12.63
C ARG A 118 0.34 1.94 14.09
N ASP A 119 0.46 3.17 14.58
CA ASP A 119 0.07 3.53 15.95
C ASP A 119 0.75 2.60 16.96
N GLY A 120 2.05 2.40 16.77
CA GLY A 120 2.81 1.55 17.68
C GLY A 120 2.97 0.14 17.15
N THR A 121 2.08 -0.25 16.25
CA THR A 121 2.08 -1.60 15.71
C THR A 121 2.91 -1.68 14.42
N LEU A 122 4.03 -2.38 14.50
CA LEU A 122 4.86 -2.61 13.33
C LEU A 122 5.03 -4.12 13.14
N GLU A 123 4.25 -4.68 12.23
CA GLU A 123 4.27 -6.11 12.01
C GLU A 123 5.03 -6.45 10.73
N SER A 124 5.47 -7.69 10.64
CA SER A 124 6.15 -8.20 9.46
C SER A 124 6.01 -9.71 9.41
N LEU A 125 5.47 -10.22 8.32
CA LEU A 125 5.17 -11.64 8.21
C LEU A 125 5.86 -12.26 7.01
N SER A 126 6.54 -13.36 7.25
CA SER A 126 7.24 -14.06 6.19
C SER A 126 6.35 -15.18 5.66
N LEU A 127 6.29 -15.30 4.35
CA LEU A 127 5.44 -16.29 3.71
C LEU A 127 6.20 -17.60 3.52
N PRO A 128 5.64 -18.72 4.01
CA PRO A 128 6.25 -20.05 3.88
C PRO A 128 6.44 -20.46 2.42
N LYS A 129 7.57 -20.04 1.86
CA LYS A 129 7.90 -20.29 0.46
C LYS A 129 9.33 -19.85 0.21
N ASN A 130 9.66 -18.65 0.67
CA ASN A 130 11.01 -18.09 0.54
C ASN A 130 11.34 -17.29 1.78
N ASP A 131 12.41 -17.68 2.48
CA ASP A 131 12.83 -16.94 3.66
C ASP A 131 13.84 -15.86 3.28
N LEU A 132 14.39 -15.99 2.08
CA LEU A 132 15.26 -14.96 1.52
C LEU A 132 14.48 -13.65 1.41
N THR A 133 13.30 -13.73 0.80
CA THR A 133 12.40 -12.60 0.76
C THR A 133 11.82 -12.36 2.15
N PHE A 134 12.36 -11.35 2.82
CA PHE A 134 12.00 -11.03 4.20
C PHE A 134 10.50 -10.89 4.36
N GLU A 135 9.87 -10.24 3.40
CA GLU A 135 8.42 -10.18 3.33
C GLU A 135 7.99 -9.88 1.90
N PRO A 136 7.49 -10.90 1.18
CA PRO A 136 7.00 -10.75 -0.18
C PRO A 136 5.78 -9.84 -0.24
N VAL A 137 6.00 -8.60 -0.65
CA VAL A 137 4.94 -7.61 -0.68
C VAL A 137 4.57 -7.24 -2.11
N ALA A 138 5.55 -7.30 -3.01
CA ALA A 138 5.36 -6.91 -4.41
C ALA A 138 6.65 -7.16 -5.18
N LYS A 139 7.74 -6.60 -4.66
CA LYS A 139 9.04 -6.79 -5.28
C LYS A 139 9.82 -7.86 -4.51
N PRO A 140 10.57 -8.70 -5.24
CA PRO A 140 11.37 -9.76 -4.64
C PRO A 140 12.54 -9.21 -3.85
N LEU A 141 12.46 -9.32 -2.53
CA LEU A 141 13.51 -8.86 -1.65
C LEU A 141 14.64 -9.87 -1.60
N LYS A 142 15.60 -9.71 -2.50
CA LYS A 142 16.74 -10.61 -2.56
C LYS A 142 17.82 -10.17 -1.58
N GLU A 143 18.28 -8.94 -1.73
CA GLU A 143 19.34 -8.43 -0.89
C GLU A 143 19.25 -6.90 -0.80
N GLU A 144 18.69 -6.43 0.29
CA GLU A 144 18.53 -5.01 0.51
C GLU A 144 19.05 -4.65 1.90
N MET A 1 48.28 -16.42 -20.19
CA MET A 1 46.95 -16.33 -20.84
C MET A 1 46.48 -17.70 -21.31
N ALA A 2 45.45 -18.22 -20.65
CA ALA A 2 44.87 -19.49 -21.00
C ALA A 2 43.39 -19.53 -20.64
N HIS A 3 42.55 -19.13 -21.58
CA HIS A 3 41.11 -19.08 -21.34
C HIS A 3 40.35 -19.77 -22.47
N HIS A 4 41.09 -20.22 -23.48
CA HIS A 4 40.47 -20.84 -24.64
C HIS A 4 40.44 -22.36 -24.47
N HIS A 5 39.56 -22.82 -23.59
CA HIS A 5 39.42 -24.24 -23.33
C HIS A 5 38.02 -24.52 -22.82
N HIS A 6 37.64 -25.79 -22.74
CA HIS A 6 36.29 -26.19 -22.32
C HIS A 6 35.27 -25.61 -23.29
N HIS A 7 35.61 -25.63 -24.57
CA HIS A 7 34.76 -25.08 -25.60
C HIS A 7 34.31 -26.18 -26.56
N HIS A 8 35.29 -26.77 -27.26
CA HIS A 8 35.03 -27.84 -28.24
C HIS A 8 34.10 -27.35 -29.34
N VAL A 9 34.67 -26.94 -30.46
CA VAL A 9 33.88 -26.54 -31.62
C VAL A 9 33.08 -27.72 -32.14
N ASP A 10 31.88 -27.45 -32.62
CA ASP A 10 31.01 -28.51 -33.09
C ASP A 10 30.20 -28.06 -34.30
N ASP A 11 30.55 -28.57 -35.46
CA ASP A 11 29.85 -28.25 -36.70
C ASP A 11 29.70 -29.49 -37.55
N ASP A 12 28.52 -29.68 -38.11
CA ASP A 12 28.29 -30.74 -39.07
C ASP A 12 28.60 -30.21 -40.47
N ASP A 13 28.63 -28.89 -40.57
CA ASP A 13 28.89 -28.20 -41.84
C ASP A 13 30.33 -28.43 -42.30
N LYS A 14 31.22 -28.76 -41.36
CA LYS A 14 32.63 -28.92 -41.65
C LYS A 14 32.88 -30.10 -42.61
N MET A 15 31.99 -31.09 -42.59
CA MET A 15 32.16 -32.27 -43.41
C MET A 15 31.26 -32.20 -44.64
N THR A 16 30.38 -31.21 -44.66
CA THR A 16 29.47 -31.03 -45.77
C THR A 16 28.92 -29.60 -45.79
N TYR A 17 29.37 -28.81 -46.75
CA TYR A 17 28.90 -27.44 -46.89
C TYR A 17 27.74 -27.38 -47.87
N VAL A 18 27.30 -28.54 -48.33
CA VAL A 18 26.16 -28.63 -49.23
C VAL A 18 24.91 -29.04 -48.47
N ARG A 19 25.06 -29.26 -47.16
CA ARG A 19 23.94 -29.63 -46.32
C ARG A 19 23.04 -28.42 -46.06
N ALA A 20 23.55 -27.48 -45.25
CA ALA A 20 22.87 -26.22 -44.97
C ALA A 20 21.43 -26.41 -44.48
N ILE A 21 21.30 -26.94 -43.27
CA ILE A 21 20.00 -27.13 -42.65
C ILE A 21 19.50 -25.81 -42.06
N PRO A 22 18.40 -25.27 -42.62
CA PRO A 22 17.83 -24.01 -42.16
C PRO A 22 16.97 -24.18 -40.92
N VAL A 23 17.12 -23.28 -39.95
CA VAL A 23 16.33 -23.31 -38.74
C VAL A 23 15.00 -22.61 -38.96
N SER A 24 13.96 -23.10 -38.30
CA SER A 24 12.63 -22.54 -38.44
C SER A 24 11.77 -22.88 -37.23
N ASN A 25 11.88 -22.05 -36.20
CA ASN A 25 11.12 -22.25 -34.97
C ASN A 25 9.82 -21.45 -35.02
N THR A 26 8.73 -22.12 -35.32
CA THR A 26 7.43 -21.48 -35.37
C THR A 26 6.65 -21.73 -34.07
N LYS A 27 6.83 -22.92 -33.52
CA LYS A 27 6.21 -23.28 -32.25
C LYS A 27 7.13 -22.88 -31.10
N SER A 28 7.06 -21.61 -30.73
CA SER A 28 7.92 -21.07 -29.70
C SER A 28 7.40 -21.40 -28.31
N ILE A 29 6.12 -21.74 -28.23
CA ILE A 29 5.54 -22.19 -26.97
C ILE A 29 5.22 -23.68 -27.07
N ALA A 30 5.52 -24.42 -26.01
CA ALA A 30 5.28 -25.85 -26.02
C ALA A 30 4.02 -26.20 -25.24
N GLY A 31 3.62 -25.29 -24.35
CA GLY A 31 2.44 -25.52 -23.55
C GLY A 31 1.54 -24.31 -23.50
N MET A 32 0.89 -24.00 -24.62
CA MET A 32 -0.06 -22.90 -24.67
C MET A 32 -1.25 -23.20 -23.77
N ARG A 33 -1.66 -22.22 -22.98
CA ARG A 33 -2.78 -22.42 -22.07
C ARG A 33 -4.00 -21.66 -22.58
N GLU A 34 -4.98 -22.40 -23.05
CA GLU A 34 -6.22 -21.81 -23.53
C GLU A 34 -6.94 -21.11 -22.38
N GLU A 35 -6.78 -21.66 -21.18
CA GLU A 35 -7.42 -21.11 -19.99
C GLU A 35 -6.81 -19.76 -19.61
N ASN A 36 -5.67 -19.42 -20.20
CA ASN A 36 -5.02 -18.13 -19.95
C ASN A 36 -5.97 -17.01 -20.32
N LEU A 37 -6.57 -17.16 -21.49
CA LEU A 37 -7.43 -16.14 -22.05
C LEU A 37 -8.89 -16.51 -21.82
N ASN A 38 -9.11 -17.65 -21.17
CA ASN A 38 -10.45 -18.09 -20.81
C ASN A 38 -10.84 -17.48 -19.47
N TYR A 39 -9.82 -17.23 -18.64
CA TYR A 39 -10.02 -16.65 -17.32
C TYR A 39 -10.78 -15.33 -17.41
N ILE A 40 -10.46 -14.53 -18.42
CA ILE A 40 -11.13 -13.26 -18.62
C ILE A 40 -12.47 -13.47 -19.32
N PHE A 41 -13.49 -13.81 -18.51
CA PHE A 41 -14.82 -14.12 -19.02
C PHE A 41 -15.47 -12.88 -19.64
N ASN A 42 -15.04 -11.71 -19.19
CA ASN A 42 -15.53 -10.46 -19.73
C ASN A 42 -15.11 -10.30 -21.19
N THR A 43 -16.10 -10.12 -22.06
CA THR A 43 -15.87 -10.03 -23.50
C THR A 43 -15.03 -8.80 -23.85
N SER A 44 -15.01 -7.83 -22.94
CA SER A 44 -14.21 -6.64 -23.13
C SER A 44 -12.73 -6.92 -22.85
N LEU A 45 -12.47 -8.13 -22.34
CA LEU A 45 -11.13 -8.61 -22.03
C LEU A 45 -10.48 -7.79 -20.92
N PHE A 46 -9.93 -6.63 -21.27
CA PHE A 46 -9.30 -5.76 -20.30
C PHE A 46 -10.28 -4.73 -19.76
N GLY A 47 -11.45 -4.66 -20.38
CA GLY A 47 -12.49 -3.77 -19.91
C GLY A 47 -12.75 -2.62 -20.87
N VAL A 48 -13.94 -2.05 -20.80
CA VAL A 48 -14.30 -0.91 -21.62
C VAL A 48 -13.80 0.37 -20.99
N TYR A 49 -14.16 0.57 -19.74
CA TYR A 49 -13.76 1.76 -19.00
C TYR A 49 -13.45 1.39 -17.56
N VAL A 50 -12.51 2.10 -16.96
CA VAL A 50 -12.15 1.88 -15.58
C VAL A 50 -12.55 3.09 -14.75
N PRO A 51 -13.66 3.00 -14.01
CA PRO A 51 -14.15 4.08 -13.18
C PRO A 51 -13.52 4.06 -11.79
N ALA A 52 -13.02 5.21 -11.36
CA ALA A 52 -12.38 5.33 -10.05
C ALA A 52 -13.41 5.25 -8.93
N ASP A 53 -14.68 5.38 -9.29
CA ASP A 53 -15.77 5.31 -8.33
C ASP A 53 -16.03 3.87 -7.90
N LEU A 54 -15.60 2.92 -8.70
CA LEU A 54 -15.78 1.51 -8.37
C LEU A 54 -14.53 0.98 -7.68
N ASN A 55 -14.72 0.05 -6.75
CA ASN A 55 -13.64 -0.56 -5.99
C ASN A 55 -12.89 0.49 -5.17
N GLU A 56 -13.63 1.52 -4.75
CA GLU A 56 -13.08 2.56 -3.90
C GLU A 56 -14.16 3.11 -3.00
N ASP A 57 -14.48 2.39 -1.95
CA ASP A 57 -15.46 2.83 -0.98
C ASP A 57 -14.86 3.96 -0.14
N ASN A 58 -13.59 3.75 0.25
CA ASN A 58 -12.77 4.77 0.91
C ASN A 58 -13.23 5.07 2.33
N VAL A 59 -14.45 4.65 2.66
CA VAL A 59 -15.03 4.91 3.98
C VAL A 59 -14.14 4.39 5.11
N LYS A 60 -13.44 3.30 4.85
CA LYS A 60 -12.58 2.70 5.86
C LYS A 60 -11.11 2.70 5.41
N GLN A 61 -10.74 3.73 4.65
CA GLN A 61 -9.34 3.90 4.25
C GLN A 61 -8.64 4.89 5.18
N SER A 62 -9.27 5.17 6.30
CA SER A 62 -8.74 6.11 7.26
C SER A 62 -8.19 5.39 8.49
N MET A 63 -7.23 4.50 8.28
CA MET A 63 -6.58 3.79 9.38
C MET A 63 -5.77 4.78 10.20
N LEU A 64 -4.85 5.45 9.52
CA LEU A 64 -4.02 6.45 10.15
C LEU A 64 -4.13 7.76 9.39
N ASN A 65 -5.04 7.77 8.42
CA ASN A 65 -5.23 8.91 7.51
C ASN A 65 -3.96 9.16 6.69
N VAL A 66 -3.24 8.08 6.46
CA VAL A 66 -2.03 8.14 5.67
C VAL A 66 -2.30 7.60 4.27
N THR A 67 -2.12 8.45 3.27
CA THR A 67 -2.35 8.07 1.89
C THR A 67 -1.04 7.97 1.13
N LEU A 68 -0.62 6.74 0.85
CA LEU A 68 0.57 6.49 0.06
C LEU A 68 0.28 6.73 -1.41
N VAL A 69 0.72 7.87 -1.93
CA VAL A 69 0.46 8.24 -3.30
C VAL A 69 1.64 7.89 -4.21
N GLY A 70 2.69 7.33 -3.63
CA GLY A 70 3.81 6.88 -4.42
C GLY A 70 5.11 6.83 -3.64
N ILE A 71 6.15 6.29 -4.25
CA ILE A 71 7.45 6.22 -3.63
C ILE A 71 8.49 6.90 -4.51
N LEU A 72 9.28 7.76 -3.91
CA LEU A 72 10.26 8.54 -4.63
C LEU A 72 11.64 7.86 -4.52
N PHE A 73 11.93 7.00 -5.47
CA PHE A 73 13.16 6.24 -5.47
C PHE A 73 14.38 7.13 -5.72
N ALA A 74 15.53 6.67 -5.25
CA ALA A 74 16.78 7.40 -5.42
C ALA A 74 17.89 6.41 -5.77
N ASP A 75 19.12 6.91 -5.94
CA ASP A 75 20.26 6.05 -6.22
C ASP A 75 20.39 4.96 -5.17
N LYS A 76 20.34 5.38 -3.91
CA LYS A 76 20.29 4.43 -2.81
C LYS A 76 18.85 4.28 -2.34
N ILE A 77 18.48 3.06 -1.99
CA ILE A 77 17.13 2.77 -1.55
C ILE A 77 16.91 3.32 -0.15
N GLU A 78 17.97 3.41 0.63
CA GLU A 78 17.89 3.97 1.97
C GLU A 78 17.92 5.49 1.94
N GLU A 79 18.26 6.05 0.79
CA GLU A 79 18.32 7.49 0.61
C GLU A 79 17.09 7.98 -0.16
N SER A 80 16.14 7.08 -0.36
CA SER A 80 14.93 7.42 -1.10
C SER A 80 13.95 8.15 -0.21
N GLN A 81 12.91 8.71 -0.82
CA GLN A 81 11.86 9.37 -0.08
C GLN A 81 10.53 8.71 -0.37
N VAL A 82 9.61 8.80 0.57
CA VAL A 82 8.29 8.26 0.36
C VAL A 82 7.28 9.39 0.19
N ILE A 83 6.43 9.27 -0.81
CA ILE A 83 5.47 10.33 -1.12
C ILE A 83 4.14 10.04 -0.44
N ILE A 84 3.89 10.74 0.65
CA ILE A 84 2.69 10.48 1.45
C ILE A 84 1.85 11.74 1.58
N ARG A 85 0.55 11.57 1.39
CA ARG A 85 -0.40 12.64 1.64
C ARG A 85 -1.14 12.35 2.94
N SER A 86 -0.90 13.19 3.93
CA SER A 86 -1.44 12.96 5.26
C SER A 86 -2.89 13.46 5.37
N ALA A 87 -3.44 13.41 6.59
CA ALA A 87 -4.81 13.86 6.83
C ALA A 87 -4.97 15.34 6.46
N SER A 88 -3.87 16.07 6.59
CA SER A 88 -3.84 17.49 6.27
C SER A 88 -4.21 17.75 4.81
N GLY A 89 -4.02 16.74 3.97
CA GLY A 89 -4.27 16.89 2.56
C GLY A 89 -3.00 17.24 1.80
N GLU A 90 -1.94 17.45 2.55
CA GLU A 90 -0.65 17.81 1.98
C GLU A 90 0.09 16.57 1.49
N GLU A 91 0.47 16.59 0.22
CA GLU A 91 1.33 15.56 -0.35
C GLU A 91 2.78 15.96 -0.15
N LYS A 92 3.49 15.21 0.68
CA LYS A 92 4.86 15.56 1.01
C LYS A 92 5.77 14.35 0.86
N THR A 93 7.04 14.61 0.59
CA THR A 93 8.03 13.55 0.52
C THR A 93 8.75 13.44 1.86
N TYR A 94 8.65 12.29 2.46
CA TYR A 94 9.20 12.07 3.79
C TYR A 94 10.44 11.19 3.72
N ASN A 95 11.31 11.37 4.69
CA ASN A 95 12.58 10.65 4.73
C ASN A 95 12.48 9.45 5.66
N VAL A 96 13.31 8.44 5.42
CA VAL A 96 13.33 7.26 6.26
C VAL A 96 13.77 7.61 7.68
N GLY A 97 12.94 7.24 8.65
CA GLY A 97 13.26 7.54 10.04
C GLY A 97 12.51 8.77 10.53
N ASP A 98 11.80 9.42 9.61
CA ASP A 98 11.04 10.61 9.94
C ASP A 98 9.62 10.23 10.38
N LYS A 99 8.98 11.09 11.16
CA LYS A 99 7.63 10.83 11.63
C LYS A 99 6.63 11.52 10.71
N ILE A 100 5.65 10.77 10.25
CA ILE A 100 4.67 11.29 9.31
C ILE A 100 3.38 11.66 10.04
N PRO A 101 2.79 12.82 9.69
CA PRO A 101 1.51 13.26 10.26
C PRO A 101 0.43 12.20 10.07
N GLY A 102 -0.11 11.74 11.17
CA GLY A 102 -1.11 10.69 11.14
C GLY A 102 -0.93 9.72 12.29
N GLY A 103 0.23 9.79 12.95
CA GLY A 103 0.48 8.93 14.09
C GLY A 103 1.38 7.76 13.73
N ALA A 104 2.23 7.93 12.73
CA ALA A 104 3.12 6.88 12.30
C ALA A 104 4.52 7.42 12.01
N THR A 105 5.48 6.52 11.88
CA THR A 105 6.84 6.90 11.54
C THR A 105 7.44 5.86 10.60
N ILE A 106 8.31 6.33 9.71
CA ILE A 106 8.93 5.47 8.72
C ILE A 106 10.12 4.73 9.30
N LYS A 107 10.08 3.41 9.24
CA LYS A 107 11.18 2.60 9.75
C LYS A 107 12.14 2.23 8.62
N ARG A 108 11.59 1.76 7.51
CA ARG A 108 12.40 1.37 6.37
C ARG A 108 11.62 1.51 5.08
N ILE A 109 12.26 2.11 4.08
CA ILE A 109 11.66 2.27 2.76
C ILE A 109 12.17 1.18 1.82
N MET A 110 11.46 0.06 1.79
CA MET A 110 11.80 -1.03 0.88
C MET A 110 11.14 -0.80 -0.48
N PRO A 111 11.78 -1.27 -1.56
CA PRO A 111 11.24 -1.13 -2.92
C PRO A 111 9.91 -1.84 -3.09
N GLY A 112 9.68 -2.85 -2.28
CA GLY A 112 8.44 -3.60 -2.35
C GLY A 112 7.42 -3.15 -1.32
N GLY A 113 7.75 -2.11 -0.57
CA GLY A 113 6.82 -1.59 0.42
C GLY A 113 7.51 -0.82 1.53
N VAL A 114 6.88 0.26 1.98
CA VAL A 114 7.44 1.09 3.04
C VAL A 114 6.90 0.66 4.40
N LEU A 115 7.81 0.33 5.30
CA LEU A 115 7.42 -0.13 6.63
C LEU A 115 7.28 1.06 7.58
N VAL A 116 6.06 1.29 8.05
CA VAL A 116 5.81 2.34 9.02
C VAL A 116 5.32 1.72 10.32
N GLU A 117 5.65 2.37 11.43
CA GLU A 117 5.26 1.86 12.74
C GLU A 117 3.95 2.49 13.20
N ARG A 118 3.00 1.64 13.56
CA ARG A 118 1.68 2.08 14.00
C ARG A 118 1.53 1.86 15.50
N ASP A 119 1.85 2.90 16.27
CA ASP A 119 1.68 2.88 17.74
C ASP A 119 2.50 1.77 18.38
N GLY A 120 3.57 1.36 17.72
CA GLY A 120 4.39 0.29 18.24
C GLY A 120 4.34 -0.94 17.34
N THR A 121 3.26 -1.08 16.60
CA THR A 121 3.11 -2.20 15.68
C THR A 121 3.98 -1.98 14.45
N LEU A 122 4.81 -2.96 14.13
CA LEU A 122 5.70 -2.87 12.99
C LEU A 122 5.81 -4.22 12.33
N GLU A 123 6.09 -4.21 11.03
CA GLU A 123 6.18 -5.44 10.26
C GLU A 123 7.50 -5.50 9.51
N SER A 124 7.94 -6.71 9.23
CA SER A 124 9.19 -6.91 8.50
C SER A 124 8.91 -7.54 7.14
N LEU A 125 9.73 -7.20 6.16
CA LEU A 125 9.62 -7.79 4.84
C LEU A 125 10.82 -8.67 4.56
N SER A 126 10.54 -9.85 4.01
CA SER A 126 11.59 -10.77 3.63
C SER A 126 11.97 -10.55 2.17
N LEU A 127 13.14 -11.00 1.78
CA LEU A 127 13.61 -10.84 0.42
C LEU A 127 13.23 -12.06 -0.42
N PRO A 128 12.41 -11.85 -1.46
CA PRO A 128 11.94 -12.93 -2.32
C PRO A 128 13.04 -13.43 -3.25
N LYS A 129 12.81 -14.61 -3.83
CA LYS A 129 13.75 -15.23 -4.76
C LYS A 129 15.05 -15.64 -4.04
N ASN A 130 14.99 -15.70 -2.71
CA ASN A 130 16.12 -16.15 -1.91
C ASN A 130 15.65 -17.22 -0.94
N ASP A 131 16.16 -18.42 -1.13
CA ASP A 131 15.75 -19.57 -0.32
C ASP A 131 16.71 -19.79 0.85
N LEU A 132 17.82 -19.08 0.82
CA LEU A 132 18.84 -19.23 1.86
C LEU A 132 18.67 -18.18 2.94
N THR A 133 18.84 -16.92 2.55
CA THR A 133 18.76 -15.83 3.49
C THR A 133 17.47 -15.04 3.28
N PHE A 134 16.40 -15.55 3.88
CA PHE A 134 15.07 -14.96 3.72
C PHE A 134 15.03 -13.51 4.21
N GLU A 135 15.56 -13.27 5.40
CA GLU A 135 15.52 -11.95 6.00
C GLU A 135 16.91 -11.51 6.44
N PRO A 136 17.71 -10.95 5.52
CA PRO A 136 19.07 -10.49 5.82
C PRO A 136 19.11 -9.08 6.38
N VAL A 137 17.97 -8.59 6.84
CA VAL A 137 17.88 -7.23 7.36
C VAL A 137 18.46 -7.13 8.77
N ALA A 138 18.61 -8.26 9.43
CA ALA A 138 19.16 -8.28 10.78
C ALA A 138 20.00 -9.53 11.03
N LYS A 139 19.34 -10.68 11.01
CA LYS A 139 20.01 -11.94 11.25
C LYS A 139 20.38 -12.62 9.94
N PRO A 140 21.59 -13.18 9.87
CA PRO A 140 22.03 -13.93 8.70
C PRO A 140 21.44 -15.34 8.71
N LEU A 141 20.52 -15.59 7.80
CA LEU A 141 19.88 -16.89 7.70
C LEU A 141 20.56 -17.72 6.62
N LYS A 142 20.85 -18.97 6.95
CA LYS A 142 21.47 -19.89 6.00
C LYS A 142 20.52 -21.04 5.71
N GLU A 143 19.75 -21.42 6.72
CA GLU A 143 18.74 -22.46 6.59
C GLU A 143 17.91 -22.52 7.87
N GLU A 144 17.65 -21.37 8.45
CA GLU A 144 16.88 -21.28 9.68
C GLU A 144 15.44 -20.88 9.39
N MET A 1 17.13 -30.80 -3.18
CA MET A 1 17.50 -29.96 -2.03
C MET A 1 18.92 -29.45 -2.18
N ALA A 2 19.18 -28.25 -1.69
CA ALA A 2 20.50 -27.65 -1.81
C ALA A 2 20.93 -27.03 -0.49
N HIS A 3 22.08 -27.49 0.01
CA HIS A 3 22.68 -26.96 1.24
C HIS A 3 21.74 -27.14 2.43
N HIS A 4 21.13 -28.31 2.52
CA HIS A 4 20.25 -28.65 3.64
C HIS A 4 20.47 -30.08 4.07
N HIS A 5 21.52 -30.30 4.83
CA HIS A 5 21.89 -31.64 5.27
C HIS A 5 21.07 -32.07 6.48
N HIS A 6 20.86 -31.15 7.39
CA HIS A 6 20.13 -31.45 8.61
C HIS A 6 18.78 -30.73 8.61
N HIS A 7 18.79 -29.48 8.17
CA HIS A 7 17.56 -28.70 8.10
C HIS A 7 16.81 -29.01 6.81
N HIS A 8 16.12 -30.14 6.79
CA HIS A 8 15.36 -30.54 5.62
C HIS A 8 14.04 -29.79 5.58
N VAL A 9 14.04 -28.63 4.94
CA VAL A 9 12.84 -27.82 4.81
C VAL A 9 11.95 -28.34 3.69
N ASP A 10 11.70 -29.64 3.72
CA ASP A 10 10.86 -30.28 2.73
C ASP A 10 9.41 -29.89 2.94
N ASP A 11 8.95 -28.96 2.14
CA ASP A 11 7.55 -28.53 2.17
C ASP A 11 6.98 -28.60 0.77
N ASP A 12 7.82 -29.05 -0.15
CA ASP A 12 7.49 -29.05 -1.57
C ASP A 12 6.83 -30.36 -1.96
N ASP A 13 6.19 -31.03 -1.01
CA ASP A 13 5.48 -32.26 -1.29
C ASP A 13 4.24 -31.98 -2.13
N LYS A 14 3.66 -30.79 -1.93
CA LYS A 14 2.55 -30.34 -2.74
C LYS A 14 3.06 -29.67 -4.01
N MET A 15 4.38 -29.56 -4.13
CA MET A 15 4.99 -28.93 -5.29
C MET A 15 5.61 -29.97 -6.22
N THR A 16 5.47 -31.24 -5.88
CA THR A 16 5.97 -32.31 -6.72
C THR A 16 5.10 -32.47 -7.96
N TYR A 17 3.95 -31.82 -7.93
CA TYR A 17 3.04 -31.81 -9.07
C TYR A 17 3.42 -30.66 -10.01
N VAL A 18 4.39 -29.87 -9.58
CA VAL A 18 4.85 -28.72 -10.34
C VAL A 18 6.27 -28.96 -10.83
N ARG A 19 6.42 -29.19 -12.12
CA ARG A 19 7.74 -29.40 -12.69
C ARG A 19 8.38 -28.06 -13.02
N ALA A 20 9.34 -27.67 -12.19
CA ALA A 20 10.02 -26.39 -12.35
C ALA A 20 11.11 -26.48 -13.41
N ILE A 21 11.33 -27.69 -13.90
CA ILE A 21 12.29 -27.94 -14.96
C ILE A 21 11.84 -27.26 -16.25
N PRO A 22 12.68 -26.38 -16.81
CA PRO A 22 12.38 -25.68 -18.07
C PRO A 22 12.10 -26.64 -19.22
N VAL A 23 10.91 -26.55 -19.80
CA VAL A 23 10.56 -27.33 -20.97
C VAL A 23 10.51 -26.42 -22.18
N SER A 24 9.79 -25.32 -22.05
CA SER A 24 9.68 -24.35 -23.12
C SER A 24 10.80 -23.32 -23.01
N ASN A 25 12.00 -23.72 -23.41
CA ASN A 25 13.15 -22.84 -23.37
C ASN A 25 13.01 -21.76 -24.43
N THR A 26 12.36 -22.11 -25.52
CA THR A 26 12.14 -21.18 -26.61
C THR A 26 10.70 -21.29 -27.10
N LYS A 27 10.19 -20.21 -27.67
CA LYS A 27 8.82 -20.19 -28.18
C LYS A 27 8.79 -19.66 -29.60
N SER A 28 7.87 -20.19 -30.40
CA SER A 28 7.71 -19.77 -31.78
C SER A 28 6.88 -18.49 -31.84
N ILE A 29 6.15 -18.22 -30.77
CA ILE A 29 5.41 -16.98 -30.64
C ILE A 29 5.18 -16.64 -29.17
N ALA A 30 5.82 -15.57 -28.72
CA ALA A 30 5.66 -15.11 -27.35
C ALA A 30 4.61 -14.00 -27.27
N GLY A 31 4.39 -13.34 -28.40
CA GLY A 31 3.39 -12.29 -28.45
C GLY A 31 2.05 -12.82 -28.92
N MET A 32 1.45 -13.67 -28.10
CA MET A 32 0.17 -14.27 -28.43
C MET A 32 -0.97 -13.28 -28.27
N ARG A 33 -0.90 -12.49 -27.21
CA ARG A 33 -1.97 -11.58 -26.87
C ARG A 33 -1.76 -10.21 -27.50
N GLU A 34 -1.85 -10.14 -28.82
CA GLU A 34 -1.74 -8.88 -29.52
C GLU A 34 -3.04 -8.09 -29.37
N GLU A 35 -4.12 -8.67 -29.85
CA GLU A 35 -5.44 -8.08 -29.74
C GLU A 35 -6.16 -8.59 -28.49
N ASN A 36 -5.73 -9.76 -28.01
CA ASN A 36 -6.35 -10.38 -26.84
C ASN A 36 -6.46 -9.42 -25.67
N LEU A 37 -5.34 -8.84 -25.28
CA LEU A 37 -5.32 -7.88 -24.18
C LEU A 37 -5.46 -6.45 -24.68
N ASN A 38 -5.67 -6.32 -25.98
CA ASN A 38 -5.80 -5.00 -26.60
C ASN A 38 -7.19 -4.45 -26.35
N TYR A 39 -8.21 -5.20 -26.78
CA TYR A 39 -9.58 -4.83 -26.48
C TYR A 39 -9.96 -5.34 -25.10
N ILE A 40 -9.58 -6.58 -24.81
CA ILE A 40 -9.87 -7.17 -23.51
C ILE A 40 -8.76 -6.84 -22.54
N PHE A 41 -8.78 -5.63 -22.02
CA PHE A 41 -7.81 -5.18 -21.03
C PHE A 41 -8.33 -5.49 -19.63
N ASN A 42 -9.48 -6.14 -19.57
CA ASN A 42 -10.08 -6.54 -18.31
C ASN A 42 -9.39 -7.78 -17.80
N THR A 43 -8.36 -7.58 -16.99
CA THR A 43 -7.53 -8.66 -16.46
C THR A 43 -8.35 -9.65 -15.65
N SER A 44 -9.32 -9.15 -14.91
CA SER A 44 -10.16 -9.98 -14.07
C SER A 44 -11.31 -10.58 -14.90
N LEU A 45 -11.39 -10.15 -16.16
CA LEU A 45 -12.45 -10.56 -17.09
C LEU A 45 -13.80 -10.02 -16.64
N PHE A 46 -13.75 -9.00 -15.79
CA PHE A 46 -14.95 -8.32 -15.31
C PHE A 46 -14.70 -6.83 -15.27
N GLY A 47 -15.75 -6.05 -15.45
CA GLY A 47 -15.62 -4.60 -15.40
C GLY A 47 -15.47 -4.08 -13.99
N VAL A 48 -14.30 -4.30 -13.42
CA VAL A 48 -14.01 -3.87 -12.06
C VAL A 48 -13.97 -2.34 -11.98
N TYR A 49 -14.67 -1.79 -11.00
CA TYR A 49 -14.73 -0.35 -10.80
C TYR A 49 -15.31 -0.04 -9.43
N VAL A 50 -14.54 0.66 -8.61
CA VAL A 50 -14.99 1.04 -7.28
C VAL A 50 -15.60 2.43 -7.32
N PRO A 51 -16.88 2.57 -6.93
CA PRO A 51 -17.59 3.84 -6.97
C PRO A 51 -16.97 4.88 -6.06
N ALA A 52 -16.62 6.03 -6.62
CA ALA A 52 -16.05 7.12 -5.85
C ALA A 52 -17.15 8.02 -5.30
N ASP A 53 -18.36 7.83 -5.80
CA ASP A 53 -19.52 8.56 -5.31
C ASP A 53 -19.89 8.08 -3.91
N LEU A 54 -19.81 6.77 -3.71
CA LEU A 54 -20.14 6.16 -2.44
C LEU A 54 -18.94 6.16 -1.52
N ASN A 55 -19.04 6.86 -0.40
CA ASN A 55 -17.98 6.85 0.59
C ASN A 55 -18.32 5.87 1.70
N GLU A 56 -18.03 4.61 1.45
CA GLU A 56 -18.29 3.56 2.42
C GLU A 56 -17.11 3.40 3.36
N ASP A 57 -17.39 3.22 4.65
CA ASP A 57 -16.35 3.00 5.64
C ASP A 57 -15.83 1.57 5.52
N ASN A 58 -15.06 1.34 4.48
CA ASN A 58 -14.56 0.02 4.15
C ASN A 58 -13.33 0.14 3.25
N VAL A 59 -13.50 0.82 2.13
CA VAL A 59 -12.43 0.99 1.16
C VAL A 59 -11.62 2.24 1.46
N LYS A 60 -10.30 2.09 1.57
CA LYS A 60 -9.41 3.21 1.81
C LYS A 60 -9.70 3.88 3.15
N GLN A 61 -9.54 3.12 4.22
CA GLN A 61 -9.76 3.64 5.56
C GLN A 61 -8.43 3.83 6.29
N SER A 62 -7.83 4.99 6.08
CA SER A 62 -6.57 5.31 6.74
C SER A 62 -6.83 6.06 8.04
N MET A 63 -6.87 5.32 9.14
CA MET A 63 -7.11 5.92 10.45
C MET A 63 -5.90 6.76 10.87
N LEU A 64 -4.72 6.31 10.48
CA LEU A 64 -3.49 7.04 10.74
C LEU A 64 -3.29 8.13 9.69
N ASN A 65 -4.28 8.27 8.81
CA ASN A 65 -4.29 9.31 7.78
C ASN A 65 -3.08 9.20 6.85
N VAL A 66 -2.62 7.97 6.67
CA VAL A 66 -1.47 7.70 5.83
C VAL A 66 -1.92 7.23 4.45
N THR A 67 -1.55 7.96 3.43
CA THR A 67 -1.89 7.61 2.06
C THR A 67 -0.63 7.46 1.22
N LEU A 68 -0.23 6.21 0.98
CA LEU A 68 0.95 5.94 0.16
C LEU A 68 0.61 6.13 -1.31
N VAL A 69 0.83 7.33 -1.81
CA VAL A 69 0.47 7.66 -3.19
C VAL A 69 1.59 7.30 -4.16
N GLY A 70 2.83 7.28 -3.68
CA GLY A 70 3.94 6.94 -4.52
C GLY A 70 5.25 6.86 -3.77
N ILE A 71 6.30 6.43 -4.45
CA ILE A 71 7.61 6.34 -3.84
C ILE A 71 8.64 7.07 -4.69
N LEU A 72 9.36 7.98 -4.06
CA LEU A 72 10.37 8.77 -4.74
C LEU A 72 11.71 8.04 -4.65
N PHE A 73 11.97 7.20 -5.62
CA PHE A 73 13.16 6.36 -5.61
C PHE A 73 14.42 7.16 -5.86
N ALA A 74 15.51 6.71 -5.29
CA ALA A 74 16.79 7.38 -5.43
C ALA A 74 17.90 6.35 -5.64
N ASP A 75 19.13 6.82 -5.77
CA ASP A 75 20.27 5.92 -5.95
C ASP A 75 20.44 5.05 -4.71
N LYS A 76 20.48 5.71 -3.55
CA LYS A 76 20.58 5.02 -2.28
C LYS A 76 19.21 4.89 -1.65
N ILE A 77 19.00 3.77 -0.96
CA ILE A 77 17.73 3.51 -0.32
C ILE A 77 17.55 4.40 0.91
N GLU A 78 18.68 4.82 1.48
CA GLU A 78 18.67 5.72 2.63
C GLU A 78 18.48 7.16 2.17
N GLU A 79 18.66 7.38 0.88
CA GLU A 79 18.46 8.70 0.28
C GLU A 79 17.11 8.77 -0.40
N SER A 80 16.45 7.61 -0.50
CA SER A 80 15.14 7.52 -1.12
C SER A 80 14.08 8.09 -0.19
N GLN A 81 13.03 8.63 -0.78
CA GLN A 81 11.95 9.24 -0.01
C GLN A 81 10.63 8.63 -0.41
N VAL A 82 9.67 8.65 0.50
CA VAL A 82 8.36 8.11 0.21
C VAL A 82 7.35 9.25 0.09
N ILE A 83 6.50 9.16 -0.91
CA ILE A 83 5.51 10.19 -1.18
C ILE A 83 4.18 9.81 -0.52
N ILE A 84 3.87 10.44 0.59
CA ILE A 84 2.68 10.11 1.35
C ILE A 84 1.78 11.33 1.51
N ARG A 85 0.49 11.14 1.29
CA ARG A 85 -0.48 12.19 1.50
C ARG A 85 -1.07 12.06 2.90
N SER A 86 -1.03 13.14 3.65
CA SER A 86 -1.55 13.17 5.00
C SER A 86 -3.02 13.60 4.98
N ALA A 87 -3.62 13.72 6.16
CA ALA A 87 -5.05 14.01 6.31
C ALA A 87 -5.46 15.26 5.55
N SER A 88 -4.72 16.34 5.77
CA SER A 88 -5.11 17.66 5.25
C SER A 88 -4.79 17.81 3.76
N GLY A 89 -4.71 16.69 3.04
CA GLY A 89 -4.44 16.73 1.62
C GLY A 89 -3.02 17.12 1.30
N GLU A 90 -2.13 16.90 2.26
CA GLU A 90 -0.73 17.23 2.08
C GLU A 90 0.01 16.06 1.45
N GLU A 91 0.40 16.21 0.20
CA GLU A 91 1.24 15.21 -0.44
C GLU A 91 2.69 15.66 -0.31
N LYS A 92 3.44 14.97 0.52
CA LYS A 92 4.80 15.39 0.84
C LYS A 92 5.74 14.20 0.80
N THR A 93 7.00 14.48 0.53
CA THR A 93 8.03 13.46 0.52
C THR A 93 8.65 13.33 1.89
N TYR A 94 8.56 12.14 2.46
CA TYR A 94 9.05 11.89 3.80
C TYR A 94 10.31 11.04 3.75
N ASN A 95 11.14 11.19 4.76
CA ASN A 95 12.42 10.49 4.82
C ASN A 95 12.32 9.30 5.74
N VAL A 96 13.22 8.34 5.55
CA VAL A 96 13.28 7.18 6.42
C VAL A 96 13.69 7.60 7.84
N GLY A 97 12.75 7.51 8.77
CA GLY A 97 13.00 7.93 10.12
C GLY A 97 12.17 9.13 10.52
N ASP A 98 11.41 9.66 9.56
CA ASP A 98 10.57 10.82 9.80
C ASP A 98 9.18 10.38 10.25
N LYS A 99 8.62 11.13 11.20
CA LYS A 99 7.29 10.82 11.71
C LYS A 99 6.22 11.46 10.84
N ILE A 100 5.46 10.64 10.16
CA ILE A 100 4.42 11.12 9.26
C ILE A 100 3.18 11.54 10.04
N PRO A 101 2.68 12.77 9.79
CA PRO A 101 1.50 13.31 10.48
C PRO A 101 0.28 12.41 10.31
N GLY A 102 -0.24 11.93 11.43
CA GLY A 102 -1.35 11.02 11.41
C GLY A 102 -1.26 10.00 12.54
N GLY A 103 -0.06 9.82 13.07
CA GLY A 103 0.14 8.93 14.19
C GLY A 103 1.03 7.75 13.87
N ALA A 104 1.82 7.89 12.80
CA ALA A 104 2.73 6.83 12.39
C ALA A 104 4.13 7.39 12.17
N THR A 105 5.09 6.51 11.96
CA THR A 105 6.46 6.93 11.70
C THR A 105 7.18 5.93 10.81
N ILE A 106 8.08 6.42 9.99
CA ILE A 106 8.81 5.58 9.06
C ILE A 106 10.06 5.02 9.72
N LYS A 107 10.18 3.70 9.75
CA LYS A 107 11.36 3.06 10.30
C LYS A 107 12.31 2.67 9.17
N ARG A 108 11.73 2.39 8.02
CA ARG A 108 12.50 2.01 6.84
C ARG A 108 11.67 2.25 5.58
N ILE A 109 12.32 2.67 4.51
CA ILE A 109 11.67 2.76 3.22
C ILE A 109 12.11 1.57 2.37
N MET A 110 11.16 0.94 1.69
CA MET A 110 11.45 -0.24 0.91
C MET A 110 11.34 0.07 -0.57
N PRO A 111 12.10 -0.65 -1.41
CA PRO A 111 12.08 -0.45 -2.87
C PRO A 111 10.69 -0.59 -3.47
N GLY A 112 9.84 -1.38 -2.83
CA GLY A 112 8.49 -1.56 -3.31
C GLY A 112 7.44 -1.17 -2.30
N GLY A 113 7.81 -0.40 -1.28
CA GLY A 113 6.86 -0.02 -0.26
C GLY A 113 7.49 0.81 0.84
N VAL A 114 6.91 0.76 2.04
CA VAL A 114 7.44 1.50 3.17
C VAL A 114 7.14 0.75 4.46
N LEU A 115 8.10 0.79 5.37
CA LEU A 115 7.93 0.16 6.67
C LEU A 115 7.65 1.23 7.72
N VAL A 116 6.39 1.39 8.05
CA VAL A 116 5.97 2.39 9.01
C VAL A 116 5.35 1.73 10.23
N GLU A 117 5.56 2.33 11.39
CA GLU A 117 5.00 1.80 12.62
C GLU A 117 3.54 2.23 12.73
N ARG A 118 2.66 1.25 12.74
CA ARG A 118 1.22 1.50 12.67
C ARG A 118 0.56 1.20 14.01
N ASP A 119 0.17 2.26 14.72
CA ASP A 119 -0.51 2.13 16.01
C ASP A 119 0.37 1.42 17.03
N GLY A 120 1.68 1.59 16.87
CA GLY A 120 2.62 0.93 17.77
C GLY A 120 3.07 -0.42 17.24
N THR A 121 2.42 -0.86 16.17
CA THR A 121 2.74 -2.15 15.58
C THR A 121 3.81 -1.99 14.51
N LEU A 122 4.89 -2.75 14.65
CA LEU A 122 5.96 -2.71 13.68
C LEU A 122 6.36 -4.13 13.29
N GLU A 123 6.85 -4.29 12.08
CA GLU A 123 7.25 -5.59 11.59
C GLU A 123 8.71 -5.56 11.17
N SER A 124 9.29 -6.73 10.99
CA SER A 124 10.68 -6.84 10.56
C SER A 124 10.84 -8.06 9.65
N LEU A 125 11.82 -8.00 8.77
CA LEU A 125 12.05 -9.05 7.80
C LEU A 125 13.52 -9.39 7.70
N SER A 126 13.84 -10.32 6.83
CA SER A 126 15.21 -10.72 6.59
C SER A 126 15.36 -11.20 5.15
N LEU A 127 16.50 -10.90 4.55
CA LEU A 127 16.77 -11.32 3.19
C LEU A 127 17.25 -12.77 3.17
N PRO A 128 16.69 -13.61 2.30
CA PRO A 128 17.10 -15.01 2.15
C PRO A 128 18.48 -15.12 1.48
N LYS A 129 19.46 -14.45 2.06
CA LYS A 129 20.81 -14.45 1.54
C LYS A 129 21.46 -15.80 1.80
N ASN A 130 21.09 -16.42 2.92
CA ASN A 130 21.58 -17.73 3.28
C ASN A 130 20.63 -18.37 4.29
N ASP A 131 21.03 -19.47 4.91
CA ASP A 131 20.16 -20.19 5.84
C ASP A 131 19.91 -19.39 7.11
N LEU A 132 20.87 -18.57 7.49
CA LEU A 132 20.73 -17.74 8.68
C LEU A 132 19.94 -16.48 8.36
N THR A 133 19.10 -16.07 9.30
CA THR A 133 18.23 -14.92 9.13
C THR A 133 18.99 -13.60 9.30
N PHE A 134 19.92 -13.36 8.40
CA PHE A 134 20.73 -12.15 8.44
C PHE A 134 20.10 -11.05 7.59
N GLU A 135 20.09 -9.85 8.12
CA GLU A 135 19.60 -8.69 7.39
C GLU A 135 20.70 -7.65 7.26
N PRO A 136 21.15 -7.41 6.02
CA PRO A 136 22.14 -6.37 5.74
C PRO A 136 21.50 -5.02 5.45
N VAL A 137 20.18 -4.98 5.50
CA VAL A 137 19.43 -3.78 5.17
C VAL A 137 19.46 -2.78 6.32
N ALA A 138 19.96 -1.58 6.03
CA ALA A 138 20.10 -0.51 7.01
C ALA A 138 21.12 -0.88 8.09
N LYS A 139 20.68 -1.61 9.10
CA LYS A 139 21.55 -2.03 10.17
C LYS A 139 21.97 -3.49 9.98
N PRO A 140 23.27 -3.75 9.83
CA PRO A 140 23.81 -5.10 9.78
C PRO A 140 23.61 -5.84 11.10
N LEU A 141 22.74 -6.84 11.07
CA LEU A 141 22.43 -7.61 12.28
C LEU A 141 23.66 -8.28 12.85
N LYS A 142 23.77 -8.26 14.17
CA LYS A 142 24.87 -8.91 14.87
C LYS A 142 24.54 -10.38 15.12
N GLU A 143 23.26 -10.68 15.02
CA GLU A 143 22.78 -12.04 15.14
C GLU A 143 22.11 -12.44 13.84
N GLU A 144 22.48 -13.60 13.32
CA GLU A 144 21.87 -14.10 12.11
C GLU A 144 20.84 -15.18 12.47
N MET A 1 -13.18 17.06 -0.48
CA MET A 1 -14.30 17.81 -1.09
C MET A 1 -15.63 17.46 -0.42
N ALA A 2 -15.62 17.43 0.90
CA ALA A 2 -16.84 17.17 1.66
C ALA A 2 -16.77 17.87 3.01
N HIS A 3 -17.74 18.71 3.29
CA HIS A 3 -17.75 19.46 4.54
C HIS A 3 -18.70 18.83 5.55
N HIS A 4 -19.72 18.14 5.07
CA HIS A 4 -20.71 17.54 5.95
C HIS A 4 -21.33 16.30 5.32
N HIS A 5 -20.49 15.29 5.10
CA HIS A 5 -20.98 13.99 4.65
C HIS A 5 -20.48 12.91 5.59
N HIS A 6 -19.63 13.31 6.53
CA HIS A 6 -19.14 12.39 7.56
C HIS A 6 -19.81 12.68 8.88
N HIS A 7 -20.69 11.78 9.30
CA HIS A 7 -21.38 11.92 10.56
C HIS A 7 -20.89 10.86 11.54
N HIS A 8 -19.58 10.75 11.67
CA HIS A 8 -18.99 9.73 12.52
C HIS A 8 -18.89 10.22 13.96
N VAL A 9 -20.06 10.47 14.54
CA VAL A 9 -20.15 10.90 15.93
C VAL A 9 -21.27 10.12 16.63
N ASP A 10 -21.72 9.07 15.99
CA ASP A 10 -22.84 8.27 16.50
C ASP A 10 -22.32 7.02 17.21
N ASP A 11 -21.01 6.92 17.33
CA ASP A 11 -20.39 5.74 17.93
C ASP A 11 -20.35 5.87 19.45
N ASP A 12 -21.51 5.90 20.08
CA ASP A 12 -21.60 6.03 21.53
C ASP A 12 -21.22 4.73 22.21
N ASP A 13 -21.09 3.67 21.42
CA ASP A 13 -20.58 2.41 21.93
C ASP A 13 -19.06 2.50 22.08
N LYS A 14 -18.44 3.27 21.22
CA LYS A 14 -17.00 3.49 21.28
C LYS A 14 -16.67 4.65 22.22
N MET A 15 -17.36 5.75 22.02
CA MET A 15 -17.10 6.98 22.77
C MET A 15 -18.06 7.11 23.95
N THR A 16 -18.40 5.96 24.54
CA THR A 16 -19.37 5.88 25.64
C THR A 16 -19.14 6.95 26.71
N TYR A 17 -20.02 7.95 26.71
CA TYR A 17 -19.95 9.03 27.69
C TYR A 17 -20.94 8.77 28.82
N VAL A 18 -22.10 8.22 28.49
CA VAL A 18 -23.10 7.89 29.49
C VAL A 18 -22.93 6.45 29.95
N ARG A 19 -23.11 6.22 31.23
CA ARG A 19 -22.90 4.89 31.80
C ARG A 19 -24.17 4.05 31.66
N ALA A 20 -24.54 3.76 30.43
CA ALA A 20 -25.72 2.95 30.15
C ALA A 20 -25.45 1.49 30.47
N ILE A 21 -24.23 1.05 30.19
CA ILE A 21 -23.81 -0.31 30.49
C ILE A 21 -23.33 -0.41 31.94
N PRO A 22 -23.59 -1.55 32.60
CA PRO A 22 -23.17 -1.77 33.99
C PRO A 22 -21.69 -2.09 34.09
N VAL A 23 -20.97 -1.31 34.88
CA VAL A 23 -19.55 -1.56 35.08
C VAL A 23 -19.32 -2.43 36.31
N SER A 24 -19.35 -3.74 36.09
CA SER A 24 -19.15 -4.69 37.16
C SER A 24 -18.47 -5.94 36.60
N ASN A 25 -17.18 -6.07 36.90
CA ASN A 25 -16.40 -7.19 36.39
C ASN A 25 -16.74 -8.47 37.12
N THR A 26 -17.08 -9.50 36.36
CA THR A 26 -17.35 -10.81 36.92
C THR A 26 -16.03 -11.50 37.25
N LYS A 27 -14.95 -11.01 36.66
CA LYS A 27 -13.62 -11.45 37.01
C LYS A 27 -12.89 -10.32 37.73
N SER A 28 -12.85 -10.41 39.05
CA SER A 28 -12.26 -9.38 39.88
C SER A 28 -10.77 -9.24 39.59
N ILE A 29 -10.11 -10.36 39.31
CA ILE A 29 -8.71 -10.35 38.97
C ILE A 29 -8.41 -11.42 37.92
N ALA A 30 -8.14 -10.97 36.71
CA ALA A 30 -7.83 -11.88 35.61
C ALA A 30 -6.34 -12.20 35.60
N GLY A 31 -5.53 -11.16 35.53
CA GLY A 31 -4.09 -11.32 35.53
C GLY A 31 -3.38 -10.01 35.68
N MET A 32 -2.36 -9.77 34.85
CA MET A 32 -1.63 -8.53 34.88
C MET A 32 -2.09 -7.62 33.74
N ARG A 33 -2.28 -8.21 32.57
CA ARG A 33 -2.73 -7.48 31.39
C ARG A 33 -3.19 -8.44 30.28
N GLU A 34 -4.08 -9.37 30.62
CA GLU A 34 -4.55 -10.33 29.64
C GLU A 34 -5.41 -9.66 28.57
N GLU A 35 -5.97 -8.49 28.89
CA GLU A 35 -6.75 -7.73 27.92
C GLU A 35 -5.84 -7.20 26.81
N ASN A 36 -4.57 -7.00 27.14
CA ASN A 36 -3.56 -6.61 26.15
C ASN A 36 -3.53 -7.63 25.03
N LEU A 37 -3.39 -8.89 25.43
CA LEU A 37 -3.32 -10.00 24.50
C LEU A 37 -4.64 -10.18 23.76
N ASN A 38 -5.72 -9.72 24.39
CA ASN A 38 -7.05 -9.76 23.79
C ASN A 38 -7.14 -8.72 22.67
N TYR A 39 -6.60 -7.54 22.92
CA TYR A 39 -6.67 -6.45 21.98
C TYR A 39 -5.70 -6.65 20.81
N ILE A 40 -4.49 -7.09 21.11
CA ILE A 40 -3.49 -7.31 20.08
C ILE A 40 -3.72 -8.66 19.40
N PHE A 41 -3.10 -8.84 18.24
CA PHE A 41 -3.26 -10.07 17.48
C PHE A 41 -1.89 -10.69 17.20
N ASN A 42 -1.32 -11.33 18.21
CA ASN A 42 -0.03 -11.99 18.06
C ASN A 42 -0.25 -13.50 18.00
N THR A 43 -1.51 -13.90 18.04
CA THR A 43 -1.87 -15.31 18.01
C THR A 43 -1.51 -15.95 16.68
N SER A 44 -1.94 -15.33 15.60
CA SER A 44 -1.63 -15.82 14.26
C SER A 44 -0.81 -14.78 13.50
N LEU A 45 -0.27 -13.81 14.26
CA LEU A 45 0.55 -12.73 13.70
C LEU A 45 -0.26 -11.86 12.73
N PHE A 46 -0.30 -12.26 11.46
CA PHE A 46 -1.07 -11.54 10.46
C PHE A 46 -2.39 -12.28 10.19
N GLY A 47 -2.30 -13.59 10.21
CA GLY A 47 -3.46 -14.41 9.97
C GLY A 47 -3.08 -15.74 9.33
N VAL A 48 -3.83 -16.78 9.65
CA VAL A 48 -3.56 -18.09 9.10
C VAL A 48 -3.99 -18.15 7.64
N TYR A 49 -5.23 -17.76 7.40
CA TYR A 49 -5.76 -17.72 6.05
C TYR A 49 -5.92 -16.28 5.60
N VAL A 50 -5.45 -15.99 4.40
CA VAL A 50 -5.46 -14.63 3.90
C VAL A 50 -6.66 -14.39 2.97
N PRO A 51 -7.53 -13.47 3.34
CA PRO A 51 -8.69 -13.09 2.52
C PRO A 51 -8.28 -12.22 1.35
N ALA A 52 -9.08 -12.24 0.30
CA ALA A 52 -8.82 -11.43 -0.90
C ALA A 52 -9.27 -9.99 -0.66
N ASP A 53 -10.01 -9.79 0.42
CA ASP A 53 -10.48 -8.46 0.79
C ASP A 53 -9.35 -7.64 1.39
N LEU A 54 -8.92 -8.04 2.59
CA LEU A 54 -7.87 -7.34 3.32
C LEU A 54 -8.28 -5.90 3.60
N ASN A 55 -9.33 -5.74 4.40
CA ASN A 55 -9.84 -4.42 4.75
C ASN A 55 -9.49 -4.07 6.18
N GLU A 56 -8.51 -4.76 6.72
CA GLU A 56 -8.02 -4.50 8.07
C GLU A 56 -7.42 -3.10 8.12
N ASP A 57 -6.62 -2.80 7.10
CA ASP A 57 -6.11 -1.46 6.88
C ASP A 57 -6.74 -0.91 5.61
N ASN A 58 -8.01 -0.54 5.73
CA ASN A 58 -8.78 -0.05 4.60
C ASN A 58 -8.22 1.28 4.10
N VAL A 59 -7.82 1.31 2.83
CA VAL A 59 -7.18 2.50 2.27
C VAL A 59 -8.19 3.63 2.04
N LYS A 60 -9.47 3.30 2.13
CA LYS A 60 -10.52 4.30 2.00
C LYS A 60 -10.88 4.88 3.37
N GLN A 61 -10.22 4.37 4.40
CA GLN A 61 -10.49 4.81 5.76
C GLN A 61 -9.30 5.56 6.32
N SER A 62 -9.58 6.54 7.16
CA SER A 62 -8.53 7.33 7.77
C SER A 62 -8.11 6.70 9.09
N MET A 63 -7.40 5.58 9.00
CA MET A 63 -6.90 4.88 10.19
C MET A 63 -5.73 5.64 10.78
N LEU A 64 -4.57 5.54 10.13
CA LEU A 64 -3.39 6.26 10.57
C LEU A 64 -3.20 7.50 9.73
N ASN A 65 -4.14 7.72 8.81
CA ASN A 65 -4.15 8.91 7.94
C ASN A 65 -2.93 8.93 7.02
N VAL A 66 -2.38 7.75 6.77
CA VAL A 66 -1.21 7.62 5.92
C VAL A 66 -1.62 7.20 4.52
N THR A 67 -1.32 8.03 3.54
CA THR A 67 -1.63 7.73 2.16
C THR A 67 -0.36 7.72 1.31
N LEU A 68 0.11 6.52 1.00
CA LEU A 68 1.31 6.36 0.19
C LEU A 68 0.93 6.46 -1.29
N VAL A 69 1.03 7.67 -1.85
CA VAL A 69 0.63 7.90 -3.22
C VAL A 69 1.78 7.60 -4.19
N GLY A 70 3.01 7.79 -3.75
CA GLY A 70 4.15 7.52 -4.61
C GLY A 70 5.44 7.36 -3.85
N ILE A 71 6.50 6.98 -4.57
CA ILE A 71 7.82 6.82 -3.98
C ILE A 71 8.87 7.32 -4.97
N LEU A 72 9.77 8.17 -4.49
CA LEU A 72 10.84 8.71 -5.33
C LEU A 72 12.08 7.83 -5.23
N PHE A 73 12.18 6.85 -6.12
CA PHE A 73 13.32 5.93 -6.13
C PHE A 73 14.61 6.69 -6.48
N ALA A 74 15.61 6.53 -5.63
CA ALA A 74 16.88 7.23 -5.81
C ALA A 74 18.05 6.24 -5.77
N ASP A 75 19.28 6.75 -5.76
CA ASP A 75 20.45 5.89 -5.70
C ASP A 75 20.60 5.26 -4.33
N LYS A 76 20.53 6.10 -3.31
CA LYS A 76 20.58 5.61 -1.93
C LYS A 76 19.18 5.32 -1.44
N ILE A 77 19.05 4.21 -0.73
CA ILE A 77 17.76 3.74 -0.26
C ILE A 77 17.19 4.68 0.81
N GLU A 78 18.08 5.34 1.53
CA GLU A 78 17.65 6.27 2.58
C GLU A 78 17.40 7.66 1.99
N GLU A 79 17.87 7.87 0.76
CA GLU A 79 17.66 9.14 0.06
C GLU A 79 16.44 9.02 -0.84
N SER A 80 15.94 7.80 -0.96
CA SER A 80 14.73 7.55 -1.72
C SER A 80 13.53 7.99 -0.90
N GLN A 81 13.06 9.20 -1.17
CA GLN A 81 11.97 9.78 -0.41
C GLN A 81 10.64 9.18 -0.81
N VAL A 82 9.73 9.10 0.14
CA VAL A 82 8.41 8.57 -0.12
C VAL A 82 7.39 9.69 -0.17
N ILE A 83 6.49 9.61 -1.13
CA ILE A 83 5.48 10.63 -1.33
C ILE A 83 4.21 10.25 -0.59
N ILE A 84 4.01 10.87 0.56
CA ILE A 84 2.89 10.52 1.43
C ILE A 84 1.98 11.72 1.63
N ARG A 85 0.69 11.49 1.52
CA ARG A 85 -0.31 12.52 1.80
C ARG A 85 -0.85 12.32 3.21
N SER A 86 -0.73 13.37 4.03
CA SER A 86 -1.13 13.30 5.42
C SER A 86 -2.64 13.57 5.57
N ALA A 87 -3.11 13.61 6.82
CA ALA A 87 -4.52 13.84 7.10
C ALA A 87 -5.00 15.17 6.54
N SER A 88 -4.13 16.18 6.62
CA SER A 88 -4.47 17.52 6.17
C SER A 88 -4.56 17.59 4.64
N GLY A 89 -4.13 16.53 3.97
CA GLY A 89 -4.13 16.52 2.53
C GLY A 89 -2.83 17.05 1.97
N GLU A 90 -1.79 17.03 2.78
CA GLU A 90 -0.48 17.48 2.35
C GLU A 90 0.29 16.32 1.74
N GLU A 91 0.48 16.36 0.42
CA GLU A 91 1.25 15.35 -0.27
C GLU A 91 2.70 15.81 -0.37
N LYS A 92 3.57 15.16 0.39
CA LYS A 92 4.96 15.61 0.49
C LYS A 92 5.91 14.42 0.56
N THR A 93 7.19 14.71 0.40
CA THR A 93 8.22 13.68 0.38
C THR A 93 8.93 13.59 1.72
N TYR A 94 8.98 12.38 2.26
CA TYR A 94 9.61 12.14 3.55
C TYR A 94 10.69 11.06 3.43
N ASN A 95 11.66 11.09 4.33
CA ASN A 95 12.74 10.11 4.32
C ASN A 95 12.53 9.08 5.41
N VAL A 96 13.36 8.03 5.40
CA VAL A 96 13.23 6.97 6.38
C VAL A 96 13.60 7.47 7.79
N GLY A 97 12.67 7.32 8.71
CA GLY A 97 12.88 7.78 10.07
C GLY A 97 12.03 8.99 10.38
N ASP A 98 11.34 9.50 9.37
CA ASP A 98 10.49 10.68 9.53
C ASP A 98 9.19 10.29 10.22
N LYS A 99 8.75 11.11 11.16
CA LYS A 99 7.49 10.89 11.82
C LYS A 99 6.37 11.63 11.09
N ILE A 100 5.52 10.87 10.43
CA ILE A 100 4.48 11.45 9.59
C ILE A 100 3.21 11.71 10.41
N PRO A 101 2.60 12.90 10.21
CA PRO A 101 1.40 13.30 10.95
C PRO A 101 0.21 12.40 10.66
N GLY A 102 -0.29 11.74 11.69
CA GLY A 102 -1.38 10.81 11.52
C GLY A 102 -1.37 9.74 12.59
N GLY A 103 -0.22 9.55 13.21
CA GLY A 103 -0.08 8.56 14.26
C GLY A 103 0.91 7.47 13.90
N ALA A 104 1.67 7.70 12.82
CA ALA A 104 2.62 6.69 12.35
C ALA A 104 4.00 7.32 12.10
N THR A 105 4.98 6.48 11.87
CA THR A 105 6.33 6.93 11.56
C THR A 105 7.00 5.94 10.60
N ILE A 106 7.84 6.46 9.72
CA ILE A 106 8.52 5.64 8.74
C ILE A 106 9.68 4.91 9.38
N LYS A 107 9.55 3.61 9.53
CA LYS A 107 10.59 2.79 10.14
C LYS A 107 11.55 2.28 9.09
N ARG A 108 11.05 2.09 7.87
CA ARG A 108 11.90 1.61 6.79
C ARG A 108 11.29 1.91 5.43
N ILE A 109 12.14 2.28 4.48
CA ILE A 109 11.73 2.43 3.10
C ILE A 109 12.44 1.38 2.26
N MET A 110 11.68 0.41 1.76
CA MET A 110 12.25 -0.64 0.93
C MET A 110 11.75 -0.52 -0.51
N PRO A 111 12.42 -1.14 -1.49
CA PRO A 111 12.00 -1.06 -2.89
C PRO A 111 10.54 -1.42 -3.09
N GLY A 112 10.08 -2.44 -2.38
CA GLY A 112 8.73 -2.93 -2.57
C GLY A 112 7.75 -2.49 -1.48
N GLY A 113 8.02 -1.37 -0.83
CA GLY A 113 7.06 -0.87 0.15
C GLY A 113 7.70 -0.07 1.26
N VAL A 114 6.90 0.33 2.24
CA VAL A 114 7.38 1.16 3.34
C VAL A 114 6.86 0.62 4.68
N LEU A 115 7.77 0.35 5.59
CA LEU A 115 7.40 -0.14 6.90
C LEU A 115 7.17 1.03 7.85
N VAL A 116 5.93 1.20 8.28
CA VAL A 116 5.57 2.25 9.20
C VAL A 116 5.08 1.67 10.52
N GLU A 117 5.42 2.33 11.62
CA GLU A 117 4.97 1.91 12.93
C GLU A 117 3.60 2.50 13.20
N ARG A 118 2.63 1.63 13.42
CA ARG A 118 1.25 2.07 13.57
C ARG A 118 0.64 1.52 14.85
N ASP A 119 0.50 2.41 15.84
CA ASP A 119 -0.08 2.06 17.14
C ASP A 119 0.76 1.00 17.83
N GLY A 120 2.08 1.12 17.67
CA GLY A 120 2.99 0.17 18.30
C GLY A 120 3.16 -1.10 17.49
N THR A 121 2.43 -1.20 16.39
CA THR A 121 2.52 -2.36 15.51
C THR A 121 3.60 -2.14 14.45
N LEU A 122 4.67 -2.91 14.57
CA LEU A 122 5.77 -2.86 13.61
C LEU A 122 6.46 -4.21 13.58
N GLU A 123 6.47 -4.83 12.41
CA GLU A 123 7.05 -6.16 12.27
C GLU A 123 8.28 -6.10 11.38
N SER A 124 9.24 -6.97 11.65
CA SER A 124 10.45 -7.06 10.85
C SER A 124 10.47 -8.38 10.11
N LEU A 125 11.34 -8.49 9.11
CA LEU A 125 11.42 -9.67 8.27
C LEU A 125 12.86 -10.10 8.10
N SER A 126 13.08 -11.16 7.33
CA SER A 126 14.43 -11.60 7.03
C SER A 126 14.47 -12.23 5.65
N LEU A 127 15.50 -11.88 4.88
CA LEU A 127 15.67 -12.41 3.54
C LEU A 127 16.39 -13.74 3.61
N PRO A 128 15.86 -14.77 2.93
CA PRO A 128 16.46 -16.11 2.92
C PRO A 128 17.71 -16.18 2.04
N LYS A 129 18.64 -15.26 2.30
CA LYS A 129 19.90 -15.22 1.57
C LYS A 129 20.82 -16.33 2.06
N ASN A 130 21.10 -16.33 3.35
CA ASN A 130 21.93 -17.37 3.96
C ASN A 130 21.29 -17.87 5.25
N ASP A 131 19.97 -17.66 5.35
CA ASP A 131 19.17 -18.11 6.50
C ASP A 131 19.44 -17.27 7.74
N LEU A 132 20.71 -17.15 8.10
CA LEU A 132 21.11 -16.36 9.26
C LEU A 132 21.19 -14.87 8.91
N THR A 133 20.46 -14.49 7.87
CA THR A 133 20.41 -13.11 7.44
C THR A 133 19.37 -12.35 8.28
N PHE A 134 19.78 -11.94 9.47
CA PHE A 134 18.87 -11.33 10.44
C PHE A 134 18.49 -9.90 10.05
N GLU A 135 17.58 -9.79 9.10
CA GLU A 135 17.03 -8.50 8.67
C GLU A 135 18.12 -7.65 8.04
N PRO A 136 18.44 -7.93 6.77
CA PRO A 136 19.48 -7.21 6.06
C PRO A 136 19.00 -5.87 5.52
N VAL A 137 19.68 -4.80 5.89
CA VAL A 137 19.32 -3.47 5.42
C VAL A 137 20.21 -3.05 4.25
N ALA A 138 21.31 -3.78 4.07
CA ALA A 138 22.25 -3.48 3.00
C ALA A 138 23.10 -4.71 2.68
N LYS A 139 23.83 -5.17 3.69
CA LYS A 139 24.75 -6.27 3.53
C LYS A 139 24.11 -7.59 3.93
N PRO A 140 24.39 -8.65 3.16
CA PRO A 140 23.97 -10.01 3.49
C PRO A 140 24.62 -10.46 4.80
N LEU A 141 23.83 -10.58 5.84
CA LEU A 141 24.34 -10.87 7.17
C LEU A 141 24.64 -12.36 7.33
N LYS A 142 25.91 -12.69 7.39
CA LYS A 142 26.34 -14.03 7.72
C LYS A 142 26.60 -14.12 9.22
N GLU A 143 27.55 -13.33 9.68
CA GLU A 143 27.85 -13.23 11.10
C GLU A 143 28.31 -11.82 11.44
N GLU A 144 27.63 -11.20 12.40
CA GLU A 144 27.93 -9.83 12.80
C GLU A 144 28.84 -9.81 14.03
N MET A 1 2.85 52.95 -36.24
CA MET A 1 2.65 52.11 -35.04
C MET A 1 2.06 52.93 -33.88
N ALA A 2 2.79 53.95 -33.44
CA ALA A 2 2.37 54.77 -32.31
C ALA A 2 1.49 55.93 -32.78
N HIS A 3 1.88 56.55 -33.88
CA HIS A 3 1.14 57.68 -34.41
C HIS A 3 0.07 57.19 -35.39
N HIS A 4 -1.19 57.43 -35.06
CA HIS A 4 -2.29 56.98 -35.90
C HIS A 4 -2.97 58.15 -36.58
N HIS A 5 -2.81 59.34 -36.02
CA HIS A 5 -3.44 60.54 -36.55
C HIS A 5 -2.43 61.68 -36.59
N HIS A 6 -1.30 61.44 -37.23
CA HIS A 6 -0.25 62.43 -37.36
C HIS A 6 0.13 62.58 -38.83
N HIS A 7 0.66 63.75 -39.18
CA HIS A 7 1.10 64.04 -40.55
C HIS A 7 -0.10 64.26 -41.48
N HIS A 8 -0.66 65.46 -41.40
CA HIS A 8 -1.73 65.86 -42.31
C HIS A 8 -1.67 67.38 -42.50
N VAL A 9 -1.46 68.10 -41.41
CA VAL A 9 -1.29 69.55 -41.47
C VAL A 9 0.07 69.90 -42.05
N ASP A 10 0.95 68.91 -42.04
CA ASP A 10 2.30 69.08 -42.57
C ASP A 10 2.26 69.09 -44.09
N ASP A 11 1.21 68.49 -44.63
CA ASP A 11 1.05 68.40 -46.08
C ASP A 11 0.17 69.53 -46.57
N ASP A 12 -1.11 69.47 -46.22
CA ASP A 12 -2.08 70.45 -46.69
C ASP A 12 -2.64 71.26 -45.53
N ASP A 13 -1.83 72.20 -45.04
CA ASP A 13 -2.29 73.15 -44.05
C ASP A 13 -3.03 74.30 -44.74
N LYS A 14 -2.87 74.34 -46.07
CA LYS A 14 -3.56 75.31 -46.91
C LYS A 14 -5.01 74.92 -47.11
N MET A 15 -5.42 73.83 -46.48
CA MET A 15 -6.79 73.36 -46.56
C MET A 15 -7.62 74.07 -45.51
N THR A 16 -6.94 74.50 -44.45
CA THR A 16 -7.59 75.19 -43.35
C THR A 16 -7.27 76.68 -43.39
N TYR A 17 -8.21 77.48 -43.88
CA TYR A 17 -8.02 78.92 -43.97
C TYR A 17 -8.47 79.60 -42.69
N VAL A 18 -9.29 78.90 -41.93
CA VAL A 18 -9.77 79.40 -40.65
C VAL A 18 -10.06 78.24 -39.70
N ARG A 19 -10.57 77.14 -40.24
CA ARG A 19 -10.84 75.93 -39.46
C ARG A 19 -11.77 76.26 -38.29
N ALA A 20 -12.95 76.74 -38.62
CA ALA A 20 -13.95 77.08 -37.61
C ALA A 20 -15.18 76.21 -37.80
N ILE A 21 -15.05 74.94 -37.49
CA ILE A 21 -16.13 73.99 -37.67
C ILE A 21 -16.84 73.72 -36.35
N PRO A 22 -18.07 74.22 -36.19
CA PRO A 22 -18.85 74.01 -34.97
C PRO A 22 -19.14 72.54 -34.74
N VAL A 23 -18.67 72.01 -33.61
CA VAL A 23 -18.92 70.63 -33.24
C VAL A 23 -20.07 70.53 -32.26
N SER A 24 -20.70 69.37 -32.17
CA SER A 24 -21.84 69.19 -31.29
C SER A 24 -22.19 67.70 -31.16
N ASN A 25 -21.21 66.88 -30.81
CA ASN A 25 -21.45 65.45 -30.65
C ASN A 25 -21.86 65.14 -29.22
N THR A 26 -23.14 64.88 -29.02
CA THR A 26 -23.68 64.59 -27.70
C THR A 26 -23.53 63.10 -27.37
N LYS A 27 -23.10 62.32 -28.35
CA LYS A 27 -22.90 60.89 -28.15
C LYS A 27 -21.57 60.63 -27.47
N SER A 28 -21.58 60.69 -26.14
CA SER A 28 -20.39 60.44 -25.36
C SER A 28 -20.15 58.94 -25.23
N ILE A 29 -21.24 58.19 -25.18
CA ILE A 29 -21.16 56.73 -25.10
C ILE A 29 -22.22 56.12 -26.03
N ALA A 30 -21.77 55.24 -26.92
CA ALA A 30 -22.67 54.56 -27.84
C ALA A 30 -23.12 53.25 -27.25
N GLY A 31 -22.23 52.58 -26.52
CA GLY A 31 -22.60 51.34 -25.86
C GLY A 31 -21.41 50.60 -25.28
N MET A 32 -20.62 49.98 -26.15
CA MET A 32 -19.52 49.09 -25.74
C MET A 32 -20.07 47.98 -24.84
N ARG A 33 -21.21 47.44 -25.24
CA ARG A 33 -21.91 46.40 -24.48
C ARG A 33 -22.27 46.92 -23.09
N GLU A 34 -23.29 47.76 -23.02
CA GLU A 34 -23.72 48.35 -21.75
C GLU A 34 -24.21 47.27 -20.79
N GLU A 35 -24.80 46.22 -21.33
CA GLU A 35 -25.36 45.15 -20.51
C GLU A 35 -24.28 44.18 -20.06
N ASN A 36 -23.03 44.47 -20.41
CA ASN A 36 -21.91 43.64 -19.98
C ASN A 36 -21.86 43.55 -18.46
N LEU A 37 -22.16 44.67 -17.80
CA LEU A 37 -22.16 44.73 -16.35
C LEU A 37 -23.43 44.10 -15.77
N ASN A 38 -24.38 43.78 -16.65
CA ASN A 38 -25.66 43.24 -16.20
C ASN A 38 -25.66 41.72 -16.32
N TYR A 39 -24.76 41.19 -17.14
CA TYR A 39 -24.64 39.75 -17.29
C TYR A 39 -23.88 39.14 -16.12
N ILE A 40 -23.21 39.99 -15.36
CA ILE A 40 -22.46 39.54 -14.19
C ILE A 40 -23.23 39.80 -12.91
N PHE A 41 -23.10 38.88 -11.98
CA PHE A 41 -23.70 39.01 -10.66
C PHE A 41 -22.85 38.24 -9.66
N ASN A 42 -22.56 36.99 -10.01
CA ASN A 42 -21.68 36.16 -9.20
C ASN A 42 -20.25 36.30 -9.69
N THR A 43 -19.55 37.30 -9.16
CA THR A 43 -18.18 37.57 -9.56
C THR A 43 -17.20 36.77 -8.72
N SER A 44 -17.67 36.31 -7.56
CA SER A 44 -16.86 35.50 -6.67
C SER A 44 -16.67 34.10 -7.24
N LEU A 45 -17.71 33.61 -7.93
CA LEU A 45 -17.69 32.32 -8.61
C LEU A 45 -17.58 31.17 -7.61
N PHE A 46 -16.37 30.92 -7.13
CA PHE A 46 -16.12 29.82 -6.23
C PHE A 46 -15.60 30.32 -4.88
N GLY A 47 -15.43 31.64 -4.76
CA GLY A 47 -14.92 32.22 -3.54
C GLY A 47 -15.90 32.09 -2.38
N VAL A 48 -17.18 32.05 -2.71
CA VAL A 48 -18.22 31.88 -1.71
C VAL A 48 -18.19 30.46 -1.14
N TYR A 49 -17.85 29.51 -2.00
CA TYR A 49 -17.88 28.11 -1.65
C TYR A 49 -16.52 27.66 -1.13
N VAL A 50 -16.53 26.65 -0.27
CA VAL A 50 -15.29 26.11 0.29
C VAL A 50 -14.80 24.91 -0.49
N PRO A 51 -13.49 24.83 -0.74
CA PRO A 51 -12.89 23.73 -1.51
C PRO A 51 -12.92 22.41 -0.75
N ALA A 52 -13.72 21.48 -1.26
CA ALA A 52 -13.87 20.18 -0.62
C ALA A 52 -12.70 19.26 -0.95
N ASP A 53 -11.89 19.66 -1.94
CA ASP A 53 -10.72 18.87 -2.33
C ASP A 53 -9.65 18.91 -1.24
N LEU A 54 -9.66 19.97 -0.44
CA LEU A 54 -8.68 20.13 0.63
C LEU A 54 -9.17 19.48 1.90
N ASN A 55 -10.26 18.74 1.81
CA ASN A 55 -10.88 18.15 2.97
C ASN A 55 -11.34 16.72 2.67
N GLU A 56 -10.58 15.75 3.15
CA GLU A 56 -10.91 14.35 2.94
C GLU A 56 -11.85 13.86 4.05
N ASP A 57 -11.63 12.64 4.54
CA ASP A 57 -12.48 12.03 5.56
C ASP A 57 -13.83 11.70 4.95
N ASN A 58 -13.78 11.18 3.72
CA ASN A 58 -15.00 10.84 2.99
C ASN A 58 -14.74 9.74 1.96
N VAL A 59 -13.68 9.90 1.19
CA VAL A 59 -13.34 8.91 0.16
C VAL A 59 -12.32 7.91 0.69
N LYS A 60 -11.24 8.43 1.22
CA LYS A 60 -10.15 7.61 1.72
C LYS A 60 -10.29 7.38 3.21
N GLN A 61 -11.08 8.25 3.85
CA GLN A 61 -11.33 8.21 5.30
C GLN A 61 -10.11 8.67 6.07
N SER A 62 -10.16 8.57 7.38
CA SER A 62 -9.08 9.03 8.22
C SER A 62 -8.68 7.97 9.25
N MET A 63 -7.85 7.04 8.81
CA MET A 63 -7.28 6.05 9.72
C MET A 63 -6.06 6.66 10.39
N LEU A 64 -5.00 6.82 9.61
CA LEU A 64 -3.77 7.42 10.09
C LEU A 64 -3.52 8.74 9.38
N ASN A 65 -4.43 9.09 8.47
CA ASN A 65 -4.30 10.29 7.64
C ASN A 65 -3.09 10.17 6.71
N VAL A 66 -2.67 8.93 6.49
CA VAL A 66 -1.51 8.64 5.65
C VAL A 66 -1.95 8.01 4.35
N THR A 67 -1.63 8.68 3.25
CA THR A 67 -1.94 8.16 1.92
C THR A 67 -0.67 8.05 1.09
N LEU A 68 -0.12 6.85 1.01
CA LEU A 68 1.07 6.62 0.22
C LEU A 68 0.71 6.59 -1.27
N VAL A 69 0.98 7.70 -1.94
CA VAL A 69 0.63 7.83 -3.35
C VAL A 69 1.73 7.30 -4.25
N GLY A 70 2.94 7.21 -3.70
CA GLY A 70 4.07 6.71 -4.45
C GLY A 70 5.36 6.84 -3.69
N ILE A 71 6.46 6.44 -4.31
CA ILE A 71 7.77 6.53 -3.68
C ILE A 71 8.72 7.32 -4.58
N LEU A 72 9.49 8.19 -3.96
CA LEU A 72 10.45 9.03 -4.68
C LEU A 72 11.81 8.34 -4.67
N PHE A 73 12.13 7.64 -5.75
CA PHE A 73 13.31 6.79 -5.80
C PHE A 73 14.57 7.60 -6.06
N ALA A 74 15.67 7.14 -5.48
CA ALA A 74 16.98 7.76 -5.67
C ALA A 74 18.02 6.66 -5.90
N ASP A 75 19.29 6.99 -5.75
CA ASP A 75 20.34 6.00 -5.90
C ASP A 75 20.33 5.03 -4.72
N LYS A 76 20.38 5.58 -3.51
CA LYS A 76 20.31 4.77 -2.30
C LYS A 76 18.88 4.75 -1.77
N ILE A 77 18.49 3.61 -1.21
CA ILE A 77 17.14 3.41 -0.72
C ILE A 77 16.87 4.21 0.56
N GLU A 78 17.93 4.54 1.29
CA GLU A 78 17.79 5.34 2.50
C GLU A 78 17.87 6.83 2.19
N GLU A 79 18.26 7.14 0.96
CA GLU A 79 18.34 8.52 0.50
C GLU A 79 17.07 8.90 -0.24
N SER A 80 16.35 7.90 -0.70
CA SER A 80 15.08 8.13 -1.37
C SER A 80 13.99 8.45 -0.35
N GLN A 81 12.87 8.97 -0.83
CA GLN A 81 11.81 9.43 0.04
C GLN A 81 10.49 8.77 -0.32
N VAL A 82 9.53 8.81 0.57
CA VAL A 82 8.20 8.32 0.29
C VAL A 82 7.23 9.48 0.11
N ILE A 83 6.32 9.35 -0.84
CA ILE A 83 5.39 10.41 -1.13
C ILE A 83 4.05 10.14 -0.46
N ILE A 84 3.78 10.87 0.60
CA ILE A 84 2.58 10.65 1.40
C ILE A 84 1.66 11.86 1.34
N ARG A 85 0.39 11.60 1.06
CA ARG A 85 -0.62 12.64 1.00
C ARG A 85 -1.48 12.60 2.26
N SER A 86 -1.73 13.78 2.83
CA SER A 86 -2.53 13.88 4.04
C SER A 86 -4.01 14.01 3.69
N ALA A 87 -4.86 14.02 4.71
CA ALA A 87 -6.30 14.15 4.51
C ALA A 87 -6.67 15.59 4.18
N SER A 88 -5.67 16.45 4.12
CA SER A 88 -5.87 17.84 3.75
C SER A 88 -5.49 18.05 2.28
N GLY A 89 -5.07 16.97 1.63
CA GLY A 89 -4.71 17.04 0.24
C GLY A 89 -3.23 17.32 0.02
N GLU A 90 -2.50 17.51 1.13
CA GLU A 90 -1.09 17.83 1.07
C GLU A 90 -0.30 16.62 0.59
N GLU A 91 0.43 16.77 -0.48
CA GLU A 91 1.28 15.70 -0.97
C GLU A 91 2.74 16.05 -0.68
N LYS A 92 3.32 15.34 0.28
CA LYS A 92 4.65 15.66 0.77
C LYS A 92 5.59 14.46 0.65
N THR A 93 6.87 14.74 0.65
CA THR A 93 7.88 13.70 0.59
C THR A 93 8.58 13.55 1.94
N TYR A 94 8.53 12.35 2.48
CA TYR A 94 9.05 12.10 3.83
C TYR A 94 10.30 11.22 3.76
N ASN A 95 11.16 11.37 4.75
CA ASN A 95 12.43 10.66 4.79
C ASN A 95 12.38 9.52 5.80
N VAL A 96 13.30 8.59 5.67
CA VAL A 96 13.38 7.47 6.58
C VAL A 96 13.82 7.92 7.97
N GLY A 97 12.93 7.75 8.94
CA GLY A 97 13.21 8.18 10.29
C GLY A 97 12.32 9.32 10.72
N ASP A 98 11.49 9.80 9.80
CA ASP A 98 10.57 10.89 10.10
C ASP A 98 9.23 10.32 10.58
N LYS A 99 8.56 11.06 11.46
CA LYS A 99 7.31 10.61 12.03
C LYS A 99 6.14 11.12 11.20
N ILE A 100 5.37 10.20 10.64
CA ILE A 100 4.22 10.58 9.82
C ILE A 100 2.94 10.58 10.65
N PRO A 101 1.86 11.22 10.16
CA PRO A 101 0.58 11.26 10.86
C PRO A 101 0.08 9.88 11.31
N GLY A 102 -0.68 9.85 12.40
CA GLY A 102 -1.24 8.61 12.88
C GLY A 102 -0.35 7.94 13.91
N GLY A 103 0.71 8.63 14.30
CA GLY A 103 1.64 8.10 15.26
C GLY A 103 2.51 7.01 14.68
N ALA A 104 2.70 7.04 13.36
CA ALA A 104 3.48 6.05 12.67
C ALA A 104 4.84 6.62 12.31
N THR A 105 5.86 5.79 12.39
CA THR A 105 7.20 6.24 12.11
C THR A 105 7.84 5.43 10.98
N ILE A 106 8.48 6.13 10.05
CA ILE A 106 9.18 5.47 8.96
C ILE A 106 10.48 4.87 9.45
N LYS A 107 10.48 3.56 9.65
CA LYS A 107 11.66 2.87 10.15
C LYS A 107 12.59 2.51 9.01
N ARG A 108 12.01 1.96 7.95
CA ARG A 108 12.78 1.59 6.77
C ARG A 108 11.92 1.70 5.52
N ILE A 109 12.43 2.38 4.51
CA ILE A 109 11.72 2.50 3.24
C ILE A 109 12.07 1.31 2.35
N MET A 110 11.05 0.70 1.75
CA MET A 110 11.25 -0.48 0.94
C MET A 110 10.98 -0.16 -0.53
N PRO A 111 11.46 -0.99 -1.47
CA PRO A 111 11.24 -0.75 -2.91
C PRO A 111 9.76 -0.60 -3.26
N GLY A 112 8.92 -1.44 -2.66
CA GLY A 112 7.51 -1.41 -2.98
C GLY A 112 6.65 -1.05 -1.79
N GLY A 113 7.20 -0.30 -0.84
CA GLY A 113 6.44 0.09 0.33
C GLY A 113 7.30 0.75 1.38
N VAL A 114 6.88 0.65 2.63
CA VAL A 114 7.63 1.26 3.72
C VAL A 114 7.30 0.56 5.03
N LEU A 115 8.32 0.31 5.83
CA LEU A 115 8.12 -0.29 7.13
C LEU A 115 7.89 0.81 8.16
N VAL A 116 6.65 0.98 8.55
CA VAL A 116 6.27 1.99 9.51
C VAL A 116 5.72 1.34 10.77
N GLU A 117 5.92 1.98 11.91
CA GLU A 117 5.39 1.47 13.16
C GLU A 117 3.93 1.86 13.29
N ARG A 118 3.06 0.86 13.19
CA ARG A 118 1.63 1.08 13.17
C ARG A 118 1.03 0.90 14.56
N ASP A 119 0.93 2.01 15.30
CA ASP A 119 0.37 1.99 16.65
C ASP A 119 1.12 1.02 17.55
N GLY A 120 2.41 1.29 17.74
CA GLY A 120 3.25 0.44 18.57
C GLY A 120 3.44 -0.94 17.96
N THR A 121 3.21 -1.04 16.66
CA THR A 121 3.29 -2.32 15.98
C THR A 121 4.08 -2.18 14.67
N LEU A 122 5.39 -2.38 14.76
CA LEU A 122 6.22 -2.42 13.57
C LEU A 122 6.24 -3.83 13.02
N GLU A 123 6.40 -3.96 11.71
CA GLU A 123 6.46 -5.26 11.08
C GLU A 123 7.70 -5.36 10.21
N SER A 124 8.38 -6.50 10.30
CA SER A 124 9.57 -6.74 9.52
C SER A 124 9.20 -7.48 8.23
N LEU A 125 9.94 -7.22 7.17
CA LEU A 125 9.66 -7.84 5.88
C LEU A 125 10.77 -8.83 5.54
N SER A 126 10.37 -9.98 5.04
CA SER A 126 11.31 -11.03 4.72
C SER A 126 11.57 -11.10 3.23
N LEU A 127 12.79 -11.46 2.86
CA LEU A 127 13.17 -11.57 1.47
C LEU A 127 13.18 -13.05 1.06
N PRO A 128 12.23 -13.46 0.19
CA PRO A 128 12.13 -14.86 -0.27
C PRO A 128 13.30 -15.30 -1.13
N LYS A 129 14.22 -14.36 -1.37
CA LYS A 129 15.45 -14.64 -2.11
C LYS A 129 16.25 -15.73 -1.42
N ASN A 130 16.13 -15.79 -0.09
CA ASN A 130 16.78 -16.82 0.69
C ASN A 130 15.75 -17.78 1.24
N ASP A 131 15.92 -19.06 0.94
CA ASP A 131 14.95 -20.07 1.33
C ASP A 131 15.17 -20.54 2.75
N LEU A 132 16.35 -20.25 3.28
CA LEU A 132 16.67 -20.62 4.65
C LEU A 132 16.25 -19.52 5.61
N THR A 133 16.98 -18.42 5.60
CA THR A 133 16.73 -17.32 6.51
C THR A 133 15.69 -16.36 5.94
N PHE A 134 14.65 -16.10 6.73
CA PHE A 134 13.58 -15.20 6.34
C PHE A 134 14.10 -13.79 6.10
N GLU A 135 14.88 -13.29 7.05
CA GLU A 135 15.47 -11.96 6.93
C GLU A 135 16.96 -12.06 6.67
N PRO A 136 17.37 -11.96 5.40
CA PRO A 136 18.77 -12.01 5.01
C PRO A 136 19.41 -10.62 4.91
N VAL A 137 18.71 -9.64 5.44
CA VAL A 137 19.17 -8.26 5.40
C VAL A 137 20.41 -8.07 6.28
N ALA A 138 21.58 -8.15 5.65
CA ALA A 138 22.87 -8.05 6.33
C ALA A 138 23.13 -9.26 7.21
N LYS A 139 22.42 -9.33 8.33
CA LYS A 139 22.54 -10.47 9.25
C LYS A 139 21.41 -11.46 9.01
N PRO A 140 21.76 -12.72 8.66
CA PRO A 140 20.78 -13.76 8.40
C PRO A 140 19.97 -14.12 9.64
N LEU A 141 18.66 -13.94 9.56
CA LEU A 141 17.75 -14.30 10.65
C LEU A 141 17.42 -15.78 10.62
N LYS A 142 17.87 -16.49 11.65
CA LYS A 142 17.60 -17.92 11.78
C LYS A 142 16.10 -18.17 11.97
N GLU A 143 15.62 -19.30 11.46
CA GLU A 143 14.22 -19.66 11.55
C GLU A 143 13.84 -20.05 12.98
N GLU A 144 13.61 -19.06 13.82
CA GLU A 144 13.17 -19.29 15.17
C GLU A 144 11.74 -18.78 15.35
N MET A 1 15.09 -35.05 -24.28
CA MET A 1 15.76 -35.12 -25.59
C MET A 1 15.06 -34.25 -26.63
N ALA A 2 13.77 -34.48 -26.83
CA ALA A 2 13.02 -33.73 -27.84
C ALA A 2 11.55 -33.63 -27.47
N HIS A 3 10.87 -34.78 -27.45
CA HIS A 3 9.43 -34.83 -27.19
C HIS A 3 8.65 -34.06 -28.26
N HIS A 4 8.48 -34.68 -29.42
CA HIS A 4 7.75 -34.06 -30.52
C HIS A 4 6.25 -34.09 -30.25
N HIS A 5 5.80 -33.16 -29.42
CA HIS A 5 4.41 -33.09 -29.03
C HIS A 5 3.54 -32.58 -30.17
N HIS A 6 2.32 -33.11 -30.24
CA HIS A 6 1.34 -32.70 -31.26
C HIS A 6 1.84 -33.08 -32.65
N HIS A 7 2.51 -34.22 -32.75
CA HIS A 7 3.03 -34.71 -34.01
C HIS A 7 2.32 -35.98 -34.42
N HIS A 8 1.50 -35.89 -35.47
CA HIS A 8 0.75 -37.04 -35.96
C HIS A 8 0.71 -37.04 -37.48
N VAL A 9 1.17 -38.14 -38.06
CA VAL A 9 1.20 -38.26 -39.51
C VAL A 9 0.03 -39.11 -39.98
N ASP A 10 -1.05 -38.45 -40.38
CA ASP A 10 -2.24 -39.15 -40.83
C ASP A 10 -2.04 -39.77 -42.20
N ASP A 11 -0.97 -39.36 -42.87
CA ASP A 11 -0.59 -39.95 -44.14
C ASP A 11 -0.12 -41.38 -43.90
N ASP A 12 0.91 -41.51 -43.07
CA ASP A 12 1.45 -42.81 -42.70
C ASP A 12 0.79 -43.28 -41.41
N ASP A 13 -0.35 -43.95 -41.54
CA ASP A 13 -1.14 -44.35 -40.39
C ASP A 13 -0.46 -45.47 -39.61
N LYS A 14 0.43 -46.21 -40.25
CA LYS A 14 1.15 -47.28 -39.58
C LYS A 14 2.26 -46.68 -38.70
N MET A 15 2.67 -45.47 -39.01
CA MET A 15 3.70 -44.79 -38.24
C MET A 15 3.05 -44.14 -37.04
N THR A 16 1.87 -43.58 -37.25
CA THR A 16 1.12 -42.95 -36.18
C THR A 16 0.11 -43.94 -35.61
N TYR A 17 0.50 -45.22 -35.58
CA TYR A 17 -0.36 -46.28 -35.08
C TYR A 17 -0.34 -46.27 -33.55
N VAL A 18 0.76 -45.81 -32.99
CA VAL A 18 0.90 -45.71 -31.55
C VAL A 18 0.17 -44.48 -31.02
N ARG A 19 -0.73 -44.70 -30.07
CA ARG A 19 -1.52 -43.61 -29.51
C ARG A 19 -1.36 -43.60 -27.99
N ALA A 20 -0.17 -43.97 -27.54
CA ALA A 20 0.13 -44.03 -26.12
C ALA A 20 0.42 -42.65 -25.56
N ILE A 21 -0.65 -41.86 -25.41
CA ILE A 21 -0.53 -40.50 -24.89
C ILE A 21 -0.53 -40.51 -23.36
N PRO A 22 0.30 -39.66 -22.75
CA PRO A 22 0.37 -39.54 -21.29
C PRO A 22 -0.87 -38.86 -20.71
N VAL A 23 -1.42 -39.43 -19.66
CA VAL A 23 -2.63 -38.91 -19.05
C VAL A 23 -2.33 -37.71 -18.15
N SER A 24 -3.00 -36.60 -18.44
CA SER A 24 -2.89 -35.41 -17.61
C SER A 24 -4.10 -35.29 -16.70
N ASN A 25 -3.96 -35.79 -15.47
CA ASN A 25 -5.05 -35.75 -14.51
C ASN A 25 -4.55 -35.40 -13.13
N THR A 26 -4.26 -34.12 -12.92
CA THR A 26 -3.88 -33.62 -11.62
C THR A 26 -5.12 -33.13 -10.88
N LYS A 27 -5.93 -32.35 -11.58
CA LYS A 27 -7.21 -31.88 -11.07
C LYS A 27 -8.27 -31.98 -12.15
N SER A 28 -8.08 -32.91 -13.07
CA SER A 28 -8.96 -33.05 -14.23
C SER A 28 -10.27 -33.74 -13.83
N ILE A 29 -10.30 -34.32 -12.64
CA ILE A 29 -11.52 -34.94 -12.14
C ILE A 29 -11.81 -34.40 -10.72
N ALA A 30 -11.16 -33.30 -10.39
CA ALA A 30 -11.35 -32.64 -9.10
C ALA A 30 -12.35 -31.52 -9.22
N GLY A 31 -13.10 -31.27 -8.16
CA GLY A 31 -14.11 -30.23 -8.19
C GLY A 31 -15.26 -30.59 -9.11
N MET A 32 -15.60 -29.69 -10.01
CA MET A 32 -16.66 -29.91 -10.99
C MET A 32 -17.95 -30.32 -10.30
N ARG A 33 -18.32 -29.54 -9.30
CA ARG A 33 -19.50 -29.82 -8.51
C ARG A 33 -20.75 -29.26 -9.18
N GLU A 34 -20.97 -29.69 -10.41
CA GLU A 34 -22.06 -29.17 -11.24
C GLU A 34 -23.41 -29.26 -10.53
N GLU A 35 -23.89 -30.47 -10.32
CA GLU A 35 -25.18 -30.67 -9.69
C GLU A 35 -25.07 -30.63 -8.18
N ASN A 36 -23.84 -30.79 -7.68
CA ASN A 36 -23.57 -30.63 -6.26
C ASN A 36 -23.90 -29.21 -5.81
N LEU A 37 -23.31 -28.22 -6.48
CA LEU A 37 -23.54 -26.83 -6.15
C LEU A 37 -24.84 -26.33 -6.76
N ASN A 38 -25.40 -27.12 -7.68
CA ASN A 38 -26.67 -26.80 -8.30
C ASN A 38 -27.76 -26.68 -7.24
N TYR A 39 -27.66 -27.53 -6.22
CA TYR A 39 -28.61 -27.49 -5.12
C TYR A 39 -28.08 -26.63 -3.98
N ILE A 40 -26.90 -26.96 -3.48
CA ILE A 40 -26.30 -26.21 -2.38
C ILE A 40 -25.14 -25.36 -2.88
N PHE A 41 -25.26 -24.05 -2.67
CA PHE A 41 -24.21 -23.11 -3.05
C PHE A 41 -22.98 -23.29 -2.17
N ASN A 42 -23.23 -23.58 -0.91
CA ASN A 42 -22.17 -23.79 0.06
C ASN A 42 -22.66 -24.74 1.14
N THR A 43 -21.85 -25.76 1.44
CA THR A 43 -22.26 -26.82 2.36
C THR A 43 -22.36 -26.30 3.80
N SER A 44 -21.76 -25.14 4.06
CA SER A 44 -21.82 -24.52 5.36
C SER A 44 -22.88 -23.42 5.37
N LEU A 45 -23.64 -23.36 4.27
CA LEU A 45 -24.69 -22.36 4.07
C LEU A 45 -24.09 -20.97 3.88
N PHE A 46 -23.68 -20.35 4.97
CA PHE A 46 -23.06 -19.02 4.93
C PHE A 46 -21.61 -19.14 4.48
N GLY A 47 -20.91 -20.10 5.06
CA GLY A 47 -19.53 -20.33 4.70
C GLY A 47 -18.71 -20.76 5.89
N VAL A 48 -17.63 -21.48 5.63
CA VAL A 48 -16.72 -21.91 6.68
C VAL A 48 -15.71 -20.82 6.97
N TYR A 49 -15.49 -19.96 5.98
CA TYR A 49 -14.58 -18.83 6.11
C TYR A 49 -15.35 -17.61 6.61
N VAL A 50 -14.92 -17.07 7.73
CA VAL A 50 -15.57 -15.88 8.30
C VAL A 50 -14.91 -14.61 7.74
N PRO A 51 -15.69 -13.74 7.09
CA PRO A 51 -15.17 -12.50 6.52
C PRO A 51 -14.80 -11.50 7.61
N ALA A 52 -13.64 -10.88 7.47
CA ALA A 52 -13.15 -9.93 8.46
C ALA A 52 -13.63 -8.53 8.16
N ASP A 53 -14.28 -8.36 7.01
CA ASP A 53 -14.77 -7.06 6.58
C ASP A 53 -16.03 -6.66 7.34
N LEU A 54 -16.56 -7.59 8.12
CA LEU A 54 -17.74 -7.33 8.94
C LEU A 54 -17.42 -6.32 10.04
N ASN A 55 -17.70 -5.05 9.77
CA ASN A 55 -17.43 -3.98 10.72
C ASN A 55 -18.71 -3.21 11.02
N GLU A 56 -19.17 -3.30 12.27
CA GLU A 56 -20.39 -2.62 12.67
C GLU A 56 -20.10 -1.21 13.17
N ASP A 57 -20.44 -0.22 12.35
CA ASP A 57 -20.25 1.19 12.68
C ASP A 57 -18.78 1.49 12.98
N ASN A 58 -17.93 1.25 11.97
CA ASN A 58 -16.50 1.51 12.04
C ASN A 58 -15.84 0.81 13.23
N VAL A 59 -15.43 -0.42 13.01
CA VAL A 59 -14.67 -1.16 14.01
C VAL A 59 -13.20 -1.22 13.60
N LYS A 60 -12.90 -2.05 12.61
CA LYS A 60 -11.53 -2.24 12.18
C LYS A 60 -11.22 -1.36 10.97
N GLN A 61 -11.30 -0.05 11.18
CA GLN A 61 -10.93 0.91 10.14
C GLN A 61 -9.68 1.65 10.57
N SER A 62 -8.82 0.93 11.27
CA SER A 62 -7.60 1.47 11.83
C SER A 62 -6.57 1.80 10.75
N MET A 63 -6.56 3.05 10.31
CA MET A 63 -5.55 3.52 9.41
C MET A 63 -4.59 4.44 10.14
N LEU A 64 -3.68 5.04 9.41
CA LEU A 64 -2.67 5.90 10.01
C LEU A 64 -2.94 7.36 9.68
N ASN A 65 -4.15 7.62 9.19
CA ASN A 65 -4.59 8.97 8.84
C ASN A 65 -3.72 9.55 7.73
N VAL A 66 -3.08 8.67 6.97
CA VAL A 66 -2.21 9.06 5.87
C VAL A 66 -2.48 8.17 4.66
N THR A 67 -2.05 8.63 3.50
CA THR A 67 -2.23 7.90 2.27
C THR A 67 -0.91 7.77 1.51
N LEU A 68 -0.41 6.54 1.43
CA LEU A 68 0.78 6.26 0.65
C LEU A 68 0.47 6.38 -0.84
N VAL A 69 0.79 7.52 -1.41
CA VAL A 69 0.43 7.79 -2.80
C VAL A 69 1.56 7.42 -3.76
N GLY A 70 2.79 7.36 -3.25
CA GLY A 70 3.90 7.02 -4.10
C GLY A 70 5.21 6.90 -3.34
N ILE A 71 6.26 6.51 -4.05
CA ILE A 71 7.59 6.40 -3.46
C ILE A 71 8.60 7.16 -4.30
N LEU A 72 9.39 8.00 -3.65
CA LEU A 72 10.39 8.79 -4.34
C LEU A 72 11.70 8.02 -4.38
N PHE A 73 11.87 7.21 -5.41
CA PHE A 73 13.04 6.36 -5.53
C PHE A 73 14.26 7.16 -5.95
N ALA A 74 15.39 6.81 -5.36
CA ALA A 74 16.66 7.45 -5.68
C ALA A 74 17.70 6.38 -5.99
N ASP A 75 18.94 6.79 -6.18
CA ASP A 75 20.02 5.83 -6.39
C ASP A 75 20.27 5.04 -5.11
N LYS A 76 20.52 5.77 -4.03
CA LYS A 76 20.71 5.14 -2.73
C LYS A 76 19.36 4.98 -2.05
N ILE A 77 19.18 3.83 -1.42
CA ILE A 77 17.92 3.49 -0.79
C ILE A 77 17.61 4.39 0.40
N GLU A 78 18.66 4.84 1.10
CA GLU A 78 18.48 5.71 2.25
C GLU A 78 18.31 7.15 1.79
N GLU A 79 18.52 7.38 0.50
CA GLU A 79 18.32 8.70 -0.09
C GLU A 79 16.98 8.73 -0.80
N SER A 80 16.27 7.62 -0.73
CA SER A 80 14.96 7.51 -1.35
C SER A 80 13.88 7.91 -0.35
N GLN A 81 13.16 8.99 -0.67
CA GLN A 81 12.12 9.49 0.20
C GLN A 81 10.81 8.79 -0.13
N VAL A 82 9.84 8.93 0.74
CA VAL A 82 8.53 8.36 0.50
C VAL A 82 7.49 9.46 0.31
N ILE A 83 6.61 9.27 -0.65
CA ILE A 83 5.61 10.27 -0.98
C ILE A 83 4.28 9.91 -0.31
N ILE A 84 3.97 10.57 0.79
CA ILE A 84 2.77 10.28 1.54
C ILE A 84 1.87 11.49 1.63
N ARG A 85 0.60 11.30 1.31
CA ARG A 85 -0.38 12.35 1.40
C ARG A 85 -1.16 12.22 2.70
N SER A 86 -0.96 13.17 3.59
CA SER A 86 -1.56 13.13 4.91
C SER A 86 -3.06 13.44 4.83
N ALA A 87 -3.75 13.35 5.97
CA ALA A 87 -5.20 13.51 6.02
C ALA A 87 -5.66 14.80 5.37
N SER A 88 -4.97 15.90 5.66
CA SER A 88 -5.36 17.22 5.14
C SER A 88 -5.09 17.34 3.64
N GLY A 89 -4.66 16.25 3.01
CA GLY A 89 -4.44 16.26 1.58
C GLY A 89 -3.04 16.72 1.22
N GLU A 90 -2.21 16.88 2.23
CA GLU A 90 -0.85 17.37 2.01
C GLU A 90 0.05 16.23 1.55
N GLU A 91 0.44 16.28 0.28
CA GLU A 91 1.34 15.28 -0.29
C GLU A 91 2.77 15.79 -0.26
N LYS A 92 3.61 15.16 0.55
CA LYS A 92 4.99 15.59 0.70
C LYS A 92 5.92 14.39 0.69
N THR A 93 7.21 14.67 0.56
CA THR A 93 8.22 13.63 0.60
C THR A 93 8.86 13.56 1.97
N TYR A 94 8.80 12.39 2.58
CA TYR A 94 9.30 12.21 3.93
C TYR A 94 10.51 11.28 3.93
N ASN A 95 11.38 11.46 4.92
CA ASN A 95 12.60 10.67 5.01
C ASN A 95 12.45 9.54 6.02
N VAL A 96 13.26 8.49 5.84
CA VAL A 96 13.17 7.30 6.66
C VAL A 96 13.54 7.58 8.11
N GLY A 97 12.53 7.53 8.99
CA GLY A 97 12.76 7.76 10.40
C GLY A 97 11.88 8.87 10.94
N ASP A 98 11.42 9.74 10.06
CA ASP A 98 10.60 10.88 10.46
C ASP A 98 9.18 10.41 10.75
N LYS A 99 8.51 11.11 11.66
CA LYS A 99 7.15 10.75 12.03
C LYS A 99 6.15 11.52 11.18
N ILE A 100 5.49 10.81 10.28
CA ILE A 100 4.52 11.43 9.37
C ILE A 100 3.26 11.83 10.12
N PRO A 101 2.76 13.05 9.87
CA PRO A 101 1.58 13.58 10.54
C PRO A 101 0.36 12.68 10.37
N GLY A 102 -0.16 12.19 11.48
CA GLY A 102 -1.27 11.25 11.43
C GLY A 102 -1.18 10.21 12.53
N GLY A 103 -0.04 10.15 13.20
CA GLY A 103 0.14 9.20 14.27
C GLY A 103 0.95 7.99 13.84
N ALA A 104 1.73 8.17 12.79
CA ALA A 104 2.56 7.09 12.28
C ALA A 104 4.00 7.58 12.06
N THR A 105 4.90 6.67 11.77
CA THR A 105 6.28 7.02 11.53
C THR A 105 6.92 6.05 10.56
N ILE A 106 7.91 6.54 9.83
CA ILE A 106 8.63 5.72 8.87
C ILE A 106 9.77 5.00 9.57
N LYS A 107 9.81 3.69 9.43
CA LYS A 107 10.80 2.88 10.12
C LYS A 107 11.92 2.49 9.16
N ARG A 108 11.54 1.89 8.04
CA ARG A 108 12.50 1.43 7.06
C ARG A 108 11.93 1.54 5.65
N ILE A 109 12.65 2.22 4.77
CA ILE A 109 12.21 2.38 3.39
C ILE A 109 12.96 1.39 2.49
N MET A 110 12.22 0.43 1.95
CA MET A 110 12.80 -0.54 1.04
C MET A 110 12.24 -0.36 -0.38
N PRO A 111 12.94 -0.89 -1.40
CA PRO A 111 12.51 -0.79 -2.80
C PRO A 111 11.37 -1.74 -3.13
N GLY A 112 11.07 -2.63 -2.19
CA GLY A 112 9.97 -3.55 -2.37
C GLY A 112 8.76 -3.16 -1.54
N GLY A 113 8.91 -2.09 -0.78
CA GLY A 113 7.83 -1.62 0.07
C GLY A 113 8.34 -0.73 1.18
N VAL A 114 7.54 0.26 1.54
CA VAL A 114 7.89 1.16 2.62
C VAL A 114 7.30 0.67 3.94
N LEU A 115 8.16 0.51 4.93
CA LEU A 115 7.73 0.03 6.23
C LEU A 115 7.51 1.17 7.20
N VAL A 116 6.24 1.40 7.53
CA VAL A 116 5.87 2.43 8.48
C VAL A 116 5.19 1.78 9.68
N GLU A 117 5.36 2.38 10.84
CA GLU A 117 4.83 1.81 12.07
C GLU A 117 3.35 2.15 12.21
N ARG A 118 2.52 1.12 12.21
CA ARG A 118 1.07 1.31 12.22
C ARG A 118 0.49 0.99 13.59
N ASP A 119 -0.22 1.96 14.17
CA ASP A 119 -0.89 1.78 15.46
C ASP A 119 0.11 1.39 16.55
N GLY A 120 1.34 1.86 16.41
CA GLY A 120 2.38 1.51 17.36
C GLY A 120 2.88 0.10 17.19
N THR A 121 2.68 -0.46 16.00
CA THR A 121 3.07 -1.83 15.72
C THR A 121 3.63 -1.97 14.30
N LEU A 122 4.71 -2.72 14.17
CA LEU A 122 5.23 -3.06 12.85
C LEU A 122 5.83 -4.46 12.87
N GLU A 123 5.26 -5.34 12.06
CA GLU A 123 5.65 -6.74 12.03
C GLU A 123 6.53 -7.04 10.83
N SER A 124 7.27 -8.14 10.92
CA SER A 124 8.09 -8.61 9.83
C SER A 124 7.64 -10.01 9.43
N LEU A 125 7.02 -10.11 8.26
CA LEU A 125 6.41 -11.37 7.84
C LEU A 125 6.91 -11.80 6.47
N SER A 126 6.53 -13.02 6.10
CA SER A 126 6.82 -13.56 4.78
C SER A 126 5.68 -14.48 4.37
N LEU A 127 5.33 -14.45 3.09
CA LEU A 127 4.22 -15.23 2.60
C LEU A 127 4.59 -16.70 2.44
N PRO A 128 3.82 -17.60 3.06
CA PRO A 128 4.01 -19.05 2.95
C PRO A 128 3.34 -19.60 1.69
N LYS A 129 3.19 -18.74 0.70
CA LYS A 129 2.57 -19.10 -0.56
C LYS A 129 3.60 -19.05 -1.67
N ASN A 130 3.58 -20.06 -2.54
CA ASN A 130 4.50 -20.08 -3.68
C ASN A 130 4.03 -19.10 -4.75
N ASP A 131 4.21 -17.83 -4.46
CA ASP A 131 3.79 -16.76 -5.36
C ASP A 131 5.03 -16.17 -6.04
N LEU A 132 4.88 -15.04 -6.70
CA LEU A 132 6.00 -14.38 -7.35
C LEU A 132 6.93 -13.80 -6.31
N THR A 133 6.36 -13.05 -5.37
CA THR A 133 7.15 -12.44 -4.32
C THR A 133 6.75 -12.98 -2.95
N PHE A 134 7.63 -13.80 -2.38
CA PHE A 134 7.40 -14.38 -1.06
C PHE A 134 7.46 -13.30 0.02
N GLU A 135 8.41 -12.39 -0.15
CA GLU A 135 8.57 -11.28 0.76
C GLU A 135 8.38 -9.95 0.05
N PRO A 136 7.14 -9.45 0.02
CA PRO A 136 6.84 -8.14 -0.54
C PRO A 136 6.87 -7.05 0.52
N VAL A 137 7.31 -7.43 1.70
CA VAL A 137 7.35 -6.53 2.85
C VAL A 137 8.53 -5.57 2.76
N ALA A 138 9.73 -6.12 2.73
CA ALA A 138 10.93 -5.31 2.69
C ALA A 138 11.66 -5.45 1.35
N LYS A 139 12.48 -6.48 1.23
CA LYS A 139 13.21 -6.72 0.00
C LYS A 139 12.50 -7.78 -0.83
N PRO A 140 12.30 -7.51 -2.14
CA PRO A 140 11.56 -8.42 -3.02
C PRO A 140 12.21 -9.79 -3.12
N LEU A 141 11.57 -10.77 -2.52
CA LEU A 141 12.02 -12.15 -2.63
C LEU A 141 11.21 -12.86 -3.70
N LYS A 142 11.79 -13.01 -4.87
CA LYS A 142 11.09 -13.61 -5.99
C LYS A 142 11.54 -15.03 -6.24
N GLU A 143 12.77 -15.19 -6.73
CA GLU A 143 13.29 -16.50 -7.08
C GLU A 143 14.64 -16.73 -6.42
N GLU A 144 14.62 -17.36 -5.25
CA GLU A 144 15.85 -17.65 -4.52
C GLU A 144 16.42 -18.99 -4.97
#